data_7ZA8
# 
_entry.id   7ZA8 
# 
_audit_conform.dict_name       mmcif_pdbx.dic 
_audit_conform.dict_version    5.384 
_audit_conform.dict_location   http://mmcif.pdb.org/dictionaries/ascii/mmcif_pdbx.dic 
# 
loop_
_database_2.database_id 
_database_2.database_code 
_database_2.pdbx_database_accession 
_database_2.pdbx_DOI 
PDB   7ZA8         pdb_00007za8 10.2210/pdb7za8/pdb 
WWPDB D_1292121860 ?            ?                   
# 
loop_
_pdbx_audit_revision_history.ordinal 
_pdbx_audit_revision_history.data_content_type 
_pdbx_audit_revision_history.major_revision 
_pdbx_audit_revision_history.minor_revision 
_pdbx_audit_revision_history.revision_date 
1 'Structure model' 1 0 2022-12-07 
2 'Structure model' 1 1 2024-01-31 
# 
_pdbx_audit_revision_details.ordinal             1 
_pdbx_audit_revision_details.revision_ordinal    1 
_pdbx_audit_revision_details.data_content_type   'Structure model' 
_pdbx_audit_revision_details.provider            repository 
_pdbx_audit_revision_details.type                'Initial release' 
_pdbx_audit_revision_details.description         ? 
_pdbx_audit_revision_details.details             ? 
# 
loop_
_pdbx_audit_revision_group.ordinal 
_pdbx_audit_revision_group.revision_ordinal 
_pdbx_audit_revision_group.data_content_type 
_pdbx_audit_revision_group.group 
1 2 'Structure model' 'Data collection'        
2 2 'Structure model' 'Refinement description' 
# 
loop_
_pdbx_audit_revision_category.ordinal 
_pdbx_audit_revision_category.revision_ordinal 
_pdbx_audit_revision_category.data_content_type 
_pdbx_audit_revision_category.category 
1 2 'Structure model' chem_comp_atom                
2 2 'Structure model' chem_comp_bond                
3 2 'Structure model' pdbx_initial_refinement_model 
# 
_database_PDB_caveat.id     1 
_database_PDB_caveat.text   'ASN AAA 117 HAS WRONG CHIRALITY AT ATOM CA' 
# 
_pdbx_database_status.status_code                     REL 
_pdbx_database_status.status_code_sf                  REL 
_pdbx_database_status.status_code_mr                  ? 
_pdbx_database_status.entry_id                        7ZA8 
_pdbx_database_status.recvd_initial_deposition_date   2022-03-22 
_pdbx_database_status.SG_entry                        N 
_pdbx_database_status.deposit_site                    PDBE 
_pdbx_database_status.process_site                    PDBE 
_pdbx_database_status.status_code_cs                  ? 
_pdbx_database_status.status_code_nmr_data            ? 
_pdbx_database_status.methods_development_category    ? 
_pdbx_database_status.pdb_format_compatible           N 
# 
_pdbx_contact_author.id                 2 
_pdbx_contact_author.email              martin.noble@ncl.ac.uk 
_pdbx_contact_author.name_first         Martin 
_pdbx_contact_author.name_last          Noble 
_pdbx_contact_author.name_mi            E.M 
_pdbx_contact_author.role               'principal investigator/group leader' 
_pdbx_contact_author.identifier_ORCID   0000-0002-3595-9807 
# 
loop_
_audit_author.name 
_audit_author.pdbx_ordinal 
_audit_author.identifier_ORCID 
'Turberville, S.' 1 0000-0003-2173-9675 
'Martin, M.P.'    2 0000-0003-4810-3351 
'Hope, I.'        3 ?                   
'Noble, M.E.M.'   4 0000-0002-3595-9807 
# 
_citation.abstract                  ? 
_citation.abstract_id_CAS           ? 
_citation.book_id_ISBN              ? 
_citation.book_publisher            ? 
_citation.book_publisher_city       ? 
_citation.book_title                ? 
_citation.coordinate_linkage        ? 
_citation.country                   US 
_citation.database_id_Medline       ? 
_citation.details                   ? 
_citation.id                        primary 
_citation.journal_abbrev            J.Med.Chem. 
_citation.journal_id_ASTM           JMCMAR 
_citation.journal_id_CSD            0151 
_citation.journal_id_ISSN           0022-2623 
_citation.journal_full              ? 
_citation.journal_issue             ? 
_citation.journal_volume            65 
_citation.language                  ? 
_citation.page_first                15416 
_citation.page_last                 15432 
_citation.title                     
;Mapping Ligand Interactions of Bromodomains BRD4 and ATAD2 with FragLites and PepLites&#9472;Halogenated Probes of Druglike and Peptide-like Molecular Interactions.
;
_citation.year                      2022 
_citation.database_id_CSD           ? 
_citation.pdbx_database_id_DOI      10.1021/acs.jmedchem.2c01357 
_citation.pdbx_database_id_PubMed   36367089 
_citation.pdbx_database_id_patent   ? 
_citation.unpublished_flag          ? 
# 
loop_
_citation_author.citation_id 
_citation_author.name 
_citation_author.ordinal 
_citation_author.identifier_ORCID 
primary 'Davison, G.'       1  0000-0001-5466-2702 
primary 'Martin, M.P.'      2  ?                   
primary 'Turberville, S.'   3  ?                   
primary 'Dormen, S.'        4  ?                   
primary 'Heath, R.'         5  ?                   
primary 'Heptinstall, A.B.' 6  ?                   
primary 'Lawson, M.'        7  ?                   
primary 'Miller, D.C.'      8  0000-0001-6846-2007 
primary 'Ng, Y.M.'          9  ?                   
primary 'Sanderson, J.N.'   10 0000-0003-1000-2897 
primary 'Hope, I.'          11 0000-0002-8002-5026 
primary 'Wood, D.J.'        12 ?                   
primary 'Cano, C.'          13 0000-0002-2032-2272 
primary 'Endicott, J.A.'    14 ?                   
primary 'Hardcastle, I.R.'  15 0000-0001-7495-3769 
primary 'Noble, M.E.M.'     16 ?                   
primary 'Waring, M.J.'      17 0000-0002-9110-8783 
# 
loop_
_entity.id 
_entity.type 
_entity.src_method 
_entity.pdbx_description 
_entity.formula_weight 
_entity.pdbx_number_of_molecules 
_entity.pdbx_ec 
_entity.pdbx_mutation 
_entity.pdbx_fragment 
_entity.details 
1 polymer     man 'Isoform C of Bromodomain-containing protein 4' 15294.578 1   ? ? ? ? 
2 non-polymer syn '4-bromanyl-1~{H}-pyridin-2-one'                173.995   2   ? ? ? ? 
3 water       nat water                                           18.015    174 ? ? ? ? 
# 
_entity_name_com.entity_id   1 
_entity_name_com.name        'Protein HUNK1' 
# 
_entity_poly.entity_id                      1 
_entity_poly.type                           'polypeptide(L)' 
_entity_poly.nstd_linkage                   no 
_entity_poly.nstd_monomer                   no 
_entity_poly.pdbx_seq_one_letter_code       
;GSHMNPPPPETSNPNKPKRQTNQLQYLLRVVLKTLWKHQFAWPFQQPVDAVKLNLPDYYKIIKTPMDMGTIKKRLENNYY
WNAQECIQDFNTMFTNCYIYNKPGDDIVLMAEALEKLFLQKINELPTEE
;
_entity_poly.pdbx_seq_one_letter_code_can   
;GSHMNPPPPETSNPNKPKRQTNQLQYLLRVVLKTLWKHQFAWPFQQPVDAVKLNLPDYYKIIKTPMDMGTIKKRLENNYY
WNAQECIQDFNTMFTNCYIYNKPGDDIVLMAEALEKLFLQKINELPTEE
;
_entity_poly.pdbx_strand_id                 AAA 
_entity_poly.pdbx_target_identifier         ? 
# 
loop_
_pdbx_entity_nonpoly.entity_id 
_pdbx_entity_nonpoly.name 
_pdbx_entity_nonpoly.comp_id 
2 '4-bromanyl-1~{H}-pyridin-2-one' HGQ 
3 water                            HOH 
# 
loop_
_entity_poly_seq.entity_id 
_entity_poly_seq.num 
_entity_poly_seq.mon_id 
_entity_poly_seq.hetero 
1 1   GLY n 
1 2   SER n 
1 3   HIS n 
1 4   MET n 
1 5   ASN n 
1 6   PRO n 
1 7   PRO n 
1 8   PRO n 
1 9   PRO n 
1 10  GLU n 
1 11  THR n 
1 12  SER n 
1 13  ASN n 
1 14  PRO n 
1 15  ASN n 
1 16  LYS n 
1 17  PRO n 
1 18  LYS n 
1 19  ARG n 
1 20  GLN n 
1 21  THR n 
1 22  ASN n 
1 23  GLN n 
1 24  LEU n 
1 25  GLN n 
1 26  TYR n 
1 27  LEU n 
1 28  LEU n 
1 29  ARG n 
1 30  VAL n 
1 31  VAL n 
1 32  LEU n 
1 33  LYS n 
1 34  THR n 
1 35  LEU n 
1 36  TRP n 
1 37  LYS n 
1 38  HIS n 
1 39  GLN n 
1 40  PHE n 
1 41  ALA n 
1 42  TRP n 
1 43  PRO n 
1 44  PHE n 
1 45  GLN n 
1 46  GLN n 
1 47  PRO n 
1 48  VAL n 
1 49  ASP n 
1 50  ALA n 
1 51  VAL n 
1 52  LYS n 
1 53  LEU n 
1 54  ASN n 
1 55  LEU n 
1 56  PRO n 
1 57  ASP n 
1 58  TYR n 
1 59  TYR n 
1 60  LYS n 
1 61  ILE n 
1 62  ILE n 
1 63  LYS n 
1 64  THR n 
1 65  PRO n 
1 66  MET n 
1 67  ASP n 
1 68  MET n 
1 69  GLY n 
1 70  THR n 
1 71  ILE n 
1 72  LYS n 
1 73  LYS n 
1 74  ARG n 
1 75  LEU n 
1 76  GLU n 
1 77  ASN n 
1 78  ASN n 
1 79  TYR n 
1 80  TYR n 
1 81  TRP n 
1 82  ASN n 
1 83  ALA n 
1 84  GLN n 
1 85  GLU n 
1 86  CYS n 
1 87  ILE n 
1 88  GLN n 
1 89  ASP n 
1 90  PHE n 
1 91  ASN n 
1 92  THR n 
1 93  MET n 
1 94  PHE n 
1 95  THR n 
1 96  ASN n 
1 97  CYS n 
1 98  TYR n 
1 99  ILE n 
1 100 TYR n 
1 101 ASN n 
1 102 LYS n 
1 103 PRO n 
1 104 GLY n 
1 105 ASP n 
1 106 ASP n 
1 107 ILE n 
1 108 VAL n 
1 109 LEU n 
1 110 MET n 
1 111 ALA n 
1 112 GLU n 
1 113 ALA n 
1 114 LEU n 
1 115 GLU n 
1 116 LYS n 
1 117 LEU n 
1 118 PHE n 
1 119 LEU n 
1 120 GLN n 
1 121 LYS n 
1 122 ILE n 
1 123 ASN n 
1 124 GLU n 
1 125 LEU n 
1 126 PRO n 
1 127 THR n 
1 128 GLU n 
1 129 GLU n 
# 
_entity_src_gen.entity_id                          1 
_entity_src_gen.pdbx_src_id                        1 
_entity_src_gen.pdbx_alt_source_flag               sample 
_entity_src_gen.pdbx_seq_type                      'Biological sequence' 
_entity_src_gen.pdbx_beg_seq_num                   1 
_entity_src_gen.pdbx_end_seq_num                   129 
_entity_src_gen.gene_src_common_name               human 
_entity_src_gen.gene_src_genus                     ? 
_entity_src_gen.pdbx_gene_src_gene                 'BRD4, HUNK1' 
_entity_src_gen.gene_src_species                   ? 
_entity_src_gen.gene_src_strain                    ? 
_entity_src_gen.gene_src_tissue                    ? 
_entity_src_gen.gene_src_tissue_fraction           ? 
_entity_src_gen.gene_src_details                   ? 
_entity_src_gen.pdbx_gene_src_fragment             ? 
_entity_src_gen.pdbx_gene_src_scientific_name      'Homo sapiens' 
_entity_src_gen.pdbx_gene_src_ncbi_taxonomy_id     9606 
_entity_src_gen.pdbx_gene_src_variant              ? 
_entity_src_gen.pdbx_gene_src_cell_line            ? 
_entity_src_gen.pdbx_gene_src_atcc                 ? 
_entity_src_gen.pdbx_gene_src_organ                ? 
_entity_src_gen.pdbx_gene_src_organelle            ? 
_entity_src_gen.pdbx_gene_src_cell                 ? 
_entity_src_gen.pdbx_gene_src_cellular_location    ? 
_entity_src_gen.host_org_common_name               ? 
_entity_src_gen.pdbx_host_org_scientific_name      'Escherichia coli BL21(DE3)' 
_entity_src_gen.pdbx_host_org_ncbi_taxonomy_id     469008 
_entity_src_gen.host_org_genus                     ? 
_entity_src_gen.pdbx_host_org_gene                 ? 
_entity_src_gen.pdbx_host_org_organ                ? 
_entity_src_gen.host_org_species                   ? 
_entity_src_gen.pdbx_host_org_tissue               ? 
_entity_src_gen.pdbx_host_org_tissue_fraction      ? 
_entity_src_gen.pdbx_host_org_strain               ? 
_entity_src_gen.pdbx_host_org_variant              ? 
_entity_src_gen.pdbx_host_org_cell_line            ? 
_entity_src_gen.pdbx_host_org_atcc                 ? 
_entity_src_gen.pdbx_host_org_culture_collection   ? 
_entity_src_gen.pdbx_host_org_cell                 ? 
_entity_src_gen.pdbx_host_org_organelle            ? 
_entity_src_gen.pdbx_host_org_cellular_location    ? 
_entity_src_gen.pdbx_host_org_vector_type          ? 
_entity_src_gen.pdbx_host_org_vector               ? 
_entity_src_gen.host_org_details                   ? 
_entity_src_gen.expression_system_id               ? 
_entity_src_gen.plasmid_name                       pET28b 
_entity_src_gen.plasmid_details                    ? 
_entity_src_gen.pdbx_description                   ? 
# 
loop_
_chem_comp.id 
_chem_comp.type 
_chem_comp.mon_nstd_flag 
_chem_comp.name 
_chem_comp.pdbx_synonyms 
_chem_comp.formula 
_chem_comp.formula_weight 
ALA 'L-peptide linking' y ALANINE                          ? 'C3 H7 N O2'     89.093  
ARG 'L-peptide linking' y ARGININE                         ? 'C6 H15 N4 O2 1' 175.209 
ASN 'L-peptide linking' y ASPARAGINE                       ? 'C4 H8 N2 O3'    132.118 
ASP 'L-peptide linking' y 'ASPARTIC ACID'                  ? 'C4 H7 N O4'     133.103 
CYS 'L-peptide linking' y CYSTEINE                         ? 'C3 H7 N O2 S'   121.158 
GLN 'L-peptide linking' y GLUTAMINE                        ? 'C5 H10 N2 O3'   146.144 
GLU 'L-peptide linking' y 'GLUTAMIC ACID'                  ? 'C5 H9 N O4'     147.129 
GLY 'peptide linking'   y GLYCINE                          ? 'C2 H5 N O2'     75.067  
HGQ non-polymer         . '4-bromanyl-1~{H}-pyridin-2-one' ? 'C5 H4 Br N O'   173.995 
HIS 'L-peptide linking' y HISTIDINE                        ? 'C6 H10 N3 O2 1' 156.162 
HOH non-polymer         . WATER                            ? 'H2 O'           18.015  
ILE 'L-peptide linking' y ISOLEUCINE                       ? 'C6 H13 N O2'    131.173 
LEU 'L-peptide linking' y LEUCINE                          ? 'C6 H13 N O2'    131.173 
LYS 'L-peptide linking' y LYSINE                           ? 'C6 H15 N2 O2 1' 147.195 
MET 'L-peptide linking' y METHIONINE                       ? 'C5 H11 N O2 S'  149.211 
PHE 'L-peptide linking' y PHENYLALANINE                    ? 'C9 H11 N O2'    165.189 
PRO 'L-peptide linking' y PROLINE                          ? 'C5 H9 N O2'     115.130 
SER 'L-peptide linking' y SERINE                           ? 'C3 H7 N O3'     105.093 
THR 'L-peptide linking' y THREONINE                        ? 'C4 H9 N O3'     119.119 
TRP 'L-peptide linking' y TRYPTOPHAN                       ? 'C11 H12 N2 O2'  204.225 
TYR 'L-peptide linking' y TYROSINE                         ? 'C9 H11 N O3'    181.189 
VAL 'L-peptide linking' y VALINE                           ? 'C5 H11 N O2'    117.146 
# 
loop_
_pdbx_poly_seq_scheme.asym_id 
_pdbx_poly_seq_scheme.entity_id 
_pdbx_poly_seq_scheme.seq_id 
_pdbx_poly_seq_scheme.mon_id 
_pdbx_poly_seq_scheme.ndb_seq_num 
_pdbx_poly_seq_scheme.pdb_seq_num 
_pdbx_poly_seq_scheme.auth_seq_num 
_pdbx_poly_seq_scheme.pdb_mon_id 
_pdbx_poly_seq_scheme.auth_mon_id 
_pdbx_poly_seq_scheme.pdb_strand_id 
_pdbx_poly_seq_scheme.pdb_ins_code 
_pdbx_poly_seq_scheme.hetero 
A 1 1   GLY 1   40  40  GLY GLY AAA . n 
A 1 2   SER 2   41  41  SER SER AAA . n 
A 1 3   HIS 3   42  42  HIS HIS AAA . n 
A 1 4   MET 4   43  43  MET MET AAA . n 
A 1 5   ASN 5   44  44  ASN ASN AAA . n 
A 1 6   PRO 6   45  45  PRO PRO AAA . n 
A 1 7   PRO 7   46  46  PRO PRO AAA . n 
A 1 8   PRO 8   47  47  PRO PRO AAA . n 
A 1 9   PRO 9   48  48  PRO PRO AAA . n 
A 1 10  GLU 10  49  49  GLU GLU AAA . n 
A 1 11  THR 11  50  50  THR THR AAA . n 
A 1 12  SER 12  51  51  SER SER AAA . n 
A 1 13  ASN 13  52  52  ASN ASN AAA . n 
A 1 14  PRO 14  53  53  PRO PRO AAA . n 
A 1 15  ASN 15  54  54  ASN ASN AAA . n 
A 1 16  LYS 16  55  55  LYS LYS AAA . n 
A 1 17  PRO 17  56  56  PRO PRO AAA . n 
A 1 18  LYS 18  57  57  LYS LYS AAA . n 
A 1 19  ARG 19  58  58  ARG ARG AAA . n 
A 1 20  GLN 20  59  59  GLN GLN AAA . n 
A 1 21  THR 21  60  60  THR THR AAA . n 
A 1 22  ASN 22  61  61  ASN ASN AAA . n 
A 1 23  GLN 23  62  62  GLN GLN AAA . n 
A 1 24  LEU 24  63  63  LEU LEU AAA . n 
A 1 25  GLN 25  64  64  GLN GLN AAA . n 
A 1 26  TYR 26  65  65  TYR TYR AAA . n 
A 1 27  LEU 27  66  66  LEU LEU AAA . n 
A 1 28  LEU 28  67  67  LEU LEU AAA . n 
A 1 29  ARG 29  68  68  ARG ARG AAA . n 
A 1 30  VAL 30  69  69  VAL VAL AAA . n 
A 1 31  VAL 31  70  70  VAL VAL AAA . n 
A 1 32  LEU 32  71  71  LEU LEU AAA . n 
A 1 33  LYS 33  72  72  LYS LYS AAA . n 
A 1 34  THR 34  73  73  THR THR AAA . n 
A 1 35  LEU 35  74  74  LEU LEU AAA . n 
A 1 36  TRP 36  75  75  TRP TRP AAA . n 
A 1 37  LYS 37  76  76  LYS LYS AAA . n 
A 1 38  HIS 38  77  77  HIS HIS AAA . n 
A 1 39  GLN 39  78  78  GLN GLN AAA . n 
A 1 40  PHE 40  79  79  PHE PHE AAA . n 
A 1 41  ALA 41  80  80  ALA ALA AAA . n 
A 1 42  TRP 42  81  81  TRP TRP AAA . n 
A 1 43  PRO 43  82  82  PRO PRO AAA . n 
A 1 44  PHE 44  83  83  PHE PHE AAA . n 
A 1 45  GLN 45  84  84  GLN GLN AAA . n 
A 1 46  GLN 46  85  85  GLN GLN AAA . n 
A 1 47  PRO 47  86  86  PRO PRO AAA . n 
A 1 48  VAL 48  87  87  VAL VAL AAA . n 
A 1 49  ASP 49  88  88  ASP ASP AAA . n 
A 1 50  ALA 50  89  89  ALA ALA AAA . n 
A 1 51  VAL 51  90  90  VAL VAL AAA . n 
A 1 52  LYS 52  91  91  LYS LYS AAA . n 
A 1 53  LEU 53  92  92  LEU LEU AAA . n 
A 1 54  ASN 54  93  93  ASN ASN AAA . n 
A 1 55  LEU 55  94  94  LEU LEU AAA . n 
A 1 56  PRO 56  95  95  PRO PRO AAA . n 
A 1 57  ASP 57  96  96  ASP ASP AAA . n 
A 1 58  TYR 58  97  97  TYR TYR AAA . n 
A 1 59  TYR 59  98  98  TYR TYR AAA . n 
A 1 60  LYS 60  99  99  LYS LYS AAA . n 
A 1 61  ILE 61  100 100 ILE ILE AAA . n 
A 1 62  ILE 62  101 101 ILE ILE AAA . n 
A 1 63  LYS 63  102 102 LYS LYS AAA . n 
A 1 64  THR 64  103 103 THR THR AAA . n 
A 1 65  PRO 65  104 104 PRO PRO AAA . n 
A 1 66  MET 66  105 105 MET MET AAA . n 
A 1 67  ASP 67  106 106 ASP ASP AAA . n 
A 1 68  MET 68  107 107 MET MET AAA . n 
A 1 69  GLY 69  108 108 GLY GLY AAA . n 
A 1 70  THR 70  109 109 THR THR AAA . n 
A 1 71  ILE 71  110 110 ILE ILE AAA . n 
A 1 72  LYS 72  111 111 LYS LYS AAA . n 
A 1 73  LYS 73  112 112 LYS LYS AAA . n 
A 1 74  ARG 74  113 113 ARG ARG AAA . n 
A 1 75  LEU 75  114 114 LEU LEU AAA . n 
A 1 76  GLU 76  115 115 GLU GLU AAA . n 
A 1 77  ASN 77  116 116 ASN ASN AAA . n 
A 1 78  ASN 78  117 117 ASN ASN AAA . n 
A 1 79  TYR 79  118 118 TYR TYR AAA . n 
A 1 80  TYR 80  119 119 TYR TYR AAA . n 
A 1 81  TRP 81  120 120 TRP TRP AAA . n 
A 1 82  ASN 82  121 121 ASN ASN AAA . n 
A 1 83  ALA 83  122 122 ALA ALA AAA . n 
A 1 84  GLN 84  123 123 GLN GLN AAA . n 
A 1 85  GLU 85  124 124 GLU GLU AAA . n 
A 1 86  CYS 86  125 125 CYS CYS AAA . n 
A 1 87  ILE 87  126 126 ILE ILE AAA . n 
A 1 88  GLN 88  127 127 GLN GLN AAA . n 
A 1 89  ASP 89  128 128 ASP ASP AAA . n 
A 1 90  PHE 90  129 129 PHE PHE AAA . n 
A 1 91  ASN 91  130 130 ASN ASN AAA . n 
A 1 92  THR 92  131 131 THR THR AAA . n 
A 1 93  MET 93  132 132 MET MET AAA . n 
A 1 94  PHE 94  133 133 PHE PHE AAA . n 
A 1 95  THR 95  134 134 THR THR AAA . n 
A 1 96  ASN 96  135 135 ASN ASN AAA . n 
A 1 97  CYS 97  136 136 CYS CYS AAA . n 
A 1 98  TYR 98  137 137 TYR TYR AAA . n 
A 1 99  ILE 99  138 138 ILE ILE AAA . n 
A 1 100 TYR 100 139 139 TYR TYR AAA . n 
A 1 101 ASN 101 140 140 ASN ASN AAA . n 
A 1 102 LYS 102 141 141 LYS LYS AAA . n 
A 1 103 PRO 103 142 142 PRO PRO AAA . n 
A 1 104 GLY 104 143 143 GLY GLY AAA . n 
A 1 105 ASP 105 144 144 ASP ASP AAA . n 
A 1 106 ASP 106 145 145 ASP ASP AAA . n 
A 1 107 ILE 107 146 146 ILE ILE AAA . n 
A 1 108 VAL 108 147 147 VAL VAL AAA . n 
A 1 109 LEU 109 148 148 LEU LEU AAA . n 
A 1 110 MET 110 149 149 MET MET AAA . n 
A 1 111 ALA 111 150 150 ALA ALA AAA . n 
A 1 112 GLU 112 151 151 GLU GLU AAA . n 
A 1 113 ALA 113 152 152 ALA ALA AAA . n 
A 1 114 LEU 114 153 153 LEU LEU AAA . n 
A 1 115 GLU 115 154 154 GLU GLU AAA . n 
A 1 116 LYS 116 155 155 LYS LYS AAA . n 
A 1 117 LEU 117 156 156 LEU LEU AAA . n 
A 1 118 PHE 118 157 157 PHE PHE AAA . n 
A 1 119 LEU 119 158 158 LEU LEU AAA . n 
A 1 120 GLN 120 159 159 GLN GLN AAA . n 
A 1 121 LYS 121 160 160 LYS LYS AAA . n 
A 1 122 ILE 122 161 161 ILE ILE AAA . n 
A 1 123 ASN 123 162 162 ASN ASN AAA . n 
A 1 124 GLU 124 163 163 GLU GLU AAA . n 
A 1 125 LEU 125 164 164 LEU LEU AAA . n 
A 1 126 PRO 126 165 165 PRO PRO AAA . n 
A 1 127 THR 127 166 166 THR THR AAA . n 
A 1 128 GLU 128 167 167 GLU GLU AAA . n 
A 1 129 GLU 129 168 168 GLU GLU AAA . n 
# 
loop_
_pdbx_nonpoly_scheme.asym_id 
_pdbx_nonpoly_scheme.entity_id 
_pdbx_nonpoly_scheme.mon_id 
_pdbx_nonpoly_scheme.ndb_seq_num 
_pdbx_nonpoly_scheme.pdb_seq_num 
_pdbx_nonpoly_scheme.auth_seq_num 
_pdbx_nonpoly_scheme.pdb_mon_id 
_pdbx_nonpoly_scheme.auth_mon_id 
_pdbx_nonpoly_scheme.pdb_strand_id 
_pdbx_nonpoly_scheme.pdb_ins_code 
B 2 HGQ 1   201 1   HGQ DRG AAA . 
C 2 HGQ 1   202 2   HGQ DRG AAA . 
D 3 HOH 1   301 89  HOH HOH AAA . 
D 3 HOH 2   302 84  HOH HOH AAA . 
D 3 HOH 3   303 97  HOH HOH AAA . 
D 3 HOH 4   304 155 HOH HOH AAA . 
D 3 HOH 5   305 83  HOH HOH AAA . 
D 3 HOH 6   306 101 HOH HOH AAA . 
D 3 HOH 7   307 169 HOH HOH AAA . 
D 3 HOH 8   308 110 HOH HOH AAA . 
D 3 HOH 9   309 142 HOH HOH AAA . 
D 3 HOH 10  310 4   HOH HOH AAA . 
D 3 HOH 11  311 129 HOH HOH AAA . 
D 3 HOH 12  312 48  HOH HOH AAA . 
D 3 HOH 13  313 117 HOH HOH AAA . 
D 3 HOH 14  314 160 HOH HOH AAA . 
D 3 HOH 15  315 168 HOH HOH AAA . 
D 3 HOH 16  316 90  HOH HOH AAA . 
D 3 HOH 17  317 164 HOH HOH AAA . 
D 3 HOH 18  318 35  HOH HOH AAA . 
D 3 HOH 19  319 60  HOH HOH AAA . 
D 3 HOH 20  320 114 HOH HOH AAA . 
D 3 HOH 21  321 154 HOH HOH AAA . 
D 3 HOH 22  322 61  HOH HOH AAA . 
D 3 HOH 23  323 77  HOH HOH AAA . 
D 3 HOH 24  324 47  HOH HOH AAA . 
D 3 HOH 25  325 72  HOH HOH AAA . 
D 3 HOH 26  326 153 HOH HOH AAA . 
D 3 HOH 27  327 49  HOH HOH AAA . 
D 3 HOH 28  328 34  HOH HOH AAA . 
D 3 HOH 29  329 29  HOH HOH AAA . 
D 3 HOH 30  330 85  HOH HOH AAA . 
D 3 HOH 31  331 23  HOH HOH AAA . 
D 3 HOH 32  332 71  HOH HOH AAA . 
D 3 HOH 33  333 161 HOH HOH AAA . 
D 3 HOH 34  334 70  HOH HOH AAA . 
D 3 HOH 35  335 128 HOH HOH AAA . 
D 3 HOH 36  336 73  HOH HOH AAA . 
D 3 HOH 37  337 17  HOH HOH AAA . 
D 3 HOH 38  338 135 HOH HOH AAA . 
D 3 HOH 39  339 136 HOH HOH AAA . 
D 3 HOH 40  340 96  HOH HOH AAA . 
D 3 HOH 41  341 10  HOH HOH AAA . 
D 3 HOH 42  342 25  HOH HOH AAA . 
D 3 HOH 43  343 24  HOH HOH AAA . 
D 3 HOH 44  344 171 HOH HOH AAA . 
D 3 HOH 45  345 64  HOH HOH AAA . 
D 3 HOH 46  346 36  HOH HOH AAA . 
D 3 HOH 47  347 20  HOH HOH AAA . 
D 3 HOH 48  348 130 HOH HOH AAA . 
D 3 HOH 49  349 44  HOH HOH AAA . 
D 3 HOH 50  350 134 HOH HOH AAA . 
D 3 HOH 51  351 13  HOH HOH AAA . 
D 3 HOH 52  352 39  HOH HOH AAA . 
D 3 HOH 53  353 79  HOH HOH AAA . 
D 3 HOH 54  354 40  HOH HOH AAA . 
D 3 HOH 55  355 132 HOH HOH AAA . 
D 3 HOH 56  356 115 HOH HOH AAA . 
D 3 HOH 57  357 126 HOH HOH AAA . 
D 3 HOH 58  358 144 HOH HOH AAA . 
D 3 HOH 59  359 59  HOH HOH AAA . 
D 3 HOH 60  360 78  HOH HOH AAA . 
D 3 HOH 61  361 69  HOH HOH AAA . 
D 3 HOH 62  362 32  HOH HOH AAA . 
D 3 HOH 63  363 8   HOH HOH AAA . 
D 3 HOH 64  364 12  HOH HOH AAA . 
D 3 HOH 65  365 6   HOH HOH AAA . 
D 3 HOH 66  366 50  HOH HOH AAA . 
D 3 HOH 67  367 51  HOH HOH AAA . 
D 3 HOH 68  368 159 HOH HOH AAA . 
D 3 HOH 69  369 43  HOH HOH AAA . 
D 3 HOH 70  370 46  HOH HOH AAA . 
D 3 HOH 71  371 67  HOH HOH AAA . 
D 3 HOH 72  372 88  HOH HOH AAA . 
D 3 HOH 73  373 149 HOH HOH AAA . 
D 3 HOH 74  374 11  HOH HOH AAA . 
D 3 HOH 75  375 30  HOH HOH AAA . 
D 3 HOH 76  376 53  HOH HOH AAA . 
D 3 HOH 77  377 100 HOH HOH AAA . 
D 3 HOH 78  378 125 HOH HOH AAA . 
D 3 HOH 79  379 1   HOH HOH AAA . 
D 3 HOH 80  380 54  HOH HOH AAA . 
D 3 HOH 81  381 22  HOH HOH AAA . 
D 3 HOH 82  382 19  HOH HOH AAA . 
D 3 HOH 83  383 162 HOH HOH AAA . 
D 3 HOH 84  384 167 HOH HOH AAA . 
D 3 HOH 85  385 9   HOH HOH AAA . 
D 3 HOH 86  386 15  HOH HOH AAA . 
D 3 HOH 87  387 107 HOH HOH AAA . 
D 3 HOH 88  388 94  HOH HOH AAA . 
D 3 HOH 89  389 92  HOH HOH AAA . 
D 3 HOH 90  390 127 HOH HOH AAA . 
D 3 HOH 91  391 26  HOH HOH AAA . 
D 3 HOH 92  392 158 HOH HOH AAA . 
D 3 HOH 93  393 33  HOH HOH AAA . 
D 3 HOH 94  394 86  HOH HOH AAA . 
D 3 HOH 95  395 163 HOH HOH AAA . 
D 3 HOH 96  396 21  HOH HOH AAA . 
D 3 HOH 97  397 58  HOH HOH AAA . 
D 3 HOH 98  398 2   HOH HOH AAA . 
D 3 HOH 99  399 120 HOH HOH AAA . 
D 3 HOH 100 400 133 HOH HOH AAA . 
D 3 HOH 101 401 37  HOH HOH AAA . 
D 3 HOH 102 402 7   HOH HOH AAA . 
D 3 HOH 103 403 105 HOH HOH AAA . 
D 3 HOH 104 404 175 HOH HOH AAA . 
D 3 HOH 105 405 119 HOH HOH AAA . 
D 3 HOH 106 406 3   HOH HOH AAA . 
D 3 HOH 107 407 38  HOH HOH AAA . 
D 3 HOH 108 408 80  HOH HOH AAA . 
D 3 HOH 109 409 57  HOH HOH AAA . 
D 3 HOH 110 410 56  HOH HOH AAA . 
D 3 HOH 111 411 31  HOH HOH AAA . 
D 3 HOH 112 412 16  HOH HOH AAA . 
D 3 HOH 113 413 5   HOH HOH AAA . 
D 3 HOH 114 414 98  HOH HOH AAA . 
D 3 HOH 115 415 121 HOH HOH AAA . 
D 3 HOH 116 416 104 HOH HOH AAA . 
D 3 HOH 117 417 87  HOH HOH AAA . 
D 3 HOH 118 418 111 HOH HOH AAA . 
D 3 HOH 119 419 138 HOH HOH AAA . 
D 3 HOH 120 420 150 HOH HOH AAA . 
D 3 HOH 121 421 41  HOH HOH AAA . 
D 3 HOH 122 422 137 HOH HOH AAA . 
D 3 HOH 123 423 152 HOH HOH AAA . 
D 3 HOH 124 424 42  HOH HOH AAA . 
D 3 HOH 125 425 65  HOH HOH AAA . 
D 3 HOH 126 426 165 HOH HOH AAA . 
D 3 HOH 127 427 76  HOH HOH AAA . 
D 3 HOH 128 428 14  HOH HOH AAA . 
D 3 HOH 129 429 124 HOH HOH AAA . 
D 3 HOH 130 430 55  HOH HOH AAA . 
D 3 HOH 131 431 93  HOH HOH AAA . 
D 3 HOH 132 432 91  HOH HOH AAA . 
D 3 HOH 133 433 131 HOH HOH AAA . 
D 3 HOH 134 434 95  HOH HOH AAA . 
D 3 HOH 135 435 45  HOH HOH AAA . 
D 3 HOH 136 436 123 HOH HOH AAA . 
D 3 HOH 137 437 122 HOH HOH AAA . 
D 3 HOH 138 438 112 HOH HOH AAA . 
D 3 HOH 139 439 82  HOH HOH AAA . 
D 3 HOH 140 440 143 HOH HOH AAA . 
D 3 HOH 141 441 156 HOH HOH AAA . 
D 3 HOH 142 442 116 HOH HOH AAA . 
D 3 HOH 143 443 170 HOH HOH AAA . 
D 3 HOH 144 444 108 HOH HOH AAA . 
D 3 HOH 145 445 66  HOH HOH AAA . 
D 3 HOH 146 446 52  HOH HOH AAA . 
D 3 HOH 147 447 139 HOH HOH AAA . 
D 3 HOH 148 448 63  HOH HOH AAA . 
D 3 HOH 149 449 140 HOH HOH AAA . 
D 3 HOH 150 450 18  HOH HOH AAA . 
D 3 HOH 151 451 62  HOH HOH AAA . 
D 3 HOH 152 452 157 HOH HOH AAA . 
D 3 HOH 153 453 81  HOH HOH AAA . 
D 3 HOH 154 454 147 HOH HOH AAA . 
D 3 HOH 155 455 113 HOH HOH AAA . 
D 3 HOH 156 456 174 HOH HOH AAA . 
D 3 HOH 157 457 27  HOH HOH AAA . 
D 3 HOH 158 458 99  HOH HOH AAA . 
D 3 HOH 159 459 146 HOH HOH AAA . 
D 3 HOH 160 460 166 HOH HOH AAA . 
D 3 HOH 161 461 103 HOH HOH AAA . 
D 3 HOH 162 462 141 HOH HOH AAA . 
D 3 HOH 163 463 28  HOH HOH AAA . 
D 3 HOH 164 464 151 HOH HOH AAA . 
D 3 HOH 165 465 172 HOH HOH AAA . 
D 3 HOH 166 466 102 HOH HOH AAA . 
D 3 HOH 167 467 145 HOH HOH AAA . 
D 3 HOH 168 468 118 HOH HOH AAA . 
D 3 HOH 169 469 74  HOH HOH AAA . 
D 3 HOH 170 470 173 HOH HOH AAA . 
D 3 HOH 171 471 68  HOH HOH AAA . 
D 3 HOH 172 472 109 HOH HOH AAA . 
D 3 HOH 173 473 75  HOH HOH AAA . 
D 3 HOH 174 474 148 HOH HOH AAA . 
# 
loop_
_software.citation_id 
_software.classification 
_software.compiler_name 
_software.compiler_version 
_software.contact_author 
_software.contact_author_email 
_software.date 
_software.description 
_software.dependencies 
_software.hardware 
_software.language 
_software.location 
_software.mods 
_software.name 
_software.os 
_software.os_version 
_software.type 
_software.version 
_software.pdbx_ordinal 
? refinement       ? ? ? ? ? ? ? ? ? ? ? REFMAC  ? ? ? 5.8.0258 1 
? refinement       ? ? ? ? ? ? ? ? ? ? ? REFMAC  ? ? ? 5.8.0258 2 
? 'data scaling'   ? ? ? ? ? ? ? ? ? ? ? Aimless ? ? ? 0.7.4    3 
? 'data reduction' ? ? ? ? ? ? ? ? ? ? ? xia2    ? ? ? .        4 
? phasing          ? ? ? ? ? ? ? ? ? ? ? PHASER  ? ? ? .        5 
# 
_cell.angle_alpha                  90.000 
_cell.angle_alpha_esd              ? 
_cell.angle_beta                   90.000 
_cell.angle_beta_esd               ? 
_cell.angle_gamma                  90.000 
_cell.angle_gamma_esd              ? 
_cell.entry_id                     7ZA8 
_cell.details                      ? 
_cell.formula_units_Z              ? 
_cell.length_a                     37.808 
_cell.length_a_esd                 ? 
_cell.length_b                     43.213 
_cell.length_b_esd                 ? 
_cell.length_c                     79.256 
_cell.length_c_esd                 ? 
_cell.volume                       ? 
_cell.volume_esd                   ? 
_cell.Z_PDB                        4 
_cell.reciprocal_angle_alpha       ? 
_cell.reciprocal_angle_beta        ? 
_cell.reciprocal_angle_gamma       ? 
_cell.reciprocal_angle_alpha_esd   ? 
_cell.reciprocal_angle_beta_esd    ? 
_cell.reciprocal_angle_gamma_esd   ? 
_cell.reciprocal_length_a          ? 
_cell.reciprocal_length_b          ? 
_cell.reciprocal_length_c          ? 
_cell.reciprocal_length_a_esd      ? 
_cell.reciprocal_length_b_esd      ? 
_cell.reciprocal_length_c_esd      ? 
_cell.pdbx_unique_axis             ? 
# 
_symmetry.entry_id                         7ZA8 
_symmetry.cell_setting                     ? 
_symmetry.Int_Tables_number                19 
_symmetry.space_group_name_Hall            ? 
_symmetry.space_group_name_H-M             'P 21 21 21' 
_symmetry.pdbx_full_space_group_name_H-M   ? 
# 
_exptl.absorpt_coefficient_mu     ? 
_exptl.absorpt_correction_T_max   ? 
_exptl.absorpt_correction_T_min   ? 
_exptl.absorpt_correction_type    ? 
_exptl.absorpt_process_details    ? 
_exptl.entry_id                   7ZA8 
_exptl.crystals_number            1 
_exptl.details                    ? 
_exptl.method                     'X-RAY DIFFRACTION' 
_exptl.method_details             ? 
# 
_exptl_crystal.colour                      ? 
_exptl_crystal.density_diffrn              ? 
_exptl_crystal.density_Matthews            2.12 
_exptl_crystal.density_method              ? 
_exptl_crystal.density_percent_sol         41.89 
_exptl_crystal.description                 ? 
_exptl_crystal.F_000                       ? 
_exptl_crystal.id                          1 
_exptl_crystal.preparation                 ? 
_exptl_crystal.size_max                    ? 
_exptl_crystal.size_mid                    ? 
_exptl_crystal.size_min                    ? 
_exptl_crystal.size_rad                    ? 
_exptl_crystal.colour_lustre               ? 
_exptl_crystal.colour_modifier             ? 
_exptl_crystal.colour_primary              ? 
_exptl_crystal.density_meas                ? 
_exptl_crystal.density_meas_esd            ? 
_exptl_crystal.density_meas_gt             ? 
_exptl_crystal.density_meas_lt             ? 
_exptl_crystal.density_meas_temp           ? 
_exptl_crystal.density_meas_temp_esd       ? 
_exptl_crystal.density_meas_temp_gt        ? 
_exptl_crystal.density_meas_temp_lt        ? 
_exptl_crystal.pdbx_crystal_image_url      ? 
_exptl_crystal.pdbx_crystal_image_format   ? 
_exptl_crystal.pdbx_mosaicity              ? 
_exptl_crystal.pdbx_mosaicity_esd          ? 
# 
_exptl_crystal_grow.apparatus       ? 
_exptl_crystal_grow.atmosphere      ? 
_exptl_crystal_grow.crystal_id      1 
_exptl_crystal_grow.details         ? 
_exptl_crystal_grow.method          'VAPOR DIFFUSION, SITTING DROP' 
_exptl_crystal_grow.method_ref      ? 
_exptl_crystal_grow.pH              8.5 
_exptl_crystal_grow.pressure        ? 
_exptl_crystal_grow.pressure_esd    ? 
_exptl_crystal_grow.seeding         ? 
_exptl_crystal_grow.seeding_ref     ? 
_exptl_crystal_grow.temp            293 
_exptl_crystal_grow.temp_details    ? 
_exptl_crystal_grow.temp_esd        ? 
_exptl_crystal_grow.time            ? 
_exptl_crystal_grow.pdbx_details    
;0.1 M Buffer system 3 (1 M Tris, 1 M BICINE, pH 8.5), 34-44% Precipitant Solution 3 (20% PEG 4000, 40%) and 60-80 mM Halogens Mix (NaF, NaBr and NaI) solution
;
_exptl_crystal_grow.pdbx_pH_range   ? 
# 
_diffrn.ambient_environment              ? 
_diffrn.ambient_temp                     100 
_diffrn.ambient_temp_details             ? 
_diffrn.ambient_temp_esd                 ? 
_diffrn.crystal_id                       1 
_diffrn.crystal_support                  ? 
_diffrn.crystal_treatment                ? 
_diffrn.details                          ? 
_diffrn.id                               1 
_diffrn.ambient_pressure                 ? 
_diffrn.ambient_pressure_esd             ? 
_diffrn.ambient_pressure_gt              ? 
_diffrn.ambient_pressure_lt              ? 
_diffrn.ambient_temp_gt                  ? 
_diffrn.ambient_temp_lt                  ? 
_diffrn.pdbx_serial_crystal_experiment   N 
# 
_diffrn_detector.details                      ? 
_diffrn_detector.detector                     PIXEL 
_diffrn_detector.diffrn_id                    1 
_diffrn_detector.type                         'DECTRIS PILATUS 6M' 
_diffrn_detector.area_resol_mean              ? 
_diffrn_detector.dtime                        ? 
_diffrn_detector.pdbx_frames_total            ? 
_diffrn_detector.pdbx_collection_time_total   ? 
_diffrn_detector.pdbx_collection_date         2019-08-04 
_diffrn_detector.pdbx_frequency               ? 
# 
_diffrn_radiation.collimation                      ? 
_diffrn_radiation.diffrn_id                        1 
_diffrn_radiation.filter_edge                      ? 
_diffrn_radiation.inhomogeneity                    ? 
_diffrn_radiation.monochromator                    ? 
_diffrn_radiation.polarisn_norm                    ? 
_diffrn_radiation.polarisn_ratio                   ? 
_diffrn_radiation.probe                            ? 
_diffrn_radiation.type                             ? 
_diffrn_radiation.xray_symbol                      ? 
_diffrn_radiation.wavelength_id                    1 
_diffrn_radiation.pdbx_monochromatic_or_laue_m_l   M 
_diffrn_radiation.pdbx_wavelength_list             ? 
_diffrn_radiation.pdbx_wavelength                  ? 
_diffrn_radiation.pdbx_diffrn_protocol             'SINGLE WAVELENGTH' 
_diffrn_radiation.pdbx_analyzer                    ? 
_diffrn_radiation.pdbx_scattering_type             x-ray 
# 
_diffrn_radiation_wavelength.id           1 
_diffrn_radiation_wavelength.wavelength   0.95397 
_diffrn_radiation_wavelength.wt           1.0 
# 
_diffrn_source.current                     ? 
_diffrn_source.details                     ? 
_diffrn_source.diffrn_id                   1 
_diffrn_source.power                       ? 
_diffrn_source.size                        ? 
_diffrn_source.source                      SYNCHROTRON 
_diffrn_source.target                      ? 
_diffrn_source.type                        'DIAMOND BEAMLINE I04-1' 
_diffrn_source.voltage                     ? 
_diffrn_source.take-off_angle              ? 
_diffrn_source.pdbx_wavelength_list        0.95397 
_diffrn_source.pdbx_wavelength             ? 
_diffrn_source.pdbx_synchrotron_beamline   I04-1 
_diffrn_source.pdbx_synchrotron_site       Diamond 
# 
_reflns.B_iso_Wilson_estimate                          ? 
_reflns.entry_id                                       7ZA8 
_reflns.data_reduction_details                         ? 
_reflns.data_reduction_method                          ? 
_reflns.d_resolution_high                              1.04 
_reflns.d_resolution_low                               39.63 
_reflns.details                                        ? 
_reflns.limit_h_max                                    ? 
_reflns.limit_h_min                                    ? 
_reflns.limit_k_max                                    ? 
_reflns.limit_k_min                                    ? 
_reflns.limit_l_max                                    ? 
_reflns.limit_l_min                                    ? 
_reflns.number_all                                     ? 
_reflns.number_obs                                     56418 
_reflns.observed_criterion                             ? 
_reflns.observed_criterion_F_max                       ? 
_reflns.observed_criterion_F_min                       ? 
_reflns.observed_criterion_I_max                       ? 
_reflns.observed_criterion_I_min                       ? 
_reflns.observed_criterion_sigma_F                     ? 
_reflns.observed_criterion_sigma_I                     ? 
_reflns.percent_possible_obs                           89.5 
_reflns.R_free_details                                 ? 
_reflns.Rmerge_F_all                                   ? 
_reflns.Rmerge_F_obs                                   ? 
_reflns.Friedel_coverage                               ? 
_reflns.number_gt                                      ? 
_reflns.threshold_expression                           ? 
_reflns.pdbx_redundancy                                6.0 
_reflns.pdbx_Rmerge_I_obs                              0.051 
_reflns.pdbx_Rmerge_I_all                              ? 
_reflns.pdbx_Rsym_value                                ? 
_reflns.pdbx_netI_over_av_sigmaI                       ? 
_reflns.pdbx_netI_over_sigmaI                          13.9 
_reflns.pdbx_res_netI_over_av_sigmaI_2                 ? 
_reflns.pdbx_res_netI_over_sigmaI_2                    ? 
_reflns.pdbx_chi_squared                               ? 
_reflns.pdbx_scaling_rejects                           ? 
_reflns.pdbx_d_res_high_opt                            ? 
_reflns.pdbx_d_res_low_opt                             ? 
_reflns.pdbx_d_res_opt_method                          ? 
_reflns.phase_calculation_details                      ? 
_reflns.pdbx_Rrim_I_all                                0.059 
_reflns.pdbx_Rpim_I_all                                0.030 
_reflns.pdbx_d_opt                                     ? 
_reflns.pdbx_number_measured_all                       ? 
_reflns.pdbx_diffrn_id                                 1 
_reflns.pdbx_ordinal                                   1 
_reflns.pdbx_CC_half                                   0.997 
_reflns.pdbx_CC_star                                   ? 
_reflns.pdbx_R_split                                   ? 
_reflns.pdbx_aniso_diffraction_limit_axis_1_ortho[1]   ? 
_reflns.pdbx_aniso_diffraction_limit_axis_1_ortho[2]   ? 
_reflns.pdbx_aniso_diffraction_limit_axis_1_ortho[3]   ? 
_reflns.pdbx_aniso_diffraction_limit_axis_2_ortho[1]   ? 
_reflns.pdbx_aniso_diffraction_limit_axis_2_ortho[2]   ? 
_reflns.pdbx_aniso_diffraction_limit_axis_2_ortho[3]   ? 
_reflns.pdbx_aniso_diffraction_limit_axis_3_ortho[1]   ? 
_reflns.pdbx_aniso_diffraction_limit_axis_3_ortho[2]   ? 
_reflns.pdbx_aniso_diffraction_limit_axis_3_ortho[3]   ? 
_reflns.pdbx_aniso_diffraction_limit_1                 ? 
_reflns.pdbx_aniso_diffraction_limit_2                 ? 
_reflns.pdbx_aniso_diffraction_limit_3                 ? 
_reflns.pdbx_aniso_B_tensor_eigenvector_1_ortho[1]     ? 
_reflns.pdbx_aniso_B_tensor_eigenvector_1_ortho[2]     ? 
_reflns.pdbx_aniso_B_tensor_eigenvector_1_ortho[3]     ? 
_reflns.pdbx_aniso_B_tensor_eigenvector_2_ortho[1]     ? 
_reflns.pdbx_aniso_B_tensor_eigenvector_2_ortho[2]     ? 
_reflns.pdbx_aniso_B_tensor_eigenvector_2_ortho[3]     ? 
_reflns.pdbx_aniso_B_tensor_eigenvector_3_ortho[1]     ? 
_reflns.pdbx_aniso_B_tensor_eigenvector_3_ortho[2]     ? 
_reflns.pdbx_aniso_B_tensor_eigenvector_3_ortho[3]     ? 
_reflns.pdbx_aniso_B_tensor_eigenvalue_1               ? 
_reflns.pdbx_aniso_B_tensor_eigenvalue_2               ? 
_reflns.pdbx_aniso_B_tensor_eigenvalue_3               ? 
_reflns.pdbx_orthogonalization_convention              ? 
_reflns.pdbx_percent_possible_ellipsoidal              ? 
_reflns.pdbx_percent_possible_spherical                ? 
_reflns.pdbx_percent_possible_ellipsoidal_anomalous    ? 
_reflns.pdbx_percent_possible_spherical_anomalous      ? 
_reflns.pdbx_redundancy_anomalous                      ? 
_reflns.pdbx_CC_half_anomalous                         ? 
_reflns.pdbx_absDiff_over_sigma_anomalous              ? 
_reflns.pdbx_percent_possible_anomalous                ? 
_reflns.pdbx_observed_signal_threshold                 ? 
_reflns.pdbx_signal_type                               ? 
_reflns.pdbx_signal_details                            ? 
_reflns.pdbx_signal_software_id                        ? 
# 
loop_
_reflns_shell.d_res_high 
_reflns_shell.d_res_low 
_reflns_shell.meanI_over_sigI_all 
_reflns_shell.meanI_over_sigI_obs 
_reflns_shell.number_measured_all 
_reflns_shell.number_measured_obs 
_reflns_shell.number_possible 
_reflns_shell.number_unique_all 
_reflns_shell.number_unique_obs 
_reflns_shell.percent_possible_all 
_reflns_shell.percent_possible_obs 
_reflns_shell.Rmerge_F_all 
_reflns_shell.Rmerge_F_obs 
_reflns_shell.Rmerge_I_all 
_reflns_shell.Rmerge_I_obs 
_reflns_shell.meanI_over_sigI_gt 
_reflns_shell.meanI_over_uI_all 
_reflns_shell.meanI_over_uI_gt 
_reflns_shell.number_measured_gt 
_reflns_shell.number_unique_gt 
_reflns_shell.percent_possible_gt 
_reflns_shell.Rmerge_F_gt 
_reflns_shell.Rmerge_I_gt 
_reflns_shell.pdbx_redundancy 
_reflns_shell.pdbx_Rsym_value 
_reflns_shell.pdbx_chi_squared 
_reflns_shell.pdbx_netI_over_sigmaI_all 
_reflns_shell.pdbx_netI_over_sigmaI_obs 
_reflns_shell.pdbx_Rrim_I_all 
_reflns_shell.pdbx_Rpim_I_all 
_reflns_shell.pdbx_rejects 
_reflns_shell.pdbx_ordinal 
_reflns_shell.pdbx_diffrn_id 
_reflns_shell.pdbx_CC_half 
_reflns_shell.pdbx_CC_star 
_reflns_shell.pdbx_R_split 
_reflns_shell.pdbx_percent_possible_ellipsoidal 
_reflns_shell.pdbx_percent_possible_spherical 
_reflns_shell.pdbx_percent_possible_ellipsoidal_anomalous 
_reflns_shell.pdbx_percent_possible_spherical_anomalous 
_reflns_shell.pdbx_redundancy_anomalous 
_reflns_shell.pdbx_CC_half_anomalous 
_reflns_shell.pdbx_absDiff_over_sigma_anomalous 
_reflns_shell.pdbx_percent_possible_anomalous 
5.70 39.63 ? ? ? ? ? ? 470  ? ? ? ? ? 0.061 ? ? ? ? ? ? ? ? 6.0 ? ? ? ? 0.071 0.036 ? 1 1 0.989 ? ? ? ? ? ? ? ? ? ? 
1.04 1.06  ? ? ? ? ? ? 1296 ? ? ? ? ? 1.598 ? ? ? ? ? ? ? ? 2.9 ? ? ? ? 2.044 1.260 ? 2 1 0.403 ? ? ? ? ? ? ? ? ? ? 
# 
_refine.aniso_B[1][1]                            0.677 
_refine.aniso_B[1][2]                            0.000 
_refine.aniso_B[1][3]                            -0.000 
_refine.aniso_B[2][2]                            -0.895 
_refine.aniso_B[2][3]                            0.000 
_refine.aniso_B[3][3]                            0.218 
_refine.B_iso_max                                ? 
_refine.B_iso_mean                               17.127 
_refine.B_iso_min                                ? 
_refine.correlation_coeff_Fo_to_Fc               0.966 
_refine.correlation_coeff_Fo_to_Fc_free          0.960 
_refine.details                                  'Hydrogens have been added in their riding positions' 
_refine.diff_density_max                         ? 
_refine.diff_density_max_esd                     ? 
_refine.diff_density_min                         ? 
_refine.diff_density_min_esd                     ? 
_refine.diff_density_rms                         ? 
_refine.diff_density_rms_esd                     ? 
_refine.entry_id                                 7ZA8 
_refine.pdbx_refine_id                           'X-RAY DIFFRACTION' 
_refine.ls_abs_structure_details                 ? 
_refine.ls_abs_structure_Flack                   ? 
_refine.ls_abs_structure_Flack_esd               ? 
_refine.ls_abs_structure_Rogers                  ? 
_refine.ls_abs_structure_Rogers_esd              ? 
_refine.ls_d_res_high                            1.040 
_refine.ls_d_res_low                             39.63 
_refine.ls_extinction_coef                       ? 
_refine.ls_extinction_coef_esd                   ? 
_refine.ls_extinction_expression                 ? 
_refine.ls_extinction_method                     ? 
_refine.ls_goodness_of_fit_all                   ? 
_refine.ls_goodness_of_fit_all_esd               ? 
_refine.ls_goodness_of_fit_obs                   ? 
_refine.ls_goodness_of_fit_obs_esd               ? 
_refine.ls_hydrogen_treatment                    ? 
_refine.ls_matrix_type                           ? 
_refine.ls_number_constraints                    ? 
_refine.ls_number_parameters                     ? 
_refine.ls_number_reflns_all                     ? 
_refine.ls_number_reflns_obs                     56359 
_refine.ls_number_reflns_R_free                  2781 
_refine.ls_number_reflns_R_work                  53578 
_refine.ls_number_restraints                     ? 
_refine.ls_percent_reflns_obs                    89.190 
_refine.ls_percent_reflns_R_free                 4.934 
_refine.ls_R_factor_all                          0.198 
_refine.ls_R_factor_obs                          ? 
_refine.ls_R_factor_R_free                       0.2124 
_refine.ls_R_factor_R_free_error                 ? 
_refine.ls_R_factor_R_free_error_details         ? 
_refine.ls_R_factor_R_work                       0.1976 
_refine.ls_R_Fsqd_factor_obs                     ? 
_refine.ls_R_I_factor_obs                        ? 
_refine.ls_redundancy_reflns_all                 ? 
_refine.ls_redundancy_reflns_obs                 ? 
_refine.ls_restrained_S_all                      ? 
_refine.ls_restrained_S_obs                      ? 
_refine.ls_shift_over_esd_max                    ? 
_refine.ls_shift_over_esd_mean                   ? 
_refine.ls_structure_factor_coef                 ? 
_refine.ls_weighting_details                     ? 
_refine.ls_weighting_scheme                      ? 
_refine.ls_wR_factor_all                         ? 
_refine.ls_wR_factor_obs                         ? 
_refine.ls_wR_factor_R_free                      ? 
_refine.ls_wR_factor_R_work                      ? 
_refine.occupancy_max                            ? 
_refine.occupancy_min                            ? 
_refine.solvent_model_details                    'MASK BULK SOLVENT' 
_refine.solvent_model_param_bsol                 ? 
_refine.solvent_model_param_ksol                 ? 
_refine.pdbx_R_complete                          ? 
_refine.ls_R_factor_gt                           ? 
_refine.ls_goodness_of_fit_gt                    ? 
_refine.ls_goodness_of_fit_ref                   ? 
_refine.ls_shift_over_su_max                     ? 
_refine.ls_shift_over_su_max_lt                  ? 
_refine.ls_shift_over_su_mean                    ? 
_refine.ls_shift_over_su_mean_lt                 ? 
_refine.pdbx_ls_sigma_I                          ? 
_refine.pdbx_ls_sigma_F                          ? 
_refine.pdbx_ls_sigma_Fsqd                       ? 
_refine.pdbx_data_cutoff_high_absF               ? 
_refine.pdbx_data_cutoff_high_rms_absF           ? 
_refine.pdbx_data_cutoff_low_absF                ? 
_refine.pdbx_isotropic_thermal_model             ? 
_refine.pdbx_ls_cross_valid_method               'FREE R-VALUE' 
_refine.pdbx_method_to_determine_struct          'MOLECULAR REPLACEMENT' 
_refine.pdbx_starting_model                      5LRQ 
_refine.pdbx_stereochemistry_target_values       ? 
_refine.pdbx_R_Free_selection_details            ? 
_refine.pdbx_stereochem_target_val_spec_case     ? 
_refine.pdbx_overall_ESU_R                       0.036 
_refine.pdbx_overall_ESU_R_Free                  0.037 
_refine.pdbx_solvent_vdw_probe_radii             1.200 
_refine.pdbx_solvent_ion_probe_radii             0.800 
_refine.pdbx_solvent_shrinkage_radii             0.800 
_refine.pdbx_real_space_R                        ? 
_refine.pdbx_density_correlation                 ? 
_refine.pdbx_pd_number_of_powder_patterns        ? 
_refine.pdbx_pd_number_of_points                 ? 
_refine.pdbx_pd_meas_number_of_points            ? 
_refine.pdbx_pd_proc_ls_prof_R_factor            ? 
_refine.pdbx_pd_proc_ls_prof_wR_factor           ? 
_refine.pdbx_pd_Marquardt_correlation_coeff      ? 
_refine.pdbx_pd_Fsqrd_R_factor                   ? 
_refine.pdbx_pd_ls_matrix_band_width             ? 
_refine.pdbx_overall_phase_error                 ? 
_refine.pdbx_overall_SU_R_free_Cruickshank_DPI   ? 
_refine.pdbx_overall_SU_R_free_Blow_DPI          ? 
_refine.pdbx_overall_SU_R_Blow_DPI               ? 
_refine.pdbx_TLS_residual_ADP_flag               ? 
_refine.pdbx_diffrn_id                           1 
_refine.overall_SU_B                             0.582 
_refine.overall_SU_ML                            0.029 
_refine.overall_SU_R_Cruickshank_DPI             ? 
_refine.overall_SU_R_free                        ? 
_refine.overall_FOM_free_R_set                   ? 
_refine.overall_FOM_work_R_set                   ? 
_refine.pdbx_average_fsc_overall                 ? 
_refine.pdbx_average_fsc_work                    ? 
_refine.pdbx_average_fsc_free                    ? 
# 
_refine_hist.pdbx_refine_id                   'X-RAY DIFFRACTION' 
_refine_hist.cycle_id                         LAST 
_refine_hist.details                          ? 
_refine_hist.d_res_high                       1.040 
_refine_hist.d_res_low                        39.63 
_refine_hist.number_atoms_solvent             174 
_refine_hist.number_atoms_total               1266 
_refine_hist.number_reflns_all                ? 
_refine_hist.number_reflns_obs                ? 
_refine_hist.number_reflns_R_free             ? 
_refine_hist.number_reflns_R_work             ? 
_refine_hist.R_factor_all                     ? 
_refine_hist.R_factor_obs                     ? 
_refine_hist.R_factor_R_free                  ? 
_refine_hist.R_factor_R_work                  ? 
_refine_hist.pdbx_number_residues_total       ? 
_refine_hist.pdbx_B_iso_mean_ligand           ? 
_refine_hist.pdbx_B_iso_mean_solvent          ? 
_refine_hist.pdbx_number_atoms_protein        1076 
_refine_hist.pdbx_number_atoms_nucleic_acid   0 
_refine_hist.pdbx_number_atoms_ligand         16 
_refine_hist.pdbx_number_atoms_lipid          ? 
_refine_hist.pdbx_number_atoms_carb           ? 
_refine_hist.pdbx_pseudo_atom_details         ? 
# 
loop_
_refine_ls_restr.pdbx_refine_id 
_refine_ls_restr.criterion 
_refine_ls_restr.dev_ideal 
_refine_ls_restr.dev_ideal_target 
_refine_ls_restr.number 
_refine_ls_restr.rejects 
_refine_ls_restr.type 
_refine_ls_restr.weight 
_refine_ls_restr.pdbx_restraint_function 
'X-RAY DIFFRACTION' ? 0.013  0.012  1182 ? r_bond_refined_d               ? ? 
'X-RAY DIFFRACTION' ? 2.167  1.652  1618 ? r_angle_refined_deg            ? ? 
'X-RAY DIFFRACTION' ? 5.531  5.000  142  ? r_dihedral_angle_1_deg         ? ? 
'X-RAY DIFFRACTION' ? 37.059 25.246 61   ? r_dihedral_angle_2_deg         ? ? 
'X-RAY DIFFRACTION' ? 12.976 15.000 209  ? r_dihedral_angle_3_deg         ? ? 
'X-RAY DIFFRACTION' ? 23.598 15.000 3    ? r_dihedral_angle_4_deg         ? ? 
'X-RAY DIFFRACTION' ? 0.259  0.200  150  ? r_chiral_restr                 ? ? 
'X-RAY DIFFRACTION' ? 0.013  0.020  939  ? r_gen_planes_refined           ? ? 
'X-RAY DIFFRACTION' ? 0.244  0.200  583  ? r_nbd_refined                  ? ? 
'X-RAY DIFFRACTION' ? 0.328  0.200  808  ? r_nbtor_refined                ? ? 
'X-RAY DIFFRACTION' ? 0.215  0.200  102  ? r_xyhbond_nbd_refined          ? ? 
'X-RAY DIFFRACTION' ? 0.181  0.200  47   ? r_symmetry_nbd_refined         ? ? 
'X-RAY DIFFRACTION' ? 0.198  0.200  28   ? r_symmetry_xyhbond_nbd_refined ? ? 
'X-RAY DIFFRACTION' ? 1.525  1.275  547  ? r_mcbond_it                    ? ? 
'X-RAY DIFFRACTION' ? 2.196  1.921  693  ? r_mcangle_it                   ? ? 
'X-RAY DIFFRACTION' ? 3.635  1.662  635  ? r_scbond_it                    ? ? 
'X-RAY DIFFRACTION' ? 4.935  2.370  924  ? r_scangle_it                   ? ? 
'X-RAY DIFFRACTION' ? 6.157  19.698 1919 ? r_lrange_it                    ? ? 
# 
loop_
_refine_ls_shell.pdbx_refine_id 
_refine_ls_shell.d_res_high 
_refine_ls_shell.d_res_low 
_refine_ls_shell.number_reflns_all 
_refine_ls_shell.number_reflns_obs 
_refine_ls_shell.number_reflns_R_free 
_refine_ls_shell.number_reflns_R_work 
_refine_ls_shell.percent_reflns_obs 
_refine_ls_shell.percent_reflns_R_free 
_refine_ls_shell.R_factor_all 
_refine_ls_shell.R_factor_obs 
_refine_ls_shell.R_factor_R_free 
_refine_ls_shell.R_factor_R_free_error 
_refine_ls_shell.R_factor_R_work 
_refine_ls_shell.redundancy_reflns_all 
_refine_ls_shell.redundancy_reflns_obs 
_refine_ls_shell.wR_factor_all 
_refine_ls_shell.wR_factor_obs 
_refine_ls_shell.wR_factor_R_free 
_refine_ls_shell.wR_factor_R_work 
_refine_ls_shell.pdbx_R_complete 
_refine_ls_shell.pdbx_total_number_of_bins_used 
_refine_ls_shell.pdbx_phase_error 
_refine_ls_shell.pdbx_fsc_work 
_refine_ls_shell.pdbx_fsc_free 
'X-RAY DIFFRACTION' 1.040 1.067 . . 102 1969 45.0413  . . . 0.326 . 0.316 . . . . . . . . . . . 
'X-RAY DIFFRACTION' 1.067 1.096 . . 129 2530 59.0495  . . . 0.288 . 0.288 . . . . . . . . . . . 
'X-RAY DIFFRACTION' 1.096 1.128 . . 168 3134 75.5088  . . . 0.277 . 0.254 . . . . . . . . . . . 
'X-RAY DIFFRACTION' 1.128 1.163 . . 165 3443 84.7346  . . . 0.322 . 0.242 . . . . . . . . . . . 
'X-RAY DIFFRACTION' 1.163 1.201 . . 179 3530 90.0243  . . . 0.243 . 0.232 . . . . . . . . . . . 
'X-RAY DIFFRACTION' 1.201 1.243 . . 199 3596 95.2799  . . . 0.253 . 0.229 . . . . . . . . . . . 
'X-RAY DIFFRACTION' 1.243 1.290 . . 179 3642 98.9128  . . . 0.217 . 0.214 . . . . . . . . . . . 
'X-RAY DIFFRACTION' 1.290 1.343 . . 196 3495 99.1938  . . . 0.239 . 0.207 . . . . . . . . . . . 
'X-RAY DIFFRACTION' 1.343 1.402 . . 178 3384 99.2201  . . . 0.215 . 0.201 . . . . . . . . . . . 
'X-RAY DIFFRACTION' 1.402 1.471 . . 168 3230 99.7066  . . . 0.221 . 0.197 . . . . . . . . . . . 
'X-RAY DIFFRACTION' 1.471 1.550 . . 145 3123 99.6949  . . . 0.212 . 0.183 . . . . . . . . . . . 
'X-RAY DIFFRACTION' 1.550 1.644 . . 155 2929 99.9676  . . . 0.208 . 0.181 . . . . . . . . . . . 
'X-RAY DIFFRACTION' 1.644 1.758 . . 134 2758 99.9309  . . . 0.214 . 0.184 . . . . . . . . . . . 
'X-RAY DIFFRACTION' 1.758 1.898 . . 140 2600 100.0000 . . . 0.225 . 0.194 . . . . . . . . . . . 
'X-RAY DIFFRACTION' 1.898 2.079 . . 109 2400 100.0000 . . . 0.215 . 0.190 . . . . . . . . . . . 
'X-RAY DIFFRACTION' 2.079 2.325 . . 116 2165 100.0000 . . . 0.188 . 0.186 . . . . . . . . . . . 
'X-RAY DIFFRACTION' 2.325 2.684 . . 103 1934 100.0000 . . . 0.189 . 0.189 . . . . . . . . . . . 
'X-RAY DIFFRACTION' 2.684 3.286 . . 92  1642 100.0000 . . . 0.207 . 0.198 . . . . . . . . . . . 
'X-RAY DIFFRACTION' 3.286 4.643 . . 75  1309 100.0000 . . . 0.181 . 0.160 . . . . . . . . . . . 
'X-RAY DIFFRACTION' 4.643 39.63 . . 49  765  100.0000 . . . 0.233 . 0.256 . . . . . . . . . . . 
# 
_struct.entry_id                     7ZA8 
_struct.title                        'BRD4 in complex with FragLite6' 
_struct.pdbx_model_details           ? 
_struct.pdbx_formula_weight          ? 
_struct.pdbx_formula_weight_method   ? 
_struct.pdbx_model_type_details      ? 
_struct.pdbx_CASP_flag               N 
# 
_struct_keywords.entry_id        7ZA8 
_struct_keywords.text            'BRD4, INHIBITOR, FRAGMENT, BROMODOMAIN, FRAGLITE, TRANSCRIPTION' 
_struct_keywords.pdbx_keywords   TRANSCRIPTION 
# 
loop_
_struct_asym.id 
_struct_asym.pdbx_blank_PDB_chainid_flag 
_struct_asym.pdbx_modified 
_struct_asym.entity_id 
_struct_asym.details 
A N N 1 ? 
B N N 2 ? 
C N N 2 ? 
D N N 3 ? 
# 
_struct_ref.id                         1 
_struct_ref.db_name                    UNP 
_struct_ref.db_code                    BRD4-2_HUMAN 
_struct_ref.pdbx_db_accession          O60885-2 
_struct_ref.pdbx_db_isoform            ? 
_struct_ref.entity_id                  1 
_struct_ref.pdbx_seq_one_letter_code   
;NPPPPETSNPNKPKRQTNQLQYLLRVVLKTLWKHQFAWPFQQPVDAVKLNLPDYYKIIKTPMDMGTIKKRLENNYYWNAQ
ECIQDFNTMFTNCYIYNKPGDDIVLMAEALEKLFLQKINELPTEE
;
_struct_ref.pdbx_align_begin           44 
# 
_struct_ref_seq.align_id                      1 
_struct_ref_seq.ref_id                        1 
_struct_ref_seq.pdbx_PDB_id_code              7ZA8 
_struct_ref_seq.pdbx_strand_id                AAA 
_struct_ref_seq.seq_align_beg                 5 
_struct_ref_seq.pdbx_seq_align_beg_ins_code   ? 
_struct_ref_seq.seq_align_end                 129 
_struct_ref_seq.pdbx_seq_align_end_ins_code   ? 
_struct_ref_seq.pdbx_db_accession             O60885-2 
_struct_ref_seq.db_align_beg                  44 
_struct_ref_seq.pdbx_db_align_beg_ins_code    ? 
_struct_ref_seq.db_align_end                  168 
_struct_ref_seq.pdbx_db_align_end_ins_code    ? 
_struct_ref_seq.pdbx_auth_seq_align_beg       44 
_struct_ref_seq.pdbx_auth_seq_align_end       168 
# 
loop_
_struct_ref_seq_dif.align_id 
_struct_ref_seq_dif.pdbx_pdb_id_code 
_struct_ref_seq_dif.mon_id 
_struct_ref_seq_dif.pdbx_pdb_strand_id 
_struct_ref_seq_dif.seq_num 
_struct_ref_seq_dif.pdbx_pdb_ins_code 
_struct_ref_seq_dif.pdbx_seq_db_name 
_struct_ref_seq_dif.pdbx_seq_db_accession_code 
_struct_ref_seq_dif.db_mon_id 
_struct_ref_seq_dif.pdbx_seq_db_seq_num 
_struct_ref_seq_dif.details 
_struct_ref_seq_dif.pdbx_auth_seq_num 
_struct_ref_seq_dif.pdbx_ordinal 
1 7ZA8 GLY AAA 1 ? UNP O60885-2 ? ? 'expression tag' 40 1 
1 7ZA8 SER AAA 2 ? UNP O60885-2 ? ? 'expression tag' 41 2 
1 7ZA8 HIS AAA 3 ? UNP O60885-2 ? ? 'expression tag' 42 3 
1 7ZA8 MET AAA 4 ? UNP O60885-2 ? ? 'expression tag' 43 4 
# 
_pdbx_struct_assembly.id                   1 
_pdbx_struct_assembly.details              author_defined_assembly 
_pdbx_struct_assembly.method_details       ? 
_pdbx_struct_assembly.oligomeric_details   monomeric 
_pdbx_struct_assembly.oligomeric_count     1 
# 
_pdbx_struct_assembly_gen.assembly_id       1 
_pdbx_struct_assembly_gen.oper_expression   1 
_pdbx_struct_assembly_gen.asym_id_list      A,B,C,D 
# 
_pdbx_struct_assembly_auth_evidence.id                     1 
_pdbx_struct_assembly_auth_evidence.assembly_id            1 
_pdbx_struct_assembly_auth_evidence.experimental_support   'gel filtration' 
_pdbx_struct_assembly_auth_evidence.details                ? 
# 
_pdbx_struct_oper_list.id                   1 
_pdbx_struct_oper_list.type                 'identity operation' 
_pdbx_struct_oper_list.name                 1_555 
_pdbx_struct_oper_list.symmetry_operation   x,y,z 
_pdbx_struct_oper_list.matrix[1][1]         1.0000000000 
_pdbx_struct_oper_list.matrix[1][2]         0.0000000000 
_pdbx_struct_oper_list.matrix[1][3]         0.0000000000 
_pdbx_struct_oper_list.vector[1]            0.0000000000 
_pdbx_struct_oper_list.matrix[2][1]         0.0000000000 
_pdbx_struct_oper_list.matrix[2][2]         1.0000000000 
_pdbx_struct_oper_list.matrix[2][3]         0.0000000000 
_pdbx_struct_oper_list.vector[2]            0.0000000000 
_pdbx_struct_oper_list.matrix[3][1]         0.0000000000 
_pdbx_struct_oper_list.matrix[3][2]         0.0000000000 
_pdbx_struct_oper_list.matrix[3][3]         1.0000000000 
_pdbx_struct_oper_list.vector[3]            0.0000000000 
# 
loop_
_struct_conf.conf_type_id 
_struct_conf.id 
_struct_conf.pdbx_PDB_helix_id 
_struct_conf.beg_label_comp_id 
_struct_conf.beg_label_asym_id 
_struct_conf.beg_label_seq_id 
_struct_conf.pdbx_beg_PDB_ins_code 
_struct_conf.end_label_comp_id 
_struct_conf.end_label_asym_id 
_struct_conf.end_label_seq_id 
_struct_conf.pdbx_end_PDB_ins_code 
_struct_conf.beg_auth_comp_id 
_struct_conf.beg_auth_asym_id 
_struct_conf.beg_auth_seq_id 
_struct_conf.end_auth_comp_id 
_struct_conf.end_auth_asym_id 
_struct_conf.end_auth_seq_id 
_struct_conf.pdbx_PDB_helix_class 
_struct_conf.details 
_struct_conf.pdbx_PDB_helix_length 
HELX_P HELX_P1 AA1 THR A 21  ? VAL A 30  ? THR AAA 60  VAL AAA 69  1 ? 10 
HELX_P HELX_P2 AA2 VAL A 30  ? LYS A 37  ? VAL AAA 69  LYS AAA 76  1 ? 8  
HELX_P HELX_P3 AA3 ALA A 41  ? GLN A 45  ? ALA AAA 80  GLN AAA 84  5 ? 5  
HELX_P HELX_P4 AA4 ASP A 57  ? ILE A 62  ? ASP AAA 96  ILE AAA 101 1 ? 6  
HELX_P HELX_P5 AA5 ASP A 67  ? ASN A 77  ? ASP AAA 106 ASN AAA 116 1 ? 11 
HELX_P HELX_P6 AA6 ASN A 82  ? ASN A 101 ? ASN AAA 121 ASN AAA 140 1 ? 20 
HELX_P HELX_P7 AA7 ASP A 105 ? GLU A 124 ? ASP AAA 144 GLU AAA 163 1 ? 20 
# 
_struct_conf_type.id          HELX_P 
_struct_conf_type.criteria    ? 
_struct_conf_type.reference   ? 
# 
loop_
_pdbx_validate_close_contact.id 
_pdbx_validate_close_contact.PDB_model_num 
_pdbx_validate_close_contact.auth_atom_id_1 
_pdbx_validate_close_contact.auth_asym_id_1 
_pdbx_validate_close_contact.auth_comp_id_1 
_pdbx_validate_close_contact.auth_seq_id_1 
_pdbx_validate_close_contact.PDB_ins_code_1 
_pdbx_validate_close_contact.label_alt_id_1 
_pdbx_validate_close_contact.auth_atom_id_2 
_pdbx_validate_close_contact.auth_asym_id_2 
_pdbx_validate_close_contact.auth_comp_id_2 
_pdbx_validate_close_contact.auth_seq_id_2 
_pdbx_validate_close_contact.PDB_ins_code_2 
_pdbx_validate_close_contact.label_alt_id_2 
_pdbx_validate_close_contact.dist 
1 1 O  AAA HOH 344 ? ? O AAA HOH 433 ? ? 1.85 
2 1 O  AAA HOH 358 ? ? O AAA HOH 369 ? ? 1.93 
3 1 NZ AAA LYS 76  ? ? O AAA HOH 301 ? ? 2.03 
4 1 O  AAA HOH 326 ? ? O AAA HOH 371 ? ? 2.14 
# 
loop_
_pdbx_validate_symm_contact.id 
_pdbx_validate_symm_contact.PDB_model_num 
_pdbx_validate_symm_contact.auth_atom_id_1 
_pdbx_validate_symm_contact.auth_asym_id_1 
_pdbx_validate_symm_contact.auth_comp_id_1 
_pdbx_validate_symm_contact.auth_seq_id_1 
_pdbx_validate_symm_contact.PDB_ins_code_1 
_pdbx_validate_symm_contact.label_alt_id_1 
_pdbx_validate_symm_contact.site_symmetry_1 
_pdbx_validate_symm_contact.auth_atom_id_2 
_pdbx_validate_symm_contact.auth_asym_id_2 
_pdbx_validate_symm_contact.auth_comp_id_2 
_pdbx_validate_symm_contact.auth_seq_id_2 
_pdbx_validate_symm_contact.PDB_ins_code_2 
_pdbx_validate_symm_contact.label_alt_id_2 
_pdbx_validate_symm_contact.site_symmetry_2 
_pdbx_validate_symm_contact.dist 
1 1 O AAA HOH 328 ? ? 1_555 O AAA HOH 344 ? ? 1_565 2.07 
2 1 O AAA HOH 358 ? ? 1_555 O AAA HOH 449 ? ? 3_444 2.15 
# 
loop_
_pdbx_validate_rmsd_angle.id 
_pdbx_validate_rmsd_angle.PDB_model_num 
_pdbx_validate_rmsd_angle.auth_atom_id_1 
_pdbx_validate_rmsd_angle.auth_asym_id_1 
_pdbx_validate_rmsd_angle.auth_comp_id_1 
_pdbx_validate_rmsd_angle.auth_seq_id_1 
_pdbx_validate_rmsd_angle.PDB_ins_code_1 
_pdbx_validate_rmsd_angle.label_alt_id_1 
_pdbx_validate_rmsd_angle.auth_atom_id_2 
_pdbx_validate_rmsd_angle.auth_asym_id_2 
_pdbx_validate_rmsd_angle.auth_comp_id_2 
_pdbx_validate_rmsd_angle.auth_seq_id_2 
_pdbx_validate_rmsd_angle.PDB_ins_code_2 
_pdbx_validate_rmsd_angle.label_alt_id_2 
_pdbx_validate_rmsd_angle.auth_atom_id_3 
_pdbx_validate_rmsd_angle.auth_asym_id_3 
_pdbx_validate_rmsd_angle.auth_comp_id_3 
_pdbx_validate_rmsd_angle.auth_seq_id_3 
_pdbx_validate_rmsd_angle.PDB_ins_code_3 
_pdbx_validate_rmsd_angle.label_alt_id_3 
_pdbx_validate_rmsd_angle.angle_value 
_pdbx_validate_rmsd_angle.angle_target_value 
_pdbx_validate_rmsd_angle.angle_deviation 
_pdbx_validate_rmsd_angle.angle_standard_deviation 
_pdbx_validate_rmsd_angle.linker_flag 
1 1 CG AAA ARG 58  ? ? CD AAA ARG 58  ? ? NE  AAA ARG 58  ? ? 94.11  111.80 -17.69 2.10 N 
2 1 NE AAA ARG 58  ? ? CZ AAA ARG 58  ? ? NH1 AAA ARG 58  ? ? 123.35 120.30 3.05   0.50 N 
3 1 NE AAA ARG 58  ? ? CZ AAA ARG 58  ? ? NH2 AAA ARG 58  ? ? 116.63 120.30 -3.67  0.50 N 
4 1 CB AAA ASN 116 ? ? CA AAA ASN 116 ? ? C   AAA ASN 116 ? ? 98.02  110.40 -12.38 2.00 N 
# 
loop_
_pdbx_validate_torsion.id 
_pdbx_validate_torsion.PDB_model_num 
_pdbx_validate_torsion.auth_comp_id 
_pdbx_validate_torsion.auth_asym_id 
_pdbx_validate_torsion.auth_seq_id 
_pdbx_validate_torsion.PDB_ins_code 
_pdbx_validate_torsion.label_alt_id 
_pdbx_validate_torsion.phi 
_pdbx_validate_torsion.psi 
1 1 ASN AAA 52  ? ? -168.80 105.71 
2 1 ASN AAA 52  ? ? -164.04 105.71 
3 1 ASN AAA 117 ? B 22.44   65.43  
# 
_pdbx_validate_chiral.id              1 
_pdbx_validate_chiral.PDB_model_num   1 
_pdbx_validate_chiral.auth_atom_id    CA 
_pdbx_validate_chiral.label_alt_id    B 
_pdbx_validate_chiral.auth_asym_id    AAA 
_pdbx_validate_chiral.auth_comp_id    ASN 
_pdbx_validate_chiral.auth_seq_id     117 
_pdbx_validate_chiral.PDB_ins_code    ? 
_pdbx_validate_chiral.details         PLANAR 
_pdbx_validate_chiral.omega           . 
# 
_pdbx_entry_details.entry_id                 7ZA8 
_pdbx_entry_details.has_ligand_of_interest   Y 
_pdbx_entry_details.compound_details         ? 
_pdbx_entry_details.source_details           ? 
_pdbx_entry_details.nonpolymer_details       ? 
_pdbx_entry_details.sequence_details         ? 
# 
loop_
_chem_comp_atom.comp_id 
_chem_comp_atom.atom_id 
_chem_comp_atom.type_symbol 
_chem_comp_atom.pdbx_aromatic_flag 
_chem_comp_atom.pdbx_stereo_config 
_chem_comp_atom.pdbx_ordinal 
ALA N    N  N N 1   
ALA CA   C  N S 2   
ALA C    C  N N 3   
ALA O    O  N N 4   
ALA CB   C  N N 5   
ALA OXT  O  N N 6   
ALA H    H  N N 7   
ALA H2   H  N N 8   
ALA HA   H  N N 9   
ALA HB1  H  N N 10  
ALA HB2  H  N N 11  
ALA HB3  H  N N 12  
ALA HXT  H  N N 13  
ARG N    N  N N 14  
ARG CA   C  N S 15  
ARG C    C  N N 16  
ARG O    O  N N 17  
ARG CB   C  N N 18  
ARG CG   C  N N 19  
ARG CD   C  N N 20  
ARG NE   N  N N 21  
ARG CZ   C  N N 22  
ARG NH1  N  N N 23  
ARG NH2  N  N N 24  
ARG OXT  O  N N 25  
ARG H    H  N N 26  
ARG H2   H  N N 27  
ARG HA   H  N N 28  
ARG HB2  H  N N 29  
ARG HB3  H  N N 30  
ARG HG2  H  N N 31  
ARG HG3  H  N N 32  
ARG HD2  H  N N 33  
ARG HD3  H  N N 34  
ARG HE   H  N N 35  
ARG HH11 H  N N 36  
ARG HH12 H  N N 37  
ARG HH21 H  N N 38  
ARG HH22 H  N N 39  
ARG HXT  H  N N 40  
ASN N    N  N N 41  
ASN CA   C  N S 42  
ASN C    C  N N 43  
ASN O    O  N N 44  
ASN CB   C  N N 45  
ASN CG   C  N N 46  
ASN OD1  O  N N 47  
ASN ND2  N  N N 48  
ASN OXT  O  N N 49  
ASN H    H  N N 50  
ASN H2   H  N N 51  
ASN HA   H  N N 52  
ASN HB2  H  N N 53  
ASN HB3  H  N N 54  
ASN HD21 H  N N 55  
ASN HD22 H  N N 56  
ASN HXT  H  N N 57  
ASP N    N  N N 58  
ASP CA   C  N S 59  
ASP C    C  N N 60  
ASP O    O  N N 61  
ASP CB   C  N N 62  
ASP CG   C  N N 63  
ASP OD1  O  N N 64  
ASP OD2  O  N N 65  
ASP OXT  O  N N 66  
ASP H    H  N N 67  
ASP H2   H  N N 68  
ASP HA   H  N N 69  
ASP HB2  H  N N 70  
ASP HB3  H  N N 71  
ASP HD2  H  N N 72  
ASP HXT  H  N N 73  
CYS N    N  N N 74  
CYS CA   C  N R 75  
CYS C    C  N N 76  
CYS O    O  N N 77  
CYS CB   C  N N 78  
CYS SG   S  N N 79  
CYS OXT  O  N N 80  
CYS H    H  N N 81  
CYS H2   H  N N 82  
CYS HA   H  N N 83  
CYS HB2  H  N N 84  
CYS HB3  H  N N 85  
CYS HG   H  N N 86  
CYS HXT  H  N N 87  
GLN N    N  N N 88  
GLN CA   C  N S 89  
GLN C    C  N N 90  
GLN O    O  N N 91  
GLN CB   C  N N 92  
GLN CG   C  N N 93  
GLN CD   C  N N 94  
GLN OE1  O  N N 95  
GLN NE2  N  N N 96  
GLN OXT  O  N N 97  
GLN H    H  N N 98  
GLN H2   H  N N 99  
GLN HA   H  N N 100 
GLN HB2  H  N N 101 
GLN HB3  H  N N 102 
GLN HG2  H  N N 103 
GLN HG3  H  N N 104 
GLN HE21 H  N N 105 
GLN HE22 H  N N 106 
GLN HXT  H  N N 107 
GLU N    N  N N 108 
GLU CA   C  N S 109 
GLU C    C  N N 110 
GLU O    O  N N 111 
GLU CB   C  N N 112 
GLU CG   C  N N 113 
GLU CD   C  N N 114 
GLU OE1  O  N N 115 
GLU OE2  O  N N 116 
GLU OXT  O  N N 117 
GLU H    H  N N 118 
GLU H2   H  N N 119 
GLU HA   H  N N 120 
GLU HB2  H  N N 121 
GLU HB3  H  N N 122 
GLU HG2  H  N N 123 
GLU HG3  H  N N 124 
GLU HE2  H  N N 125 
GLU HXT  H  N N 126 
GLY N    N  N N 127 
GLY CA   C  N N 128 
GLY C    C  N N 129 
GLY O    O  N N 130 
GLY OXT  O  N N 131 
GLY H    H  N N 132 
GLY H2   H  N N 133 
GLY HA2  H  N N 134 
GLY HA3  H  N N 135 
GLY HXT  H  N N 136 
HGQ C4   C  N N 137 
HGQ C5   C  N N 138 
HGQ N1   N  N N 139 
HGQ C3   C  N N 140 
HGQ O1   O  N N 141 
HGQ C1   C  N N 142 
HGQ C2   C  N N 143 
HGQ BR1  BR N N 144 
HGQ H1   H  N N 145 
HGQ H2   H  N N 146 
HGQ H3   H  N N 147 
HGQ H4   H  N N 148 
HIS N    N  N N 149 
HIS CA   C  N S 150 
HIS C    C  N N 151 
HIS O    O  N N 152 
HIS CB   C  N N 153 
HIS CG   C  Y N 154 
HIS ND1  N  Y N 155 
HIS CD2  C  Y N 156 
HIS CE1  C  Y N 157 
HIS NE2  N  Y N 158 
HIS OXT  O  N N 159 
HIS H    H  N N 160 
HIS H2   H  N N 161 
HIS HA   H  N N 162 
HIS HB2  H  N N 163 
HIS HB3  H  N N 164 
HIS HD1  H  N N 165 
HIS HD2  H  N N 166 
HIS HE1  H  N N 167 
HIS HE2  H  N N 168 
HIS HXT  H  N N 169 
HOH O    O  N N 170 
HOH H1   H  N N 171 
HOH H2   H  N N 172 
ILE N    N  N N 173 
ILE CA   C  N S 174 
ILE C    C  N N 175 
ILE O    O  N N 176 
ILE CB   C  N S 177 
ILE CG1  C  N N 178 
ILE CG2  C  N N 179 
ILE CD1  C  N N 180 
ILE OXT  O  N N 181 
ILE H    H  N N 182 
ILE H2   H  N N 183 
ILE HA   H  N N 184 
ILE HB   H  N N 185 
ILE HG12 H  N N 186 
ILE HG13 H  N N 187 
ILE HG21 H  N N 188 
ILE HG22 H  N N 189 
ILE HG23 H  N N 190 
ILE HD11 H  N N 191 
ILE HD12 H  N N 192 
ILE HD13 H  N N 193 
ILE HXT  H  N N 194 
LEU N    N  N N 195 
LEU CA   C  N S 196 
LEU C    C  N N 197 
LEU O    O  N N 198 
LEU CB   C  N N 199 
LEU CG   C  N N 200 
LEU CD1  C  N N 201 
LEU CD2  C  N N 202 
LEU OXT  O  N N 203 
LEU H    H  N N 204 
LEU H2   H  N N 205 
LEU HA   H  N N 206 
LEU HB2  H  N N 207 
LEU HB3  H  N N 208 
LEU HG   H  N N 209 
LEU HD11 H  N N 210 
LEU HD12 H  N N 211 
LEU HD13 H  N N 212 
LEU HD21 H  N N 213 
LEU HD22 H  N N 214 
LEU HD23 H  N N 215 
LEU HXT  H  N N 216 
LYS N    N  N N 217 
LYS CA   C  N S 218 
LYS C    C  N N 219 
LYS O    O  N N 220 
LYS CB   C  N N 221 
LYS CG   C  N N 222 
LYS CD   C  N N 223 
LYS CE   C  N N 224 
LYS NZ   N  N N 225 
LYS OXT  O  N N 226 
LYS H    H  N N 227 
LYS H2   H  N N 228 
LYS HA   H  N N 229 
LYS HB2  H  N N 230 
LYS HB3  H  N N 231 
LYS HG2  H  N N 232 
LYS HG3  H  N N 233 
LYS HD2  H  N N 234 
LYS HD3  H  N N 235 
LYS HE2  H  N N 236 
LYS HE3  H  N N 237 
LYS HZ1  H  N N 238 
LYS HZ2  H  N N 239 
LYS HZ3  H  N N 240 
LYS HXT  H  N N 241 
MET N    N  N N 242 
MET CA   C  N S 243 
MET C    C  N N 244 
MET O    O  N N 245 
MET CB   C  N N 246 
MET CG   C  N N 247 
MET SD   S  N N 248 
MET CE   C  N N 249 
MET OXT  O  N N 250 
MET H    H  N N 251 
MET H2   H  N N 252 
MET HA   H  N N 253 
MET HB2  H  N N 254 
MET HB3  H  N N 255 
MET HG2  H  N N 256 
MET HG3  H  N N 257 
MET HE1  H  N N 258 
MET HE2  H  N N 259 
MET HE3  H  N N 260 
MET HXT  H  N N 261 
PHE N    N  N N 262 
PHE CA   C  N S 263 
PHE C    C  N N 264 
PHE O    O  N N 265 
PHE CB   C  N N 266 
PHE CG   C  Y N 267 
PHE CD1  C  Y N 268 
PHE CD2  C  Y N 269 
PHE CE1  C  Y N 270 
PHE CE2  C  Y N 271 
PHE CZ   C  Y N 272 
PHE OXT  O  N N 273 
PHE H    H  N N 274 
PHE H2   H  N N 275 
PHE HA   H  N N 276 
PHE HB2  H  N N 277 
PHE HB3  H  N N 278 
PHE HD1  H  N N 279 
PHE HD2  H  N N 280 
PHE HE1  H  N N 281 
PHE HE2  H  N N 282 
PHE HZ   H  N N 283 
PHE HXT  H  N N 284 
PRO N    N  N N 285 
PRO CA   C  N S 286 
PRO C    C  N N 287 
PRO O    O  N N 288 
PRO CB   C  N N 289 
PRO CG   C  N N 290 
PRO CD   C  N N 291 
PRO OXT  O  N N 292 
PRO H    H  N N 293 
PRO HA   H  N N 294 
PRO HB2  H  N N 295 
PRO HB3  H  N N 296 
PRO HG2  H  N N 297 
PRO HG3  H  N N 298 
PRO HD2  H  N N 299 
PRO HD3  H  N N 300 
PRO HXT  H  N N 301 
SER N    N  N N 302 
SER CA   C  N S 303 
SER C    C  N N 304 
SER O    O  N N 305 
SER CB   C  N N 306 
SER OG   O  N N 307 
SER OXT  O  N N 308 
SER H    H  N N 309 
SER H2   H  N N 310 
SER HA   H  N N 311 
SER HB2  H  N N 312 
SER HB3  H  N N 313 
SER HG   H  N N 314 
SER HXT  H  N N 315 
THR N    N  N N 316 
THR CA   C  N S 317 
THR C    C  N N 318 
THR O    O  N N 319 
THR CB   C  N R 320 
THR OG1  O  N N 321 
THR CG2  C  N N 322 
THR OXT  O  N N 323 
THR H    H  N N 324 
THR H2   H  N N 325 
THR HA   H  N N 326 
THR HB   H  N N 327 
THR HG1  H  N N 328 
THR HG21 H  N N 329 
THR HG22 H  N N 330 
THR HG23 H  N N 331 
THR HXT  H  N N 332 
TRP N    N  N N 333 
TRP CA   C  N S 334 
TRP C    C  N N 335 
TRP O    O  N N 336 
TRP CB   C  N N 337 
TRP CG   C  Y N 338 
TRP CD1  C  Y N 339 
TRP CD2  C  Y N 340 
TRP NE1  N  Y N 341 
TRP CE2  C  Y N 342 
TRP CE3  C  Y N 343 
TRP CZ2  C  Y N 344 
TRP CZ3  C  Y N 345 
TRP CH2  C  Y N 346 
TRP OXT  O  N N 347 
TRP H    H  N N 348 
TRP H2   H  N N 349 
TRP HA   H  N N 350 
TRP HB2  H  N N 351 
TRP HB3  H  N N 352 
TRP HD1  H  N N 353 
TRP HE1  H  N N 354 
TRP HE3  H  N N 355 
TRP HZ2  H  N N 356 
TRP HZ3  H  N N 357 
TRP HH2  H  N N 358 
TRP HXT  H  N N 359 
TYR N    N  N N 360 
TYR CA   C  N S 361 
TYR C    C  N N 362 
TYR O    O  N N 363 
TYR CB   C  N N 364 
TYR CG   C  Y N 365 
TYR CD1  C  Y N 366 
TYR CD2  C  Y N 367 
TYR CE1  C  Y N 368 
TYR CE2  C  Y N 369 
TYR CZ   C  Y N 370 
TYR OH   O  N N 371 
TYR OXT  O  N N 372 
TYR H    H  N N 373 
TYR H2   H  N N 374 
TYR HA   H  N N 375 
TYR HB2  H  N N 376 
TYR HB3  H  N N 377 
TYR HD1  H  N N 378 
TYR HD2  H  N N 379 
TYR HE1  H  N N 380 
TYR HE2  H  N N 381 
TYR HH   H  N N 382 
TYR HXT  H  N N 383 
VAL N    N  N N 384 
VAL CA   C  N S 385 
VAL C    C  N N 386 
VAL O    O  N N 387 
VAL CB   C  N N 388 
VAL CG1  C  N N 389 
VAL CG2  C  N N 390 
VAL OXT  O  N N 391 
VAL H    H  N N 392 
VAL H2   H  N N 393 
VAL HA   H  N N 394 
VAL HB   H  N N 395 
VAL HG11 H  N N 396 
VAL HG12 H  N N 397 
VAL HG13 H  N N 398 
VAL HG21 H  N N 399 
VAL HG22 H  N N 400 
VAL HG23 H  N N 401 
VAL HXT  H  N N 402 
# 
loop_
_chem_comp_bond.comp_id 
_chem_comp_bond.atom_id_1 
_chem_comp_bond.atom_id_2 
_chem_comp_bond.value_order 
_chem_comp_bond.pdbx_aromatic_flag 
_chem_comp_bond.pdbx_stereo_config 
_chem_comp_bond.pdbx_ordinal 
ALA N   CA   sing N N 1   
ALA N   H    sing N N 2   
ALA N   H2   sing N N 3   
ALA CA  C    sing N N 4   
ALA CA  CB   sing N N 5   
ALA CA  HA   sing N N 6   
ALA C   O    doub N N 7   
ALA C   OXT  sing N N 8   
ALA CB  HB1  sing N N 9   
ALA CB  HB2  sing N N 10  
ALA CB  HB3  sing N N 11  
ALA OXT HXT  sing N N 12  
ARG N   CA   sing N N 13  
ARG N   H    sing N N 14  
ARG N   H2   sing N N 15  
ARG CA  C    sing N N 16  
ARG CA  CB   sing N N 17  
ARG CA  HA   sing N N 18  
ARG C   O    doub N N 19  
ARG C   OXT  sing N N 20  
ARG CB  CG   sing N N 21  
ARG CB  HB2  sing N N 22  
ARG CB  HB3  sing N N 23  
ARG CG  CD   sing N N 24  
ARG CG  HG2  sing N N 25  
ARG CG  HG3  sing N N 26  
ARG CD  NE   sing N N 27  
ARG CD  HD2  sing N N 28  
ARG CD  HD3  sing N N 29  
ARG NE  CZ   sing N N 30  
ARG NE  HE   sing N N 31  
ARG CZ  NH1  sing N N 32  
ARG CZ  NH2  doub N N 33  
ARG NH1 HH11 sing N N 34  
ARG NH1 HH12 sing N N 35  
ARG NH2 HH21 sing N N 36  
ARG NH2 HH22 sing N N 37  
ARG OXT HXT  sing N N 38  
ASN N   CA   sing N N 39  
ASN N   H    sing N N 40  
ASN N   H2   sing N N 41  
ASN CA  C    sing N N 42  
ASN CA  CB   sing N N 43  
ASN CA  HA   sing N N 44  
ASN C   O    doub N N 45  
ASN C   OXT  sing N N 46  
ASN CB  CG   sing N N 47  
ASN CB  HB2  sing N N 48  
ASN CB  HB3  sing N N 49  
ASN CG  OD1  doub N N 50  
ASN CG  ND2  sing N N 51  
ASN ND2 HD21 sing N N 52  
ASN ND2 HD22 sing N N 53  
ASN OXT HXT  sing N N 54  
ASP N   CA   sing N N 55  
ASP N   H    sing N N 56  
ASP N   H2   sing N N 57  
ASP CA  C    sing N N 58  
ASP CA  CB   sing N N 59  
ASP CA  HA   sing N N 60  
ASP C   O    doub N N 61  
ASP C   OXT  sing N N 62  
ASP CB  CG   sing N N 63  
ASP CB  HB2  sing N N 64  
ASP CB  HB3  sing N N 65  
ASP CG  OD1  doub N N 66  
ASP CG  OD2  sing N N 67  
ASP OD2 HD2  sing N N 68  
ASP OXT HXT  sing N N 69  
CYS N   CA   sing N N 70  
CYS N   H    sing N N 71  
CYS N   H2   sing N N 72  
CYS CA  C    sing N N 73  
CYS CA  CB   sing N N 74  
CYS CA  HA   sing N N 75  
CYS C   O    doub N N 76  
CYS C   OXT  sing N N 77  
CYS CB  SG   sing N N 78  
CYS CB  HB2  sing N N 79  
CYS CB  HB3  sing N N 80  
CYS SG  HG   sing N N 81  
CYS OXT HXT  sing N N 82  
GLN N   CA   sing N N 83  
GLN N   H    sing N N 84  
GLN N   H2   sing N N 85  
GLN CA  C    sing N N 86  
GLN CA  CB   sing N N 87  
GLN CA  HA   sing N N 88  
GLN C   O    doub N N 89  
GLN C   OXT  sing N N 90  
GLN CB  CG   sing N N 91  
GLN CB  HB2  sing N N 92  
GLN CB  HB3  sing N N 93  
GLN CG  CD   sing N N 94  
GLN CG  HG2  sing N N 95  
GLN CG  HG3  sing N N 96  
GLN CD  OE1  doub N N 97  
GLN CD  NE2  sing N N 98  
GLN NE2 HE21 sing N N 99  
GLN NE2 HE22 sing N N 100 
GLN OXT HXT  sing N N 101 
GLU N   CA   sing N N 102 
GLU N   H    sing N N 103 
GLU N   H2   sing N N 104 
GLU CA  C    sing N N 105 
GLU CA  CB   sing N N 106 
GLU CA  HA   sing N N 107 
GLU C   O    doub N N 108 
GLU C   OXT  sing N N 109 
GLU CB  CG   sing N N 110 
GLU CB  HB2  sing N N 111 
GLU CB  HB3  sing N N 112 
GLU CG  CD   sing N N 113 
GLU CG  HG2  sing N N 114 
GLU CG  HG3  sing N N 115 
GLU CD  OE1  doub N N 116 
GLU CD  OE2  sing N N 117 
GLU OE2 HE2  sing N N 118 
GLU OXT HXT  sing N N 119 
GLY N   CA   sing N N 120 
GLY N   H    sing N N 121 
GLY N   H2   sing N N 122 
GLY CA  C    sing N N 123 
GLY CA  HA2  sing N N 124 
GLY CA  HA3  sing N N 125 
GLY C   O    doub N N 126 
GLY C   OXT  sing N N 127 
GLY OXT HXT  sing N N 128 
HGQ O1  C1   doub N N 129 
HGQ N1  C1   sing N N 130 
HGQ N1  C5   sing N N 131 
HGQ C1  C2   sing N N 132 
HGQ C5  C4   doub N N 133 
HGQ C2  C3   doub N N 134 
HGQ C4  C3   sing N N 135 
HGQ C3  BR1  sing N N 136 
HGQ C4  H1   sing N N 137 
HGQ C5  H2   sing N N 138 
HGQ N1  H3   sing N N 139 
HGQ C2  H4   sing N N 140 
HIS N   CA   sing N N 141 
HIS N   H    sing N N 142 
HIS N   H2   sing N N 143 
HIS CA  C    sing N N 144 
HIS CA  CB   sing N N 145 
HIS CA  HA   sing N N 146 
HIS C   O    doub N N 147 
HIS C   OXT  sing N N 148 
HIS CB  CG   sing N N 149 
HIS CB  HB2  sing N N 150 
HIS CB  HB3  sing N N 151 
HIS CG  ND1  sing Y N 152 
HIS CG  CD2  doub Y N 153 
HIS ND1 CE1  doub Y N 154 
HIS ND1 HD1  sing N N 155 
HIS CD2 NE2  sing Y N 156 
HIS CD2 HD2  sing N N 157 
HIS CE1 NE2  sing Y N 158 
HIS CE1 HE1  sing N N 159 
HIS NE2 HE2  sing N N 160 
HIS OXT HXT  sing N N 161 
HOH O   H1   sing N N 162 
HOH O   H2   sing N N 163 
ILE N   CA   sing N N 164 
ILE N   H    sing N N 165 
ILE N   H2   sing N N 166 
ILE CA  C    sing N N 167 
ILE CA  CB   sing N N 168 
ILE CA  HA   sing N N 169 
ILE C   O    doub N N 170 
ILE C   OXT  sing N N 171 
ILE CB  CG1  sing N N 172 
ILE CB  CG2  sing N N 173 
ILE CB  HB   sing N N 174 
ILE CG1 CD1  sing N N 175 
ILE CG1 HG12 sing N N 176 
ILE CG1 HG13 sing N N 177 
ILE CG2 HG21 sing N N 178 
ILE CG2 HG22 sing N N 179 
ILE CG2 HG23 sing N N 180 
ILE CD1 HD11 sing N N 181 
ILE CD1 HD12 sing N N 182 
ILE CD1 HD13 sing N N 183 
ILE OXT HXT  sing N N 184 
LEU N   CA   sing N N 185 
LEU N   H    sing N N 186 
LEU N   H2   sing N N 187 
LEU CA  C    sing N N 188 
LEU CA  CB   sing N N 189 
LEU CA  HA   sing N N 190 
LEU C   O    doub N N 191 
LEU C   OXT  sing N N 192 
LEU CB  CG   sing N N 193 
LEU CB  HB2  sing N N 194 
LEU CB  HB3  sing N N 195 
LEU CG  CD1  sing N N 196 
LEU CG  CD2  sing N N 197 
LEU CG  HG   sing N N 198 
LEU CD1 HD11 sing N N 199 
LEU CD1 HD12 sing N N 200 
LEU CD1 HD13 sing N N 201 
LEU CD2 HD21 sing N N 202 
LEU CD2 HD22 sing N N 203 
LEU CD2 HD23 sing N N 204 
LEU OXT HXT  sing N N 205 
LYS N   CA   sing N N 206 
LYS N   H    sing N N 207 
LYS N   H2   sing N N 208 
LYS CA  C    sing N N 209 
LYS CA  CB   sing N N 210 
LYS CA  HA   sing N N 211 
LYS C   O    doub N N 212 
LYS C   OXT  sing N N 213 
LYS CB  CG   sing N N 214 
LYS CB  HB2  sing N N 215 
LYS CB  HB3  sing N N 216 
LYS CG  CD   sing N N 217 
LYS CG  HG2  sing N N 218 
LYS CG  HG3  sing N N 219 
LYS CD  CE   sing N N 220 
LYS CD  HD2  sing N N 221 
LYS CD  HD3  sing N N 222 
LYS CE  NZ   sing N N 223 
LYS CE  HE2  sing N N 224 
LYS CE  HE3  sing N N 225 
LYS NZ  HZ1  sing N N 226 
LYS NZ  HZ2  sing N N 227 
LYS NZ  HZ3  sing N N 228 
LYS OXT HXT  sing N N 229 
MET N   CA   sing N N 230 
MET N   H    sing N N 231 
MET N   H2   sing N N 232 
MET CA  C    sing N N 233 
MET CA  CB   sing N N 234 
MET CA  HA   sing N N 235 
MET C   O    doub N N 236 
MET C   OXT  sing N N 237 
MET CB  CG   sing N N 238 
MET CB  HB2  sing N N 239 
MET CB  HB3  sing N N 240 
MET CG  SD   sing N N 241 
MET CG  HG2  sing N N 242 
MET CG  HG3  sing N N 243 
MET SD  CE   sing N N 244 
MET CE  HE1  sing N N 245 
MET CE  HE2  sing N N 246 
MET CE  HE3  sing N N 247 
MET OXT HXT  sing N N 248 
PHE N   CA   sing N N 249 
PHE N   H    sing N N 250 
PHE N   H2   sing N N 251 
PHE CA  C    sing N N 252 
PHE CA  CB   sing N N 253 
PHE CA  HA   sing N N 254 
PHE C   O    doub N N 255 
PHE C   OXT  sing N N 256 
PHE CB  CG   sing N N 257 
PHE CB  HB2  sing N N 258 
PHE CB  HB3  sing N N 259 
PHE CG  CD1  doub Y N 260 
PHE CG  CD2  sing Y N 261 
PHE CD1 CE1  sing Y N 262 
PHE CD1 HD1  sing N N 263 
PHE CD2 CE2  doub Y N 264 
PHE CD2 HD2  sing N N 265 
PHE CE1 CZ   doub Y N 266 
PHE CE1 HE1  sing N N 267 
PHE CE2 CZ   sing Y N 268 
PHE CE2 HE2  sing N N 269 
PHE CZ  HZ   sing N N 270 
PHE OXT HXT  sing N N 271 
PRO N   CA   sing N N 272 
PRO N   CD   sing N N 273 
PRO N   H    sing N N 274 
PRO CA  C    sing N N 275 
PRO CA  CB   sing N N 276 
PRO CA  HA   sing N N 277 
PRO C   O    doub N N 278 
PRO C   OXT  sing N N 279 
PRO CB  CG   sing N N 280 
PRO CB  HB2  sing N N 281 
PRO CB  HB3  sing N N 282 
PRO CG  CD   sing N N 283 
PRO CG  HG2  sing N N 284 
PRO CG  HG3  sing N N 285 
PRO CD  HD2  sing N N 286 
PRO CD  HD3  sing N N 287 
PRO OXT HXT  sing N N 288 
SER N   CA   sing N N 289 
SER N   H    sing N N 290 
SER N   H2   sing N N 291 
SER CA  C    sing N N 292 
SER CA  CB   sing N N 293 
SER CA  HA   sing N N 294 
SER C   O    doub N N 295 
SER C   OXT  sing N N 296 
SER CB  OG   sing N N 297 
SER CB  HB2  sing N N 298 
SER CB  HB3  sing N N 299 
SER OG  HG   sing N N 300 
SER OXT HXT  sing N N 301 
THR N   CA   sing N N 302 
THR N   H    sing N N 303 
THR N   H2   sing N N 304 
THR CA  C    sing N N 305 
THR CA  CB   sing N N 306 
THR CA  HA   sing N N 307 
THR C   O    doub N N 308 
THR C   OXT  sing N N 309 
THR CB  OG1  sing N N 310 
THR CB  CG2  sing N N 311 
THR CB  HB   sing N N 312 
THR OG1 HG1  sing N N 313 
THR CG2 HG21 sing N N 314 
THR CG2 HG22 sing N N 315 
THR CG2 HG23 sing N N 316 
THR OXT HXT  sing N N 317 
TRP N   CA   sing N N 318 
TRP N   H    sing N N 319 
TRP N   H2   sing N N 320 
TRP CA  C    sing N N 321 
TRP CA  CB   sing N N 322 
TRP CA  HA   sing N N 323 
TRP C   O    doub N N 324 
TRP C   OXT  sing N N 325 
TRP CB  CG   sing N N 326 
TRP CB  HB2  sing N N 327 
TRP CB  HB3  sing N N 328 
TRP CG  CD1  doub Y N 329 
TRP CG  CD2  sing Y N 330 
TRP CD1 NE1  sing Y N 331 
TRP CD1 HD1  sing N N 332 
TRP CD2 CE2  doub Y N 333 
TRP CD2 CE3  sing Y N 334 
TRP NE1 CE2  sing Y N 335 
TRP NE1 HE1  sing N N 336 
TRP CE2 CZ2  sing Y N 337 
TRP CE3 CZ3  doub Y N 338 
TRP CE3 HE3  sing N N 339 
TRP CZ2 CH2  doub Y N 340 
TRP CZ2 HZ2  sing N N 341 
TRP CZ3 CH2  sing Y N 342 
TRP CZ3 HZ3  sing N N 343 
TRP CH2 HH2  sing N N 344 
TRP OXT HXT  sing N N 345 
TYR N   CA   sing N N 346 
TYR N   H    sing N N 347 
TYR N   H2   sing N N 348 
TYR CA  C    sing N N 349 
TYR CA  CB   sing N N 350 
TYR CA  HA   sing N N 351 
TYR C   O    doub N N 352 
TYR C   OXT  sing N N 353 
TYR CB  CG   sing N N 354 
TYR CB  HB2  sing N N 355 
TYR CB  HB3  sing N N 356 
TYR CG  CD1  doub Y N 357 
TYR CG  CD2  sing Y N 358 
TYR CD1 CE1  sing Y N 359 
TYR CD1 HD1  sing N N 360 
TYR CD2 CE2  doub Y N 361 
TYR CD2 HD2  sing N N 362 
TYR CE1 CZ   doub Y N 363 
TYR CE1 HE1  sing N N 364 
TYR CE2 CZ   sing Y N 365 
TYR CE2 HE2  sing N N 366 
TYR CZ  OH   sing N N 367 
TYR OH  HH   sing N N 368 
TYR OXT HXT  sing N N 369 
VAL N   CA   sing N N 370 
VAL N   H    sing N N 371 
VAL N   H2   sing N N 372 
VAL CA  C    sing N N 373 
VAL CA  CB   sing N N 374 
VAL CA  HA   sing N N 375 
VAL C   O    doub N N 376 
VAL C   OXT  sing N N 377 
VAL CB  CG1  sing N N 378 
VAL CB  CG2  sing N N 379 
VAL CB  HB   sing N N 380 
VAL CG1 HG11 sing N N 381 
VAL CG1 HG12 sing N N 382 
VAL CG1 HG13 sing N N 383 
VAL CG2 HG21 sing N N 384 
VAL CG2 HG22 sing N N 385 
VAL CG2 HG23 sing N N 386 
VAL OXT HXT  sing N N 387 
# 
loop_
_pdbx_audit_support.funding_organization 
_pdbx_audit_support.country 
_pdbx_audit_support.grant_number 
_pdbx_audit_support.ordinal 
'Cancer Research UK' 'United Kingdom' C57659/A27310 1 
'Cancer Research UK' 'United Kingdom' C1362/A20263  2 
'Cancer Research UK' 'United Kingdom' C2215/A21421  3 
# 
_pdbx_entity_instance_feature.ordinal        1 
_pdbx_entity_instance_feature.comp_id        HGQ 
_pdbx_entity_instance_feature.asym_id        ? 
_pdbx_entity_instance_feature.seq_num        ? 
_pdbx_entity_instance_feature.auth_comp_id   HGQ 
_pdbx_entity_instance_feature.auth_asym_id   ? 
_pdbx_entity_instance_feature.auth_seq_num   ? 
_pdbx_entity_instance_feature.feature_type   'SUBJECT OF INVESTIGATION' 
_pdbx_entity_instance_feature.details        ? 
# 
_pdbx_initial_refinement_model.id               1 
_pdbx_initial_refinement_model.entity_id_list   ? 
_pdbx_initial_refinement_model.type             'experimental model' 
_pdbx_initial_refinement_model.source_name      PDB 
_pdbx_initial_refinement_model.accession_code   5LRQ 
_pdbx_initial_refinement_model.details          ? 
# 
_atom_sites.entry_id                    7ZA8 
_atom_sites.Cartn_transf_matrix[1][1]   ? 
_atom_sites.Cartn_transf_matrix[1][2]   ? 
_atom_sites.Cartn_transf_matrix[1][3]   ? 
_atom_sites.Cartn_transf_matrix[2][1]   ? 
_atom_sites.Cartn_transf_matrix[2][2]   ? 
_atom_sites.Cartn_transf_matrix[2][3]   ? 
_atom_sites.Cartn_transf_matrix[3][1]   ? 
_atom_sites.Cartn_transf_matrix[3][2]   ? 
_atom_sites.Cartn_transf_matrix[3][3]   ? 
_atom_sites.Cartn_transf_vector[1]      ? 
_atom_sites.Cartn_transf_vector[2]      ? 
_atom_sites.Cartn_transf_vector[3]      ? 
_atom_sites.fract_transf_matrix[1][1]   0.01927699 
_atom_sites.fract_transf_matrix[1][2]   -0.00316045 
_atom_sites.fract_transf_matrix[1][3]   0.01783140 
_atom_sites.fract_transf_matrix[2][1]   0.00731575 
_atom_sites.fract_transf_matrix[2][2]   -0.01885251 
_atom_sites.fract_transf_matrix[2][3]   -0.01125028 
_atom_sites.fract_transf_matrix[3][1]   0.00766273 
_atom_sites.fract_transf_matrix[3][2]   0.00715973 
_atom_sites.fract_transf_matrix[3][3]   -0.00701495 
_atom_sites.fract_transf_vector[1]      -0.309725 
_atom_sites.fract_transf_vector[2]      0.075307 
_atom_sites.fract_transf_vector[3]      -0.120199 
_atom_sites.solution_primary            ? 
_atom_sites.solution_secondary          ? 
_atom_sites.solution_hydrogens          ? 
_atom_sites.special_details             ? 
# 
loop_
_atom_type.symbol 
_atom_type.pdbx_scat_Z 
_atom_type.pdbx_N_electrons 
_atom_type.scat_Cromer_Mann_a1 
_atom_type.scat_Cromer_Mann_b1 
_atom_type.scat_Cromer_Mann_a2 
_atom_type.scat_Cromer_Mann_b2 
_atom_type.scat_Cromer_Mann_a3 
_atom_type.scat_Cromer_Mann_b3 
_atom_type.scat_Cromer_Mann_a4 
_atom_type.scat_Cromer_Mann_b4 
_atom_type.scat_Cromer_Mann_c 
BR 35 35 17.182 2.172  5.237 16.580 5.639 0.261  3.986 41.433 0.001   
C  6  6  2.310  20.844 1.020 10.208 1.589 0.569  0.865 51.651 0.216   
N  7  7  12.222 0.006  3.135 9.893  2.014 28.997 1.167 0.583  -11.538 
O  8  8  3.049  13.277 2.287 5.701  1.546 0.324  0.867 32.909 0.251   
S  16 16 6.905  1.468  5.203 22.215 1.438 0.254  1.586 56.172 1.042   
# 
loop_
_atom_site.group_PDB 
_atom_site.id 
_atom_site.type_symbol 
_atom_site.label_atom_id 
_atom_site.label_alt_id 
_atom_site.label_comp_id 
_atom_site.label_asym_id 
_atom_site.label_entity_id 
_atom_site.label_seq_id 
_atom_site.pdbx_PDB_ins_code 
_atom_site.Cartn_x 
_atom_site.Cartn_y 
_atom_site.Cartn_z 
_atom_site.occupancy 
_atom_site.B_iso_or_equiv 
_atom_site.pdbx_formal_charge 
_atom_site.auth_seq_id 
_atom_site.auth_comp_id 
_atom_site.auth_asym_id 
_atom_site.auth_atom_id 
_atom_site.pdbx_PDB_model_num 
_atom_site.calc_flag 
ATOM   1    N  N   . GLY A 1 1   ? -5.970  12.312  14.767  1.000 27.418 ? 40  GLY AAA N   1 ? 
ATOM   2    C  CA  . GLY A 1 1   ? -5.439  13.182  13.670  1.000 19.747 ? 40  GLY AAA CA  1 ? 
ATOM   3    C  C   . GLY A 1 1   ? -6.485  14.217  13.267  1.000 17.479 ? 40  GLY AAA C   1 ? 
ATOM   4    O  O   . GLY A 1 1   ? -7.566  14.231  13.848  1.000 17.340 ? 40  GLY AAA O   1 ? 
ATOM   5    N  N   . SER A 1 2   ? -6.176  15.030  12.294  1.000 16.066 ? 41  SER AAA N   1 ? 
ATOM   6    C  CA  . SER A 1 2   ? -7.047  16.121  11.863  1.000 14.078 ? 41  SER AAA CA  1 ? 
ATOM   7    C  C   . SER A 1 2   ? -8.343  15.614  11.272  1.000 11.644 ? 41  SER AAA C   1 ? 
ATOM   8    O  O   . SER A 1 2   ? -8.327  14.698  10.465  1.000 11.912 ? 41  SER AAA O   1 ? 
ATOM   9    C  CB  . SER A 1 2   ? -6.371  16.994  10.834  1.000 14.748 ? 41  SER AAA CB  1 ? 
ATOM   10   O  OG  . SER A 1 2   ? -7.316  17.902  10.253  1.000 14.704 ? 41  SER AAA OG  1 ? 
ATOM   11   N  N   . HIS A 1 3   ? -9.448  16.308  11.590  1.000 11.959 ? 42  HIS AAA N   1 ? 
ATOM   12   C  CA  . HIS A 1 3   ? -10.735 16.046  11.000  1.000 12.552 ? 42  HIS AAA CA  1 ? 
ATOM   13   C  C   . HIS A 1 3   ? -10.785 16.296  9.494   1.000 13.116 ? 42  HIS AAA C   1 ? 
ATOM   14   O  O   . HIS A 1 3   ? -11.690 15.830  8.807   1.000 16.078 ? 42  HIS AAA O   1 ? 
ATOM   15   C  CB  . HIS A 1 3   ? -11.837 16.866  11.713  1.000 16.696 ? 42  HIS AAA CB  1 ? 
ATOM   16   C  CG  . HIS A 1 3   ? -11.852 18.279  11.247  1.000 18.034 ? 42  HIS AAA CG  1 ? 
ATOM   17   N  ND1 . HIS A 1 3   ? -10.859 19.138  11.580  1.000 16.684 ? 42  HIS AAA ND1 1 ? 
ATOM   18   C  CD2 . HIS A 1 3   ? -12.757 19.005  10.559  1.000 23.338 ? 42  HIS AAA CD2 1 ? 
ATOM   19   C  CE1 . HIS A 1 3   ? -11.093 20.364  11.097  1.000 22.521 ? 42  HIS AAA CE1 1 ? 
ATOM   20   N  NE2 . HIS A 1 3   ? -12.228 20.259  10.434  1.000 21.377 ? 42  HIS AAA NE2 1 ? 
ATOM   21   N  N   . MET A 1 4   ? -9.777  16.988  8.949   1.000 12.405 ? 43  MET AAA N   1 ? 
ATOM   22   C  CA  . MET A 1 4   ? -9.775  17.216  7.513   1.000 12.525 ? 43  MET AAA CA  1 ? 
ATOM   23   C  C   . MET A 1 4   ? -9.151  16.068  6.719   1.000 13.179 ? 43  MET AAA C   1 ? 
ATOM   24   O  O   . MET A 1 4   ? -9.278  16.071  5.492   1.000 15.173 ? 43  MET AAA O   1 ? 
ATOM   25   C  CB  . MET A 1 4   ? -9.010  18.487  7.185   1.000 16.221 ? 43  MET AAA CB  1 ? 
ATOM   26   C  CG  . MET A 1 4   ? -9.724  19.640  7.879   1.000 16.398 ? 43  MET AAA CG  1 ? 
ATOM   27   S  SD  . MET A 1 4   ? -9.370  21.272  7.402   1.000 24.385 ? 43  MET AAA SD  1 ? 
ATOM   28   C  CE  . MET A 1 4   ? -7.630  21.174  7.060   1.000 25.400 ? 43  MET AAA CE  1 ? 
ATOM   29   N  N   . ASN A 1 5   ? -8.520  15.104  7.388   1.000 11.000 ? 44  ASN AAA N   1 ? 
ATOM   30   C  CA  . ASN A 1 5   ? -8.092  13.889  6.710   1.000 11.506 ? 44  ASN AAA CA  1 ? 
ATOM   31   C  C   . ASN A 1 5   ? -9.119  12.806  6.932   1.000 11.971 ? 44  ASN AAA C   1 ? 
ATOM   32   O  O   . ASN A 1 5   ? -9.758  12.756  8.006   1.000 13.442 ? 44  ASN AAA O   1 ? 
ATOM   33   C  CB  . ASN A 1 5   ? -6.801  13.378  7.309   1.000 11.895 ? 44  ASN AAA CB  1 ? 
ATOM   34   C  CG  . ASN A 1 5   ? -5.620  14.240  6.942   1.000 11.836 ? 44  ASN AAA CG  1 ? 
ATOM   35   O  OD1 . ASN A 1 5   ? -5.432  14.660  5.810   1.000 13.499 ? 44  ASN AAA OD1 1 ? 
ATOM   36   N  ND2 . ASN A 1 5   ? -4.783  14.509  7.920   1.000 12.972 ? 44  ASN AAA ND2 1 ? 
ATOM   37   N  N   . PRO A 1 6   ? -9.414  11.953  5.948   1.000 11.227 ? 45  PRO AAA N   1 ? 
ATOM   38   C  CA  . PRO A 1 6   ? -10.421 10.894  6.139   1.000 11.714 ? 45  PRO AAA CA  1 ? 
ATOM   39   C  C   . PRO A 1 6   ? -9.915  9.842   7.094   1.000 11.555 ? 45  PRO AAA C   1 ? 
ATOM   40   O  O   . PRO A 1 6   ? -8.724  9.736   7.350   1.000 12.098 ? 45  PRO AAA O   1 ? 
ATOM   41   C  CB  . PRO A 1 6   ? -10.532 10.307  4.734   1.000 12.179 ? 45  PRO AAA CB  1 ? 
ATOM   42   C  CG  . PRO A 1 6   ? -9.169  10.534  4.134   1.000 13.875 ? 45  PRO AAA CG  1 ? 
ATOM   43   C  CD  . PRO A 1 6   ? -8.722  11.892  4.638   1.000 12.123 ? 45  PRO AAA CD  1 ? 
ATOM   44   N  N   . PRO A 1 7   ? -10.810 8.981   7.631   1.000 12.315 ? 46  PRO AAA N   1 ? 
ATOM   45   C  CA  . PRO A 1 7   ? -10.353 7.823   8.383   1.000 12.092 ? 46  PRO AAA CA  1 ? 
ATOM   46   C  C   . PRO A 1 7   ? -9.483  6.991   7.436   1.000 11.786 ? 46  PRO AAA C   1 ? 
ATOM   47   O  O   . PRO A 1 7   ? -9.695  7.018   6.232   1.000 13.195 ? 46  PRO AAA O   1 ? 
ATOM   48   C  CB  . PRO A 1 7   ? -11.679 7.061   8.695   1.000 13.266 ? 46  PRO AAA CB  1 ? 
ATOM   49   C  CG  . PRO A 1 7   ? -12.589 7.511   7.646   1.000 14.166 ? 46  PRO AAA CG  1 ? 
ATOM   50   C  CD  . PRO A 1 7   ? -12.270 8.974   7.412   1.000 13.974 ? 46  PRO AAA CD  1 ? 
ATOM   51   N  N   . PRO A 1 8   ? -8.523  6.241   7.986   1.000 13.994 ? 47  PRO AAA N   1 ? 
ATOM   52   C  CA  . PRO A 1 8   ? -7.702  5.405   7.128   1.000 13.967 ? 47  PRO AAA CA  1 ? 
ATOM   53   C  C   . PRO A 1 8   ? -8.533  4.272   6.565   1.000 13.067 ? 47  PRO AAA C   1 ? 
ATOM   54   O  O   . PRO A 1 8   ? -9.687  3.997   7.010   1.000 13.866 ? 47  PRO AAA O   1 ? 
ATOM   55   C  CB  . PRO A 1 8   ? -6.664  4.872   8.132   1.000 17.810 ? 47  PRO AAA CB  1 ? 
ATOM   56   C  CG  . PRO A 1 8   ? -7.423  4.797   9.454   1.000 19.393 ? 47  PRO AAA CG  1 ? 
ATOM   57   C  CD  . PRO A 1 8   ? -8.195  6.106   9.416   1.000 16.565 ? 47  PRO AAA CD  1 ? 
ATOM   58   N  N   . PRO A 1 9   ? -8.033  3.563   5.555   1.000 11.500 ? 48  PRO AAA N   1 ? 
ATOM   59   C  CA  . PRO A 1 9   ? -8.725  2.364   5.122   1.000 10.891 ? 48  PRO AAA CA  1 ? 
ATOM   60   C  C   . PRO A 1 9   ? -8.862  1.373   6.284   1.000 12.391 ? 48  PRO AAA C   1 ? 
ATOM   61   O  O   . PRO A 1 9   ? -8.056  1.315   7.129   1.000 13.248 ? 48  PRO AAA O   1 ? 
ATOM   62   C  CB  . PRO A 1 9   ? -7.848  1.802   3.968   1.000 11.999 ? 48  PRO AAA CB  1 ? 
ATOM   63   C  CG  . PRO A 1 9   ? -6.994  3.007   3.557   1.000 12.599 ? 48  PRO AAA CG  1 ? 
ATOM   64   C  CD  . PRO A 1 9   ? -6.749  3.772   4.835   1.000 12.146 ? 48  PRO AAA CD  1 ? 
ATOM   65   N  N   . GLU A 1 10  ? -9.963  0.612   6.189   1.000 14.466 ? 49  GLU AAA N   1 ? 
ATOM   66   C  CA  . GLU A 1 10  ? -10.289 -0.459  7.135   1.000 17.205 ? 49  GLU AAA CA  1 ? 
ATOM   67   C  C   . GLU A 1 10  ? -9.110  -1.444  7.346   1.000 14.242 ? 49  GLU AAA C   1 ? 
ATOM   68   O  O   . GLU A 1 10  ? -8.582  -1.901  6.333   1.000 13.406 ? 49  GLU AAA O   1 ? 
ATOM   69   C  CB  . GLU A 1 10  ? -11.482 -1.243  6.533   1.000 16.954 ? 49  GLU AAA CB  1 ? 
ATOM   70   C  CG  . GLU A 1 10  ? -12.109 -2.156  7.530   1.000 21.420 ? 49  GLU AAA CG  1 ? 
ATOM   71   C  CD  . GLU A 1 10  ? -13.387 -2.572  6.915   1.000 21.665 ? 49  GLU AAA CD  1 ? 
ATOM   72   O  OE1 . GLU A 1 10  ? -14.384 -1.967  7.336   1.000 27.148 ? 49  GLU AAA OE1 1 ? 
ATOM   73   O  OE2 . GLU A 1 10  ? -13.370 -3.517  6.114   1.000 20.953 ? 49  GLU AAA OE2 1 ? 
ATOM   74   N  N   . THR A 1 11  ? -8.693  -1.799  8.568   1.000 14.406 ? 50  THR AAA N   1 ? 
ATOM   75   C  CA  . THR A 1 11  ? -7.698  -2.850  8.802   1.000 15.003 ? 50  THR AAA CA  1 ? 
ATOM   76   C  C   . THR A 1 11  ? -8.267  -3.978  9.680   1.000 14.072 ? 50  THR AAA C   1 ? 
ATOM   77   O  O   . THR A 1 11  ? -7.577  -4.986  9.840   1.000 16.366 ? 50  THR AAA O   1 ? 
ATOM   78   C  CB  . THR A 1 11  ? -6.406  -2.310  9.413   1.000 14.328 ? 50  THR AAA CB  1 ? 
ATOM   79   O  OG1 . THR A 1 11  ? -6.930  -1.451  10.436  1.000 19.389 ? 50  THR AAA OG1 1 ? 
ATOM   80   C  CG2 . THR A 1 11  ? -5.649  -1.402  8.465   1.000 15.760 ? 50  THR AAA CG2 1 ? 
ATOM   81   N  N   A SER A 1 12  ? -9.465  -3.813  10.213  0.500 14.316 ? 51  SER AAA N   1 ? 
ATOM   82   N  N   B SER A 1 12  ? -9.492  -3.806  10.184  0.500 15.145 ? 51  SER AAA N   1 ? 
ATOM   83   C  CA  A SER A 1 12  ? -10.088 -4.837  11.035  0.500 14.689 ? 51  SER AAA CA  1 ? 
ATOM   84   C  CA  B SER A 1 12  ? -10.145 -4.741  11.092  0.500 16.059 ? 51  SER AAA CA  1 ? 
ATOM   85   C  C   A SER A 1 12  ? -11.560 -4.750  10.678  0.500 15.920 ? 51  SER AAA C   1 ? 
ATOM   86   C  C   B SER A 1 12  ? -11.630 -4.722  10.769  0.500 17.291 ? 51  SER AAA C   1 ? 
ATOM   87   O  O   A SER A 1 12  ? -12.131 -3.661  10.562  0.500 19.614 ? 51  SER AAA O   1 ? 
ATOM   88   O  O   B SER A 1 12  ? -12.280 -3.665  10.805  0.500 19.467 ? 51  SER AAA O   1 ? 
ATOM   89   C  CB  A SER A 1 12  ? -9.834  -4.527  12.502  0.500 16.446 ? 51  SER AAA CB  1 ? 
ATOM   90   C  CB  B SER A 1 12  ? -9.900  -4.311  12.530  0.500 18.200 ? 51  SER AAA CB  1 ? 
ATOM   91   O  OG  A SER A 1 12  ? -10.888 -5.012  13.317  0.500 16.137 ? 51  SER AAA OG  1 ? 
ATOM   92   O  OG  B SER A 1 12  ? -8.664  -4.847  12.986  0.500 20.236 ? 51  SER AAA OG  1 ? 
ATOM   93   N  N   . ASN A 1 13  ? -12.198 -5.914  10.538  1.000 13.928 ? 52  ASN AAA N   1 ? 
ATOM   94   C  CA  . ASN A 1 13  ? -13.628 -5.963  10.339  1.000 14.361 ? 52  ASN AAA CA  1 ? 
ATOM   95   C  C   . ASN A 1 13  ? -14.078 -7.403  10.495  1.000 12.205 ? 52  ASN AAA C   1 ? 
ATOM   96   O  O   . ASN A 1 13  ? -13.789 -8.226  9.609   1.000 12.221 ? 52  ASN AAA O   1 ? 
ATOM   97   C  CB  . ASN A 1 13  ? -14.056 -5.480  8.958   1.000 18.415 ? 52  ASN AAA CB  1 ? 
ATOM   98   C  CG  . ASN A 1 13  ? -15.557 -5.421  8.790   1.000 20.389 ? 52  ASN AAA CG  1 ? 
ATOM   99   O  OD1 . ASN A 1 13  ? -16.324 -6.072  9.506   1.000 19.905 ? 52  ASN AAA OD1 1 ? 
ATOM   100  N  ND2 . ASN A 1 13  ? -15.995 -4.566  7.875   1.000 27.186 ? 52  ASN AAA ND2 1 ? 
ATOM   101  N  N   . PRO A 1 14  ? -14.740 -7.787  11.618  1.000 11.572 ? 53  PRO AAA N   1 ? 
ATOM   102  C  CA  . PRO A 1 14  ? -15.117 -9.168  11.797  1.000 11.853 ? 53  PRO AAA CA  1 ? 
ATOM   103  C  C   . PRO A 1 14  ? -16.036 -9.677  10.712  1.000 13.390 ? 53  PRO AAA C   1 ? 
ATOM   104  O  O   . PRO A 1 14  ? -16.168 -10.891 10.621  1.000 16.876 ? 53  PRO AAA O   1 ? 
ATOM   105  C  CB  . PRO A 1 14  ? -15.815 -9.200  13.153  1.000 14.307 ? 53  PRO AAA CB  1 ? 
ATOM   106  C  CG  . PRO A 1 14  ? -15.176 -8.063  13.863  1.000 15.768 ? 53  PRO AAA CG  1 ? 
ATOM   107  C  CD  . PRO A 1 14  ? -15.000 -6.969  12.823  1.000 13.081 ? 53  PRO AAA CD  1 ? 
ATOM   108  N  N   . ASN A 1 15  ? -16.703 -8.795  9.979   1.000 12.845 ? 54  ASN AAA N   1 ? 
ATOM   109  C  CA  . ASN A 1 15  ? -17.671 -9.362  9.037   1.000 17.735 ? 54  ASN AAA CA  1 ? 
ATOM   110  C  C   . ASN A 1 15  ? -17.033 -9.815  7.737   1.000 19.039 ? 54  ASN AAA C   1 ? 
ATOM   111  O  O   . ASN A 1 15  ? -17.686 -10.463 6.913   1.000 20.350 ? 54  ASN AAA O   1 ? 
ATOM   112  C  CB  . ASN A 1 15  ? -18.795 -8.379  8.745   1.000 20.215 ? 54  ASN AAA CB  1 ? 
ATOM   113  C  CG  . ASN A 1 15  ? -19.763 -8.255  9.917   1.000 19.246 ? 54  ASN AAA CG  1 ? 
ATOM   114  O  OD1 . ASN A 1 15  ? -20.062 -9.214  10.604  1.000 28.727 ? 54  ASN AAA OD1 1 ? 
ATOM   115  N  ND2 . ASN A 1 15  ? -20.148 -7.021  10.165  1.000 28.024 ? 54  ASN AAA ND2 1 ? 
ATOM   116  N  N   . LYS A 1 16  ? -15.846 -9.338  7.470   1.000 14.411 ? 55  LYS AAA N   1 ? 
ATOM   117  C  CA  . LYS A 1 16  ? -15.214 -9.661  6.200   1.000 16.332 ? 55  LYS AAA CA  1 ? 
ATOM   118  C  C   . LYS A 1 16  ? -14.401 -10.925 6.259   1.000 15.700 ? 55  LYS AAA C   1 ? 
ATOM   119  O  O   . LYS A 1 16  ? -13.695 -11.261 7.228   1.000 14.453 ? 55  LYS AAA O   1 ? 
ATOM   120  C  CB  . LYS A 1 16  ? -14.101 -8.691  6.006   1.000 14.118 ? 55  LYS AAA CB  1 ? 
ATOM   121  C  CG  . LYS A 1 16  ? -13.374 -8.955  4.658   1.000 16.175 ? 55  LYS AAA CG  1 ? 
ATOM   122  C  CD  . LYS A 1 16  ? -12.310 -7.939  4.232   1.000 15.522 ? 55  LYS AAA CD  1 ? 
ATOM   123  C  CE  . LYS A 1 16  ? -11.443 -8.144  2.981   1.000 13.974 ? 55  LYS AAA CE  1 ? 
ATOM   124  N  NZ  . LYS A 1 16  ? -10.852 -9.490  2.853   1.000 11.897 ? 55  LYS AAA NZ  1 ? 
ATOM   125  N  N   . PRO A 1 17  ? -14.529 -11.720 5.171   1.000 17.614 ? 56  PRO AAA N   1 ? 
ATOM   126  C  CA  . PRO A 1 17  ? -13.893 -13.028 5.171   1.000 17.179 ? 56  PRO AAA CA  1 ? 
ATOM   127  C  C   . PRO A 1 17  ? -12.393 -12.853 4.935   1.000 11.843 ? 56  PRO AAA C   1 ? 
ATOM   128  O  O   . PRO A 1 17  ? -11.926 -11.959 4.241   1.000 16.687 ? 56  PRO AAA O   1 ? 
ATOM   129  C  CB  . PRO A 1 17  ? -14.664 -13.802 4.082   1.000 20.017 ? 56  PRO AAA CB  1 ? 
ATOM   130  C  CG  . PRO A 1 17  ? -14.925 -12.687 3.125   1.000 18.851 ? 56  PRO AAA CG  1 ? 
ATOM   131  C  CD  . PRO A 1 17  ? -15.326 -11.459 3.942   1.000 19.306 ? 56  PRO AAA CD  1 ? 
ATOM   132  N  N   . LYS A 1 18  ? -11.727 -13.791 5.560   1.000 14.958 ? 57  LYS AAA N   1 ? 
ATOM   133  C  CA  . LYS A 1 18  ? -10.275 -13.773 5.505   1.000 14.150 ? 57  LYS AAA CA  1 ? 
ATOM   134  C  C   . LYS A 1 18  ? -9.700  -15.171 5.741   1.000 13.744 ? 57  LYS AAA C   1 ? 
ATOM   135  O  O   . LYS A 1 18  ? -10.341 -16.086 6.269   1.000 14.503 ? 57  LYS AAA O   1 ? 
ATOM   136  C  CB  . LYS A 1 18  ? -9.694  -12.790 6.529   1.000 15.561 ? 57  LYS AAA CB  1 ? 
ATOM   137  C  CG  . LYS A 1 18  ? -10.185 -13.134 7.955   1.000 19.377 ? 57  LYS AAA CG  1 ? 
ATOM   138  C  CD  . LYS A 1 18  ? -10.194 -12.023 8.994   1.000 24.828 ? 57  LYS AAA CD  1 ? 
ATOM   139  C  CE  . LYS A 1 18  ? -10.666 -10.652 8.588   1.000 21.656 ? 57  LYS AAA CE  1 ? 
ATOM   140  N  NZ  . LYS A 1 18  ? -11.987 -10.283 9.152   1.000 13.205 ? 57  LYS AAA NZ  1 ? 
ATOM   141  N  N   . ARG A 1 19  ? -8.467  -15.327 5.312   1.000 14.076 ? 58  ARG AAA N   1 ? 
ATOM   142  C  CA  . ARG A 1 19  ? -7.824  -16.610 5.473   1.000 14.693 ? 58  ARG AAA CA  1 ? 
ATOM   143  C  C   . ARG A 1 19  ? -6.354  -16.356 5.322   1.000 15.522 ? 58  ARG AAA C   1 ? 
ATOM   144  O  O   . ARG A 1 19  ? -5.981  -15.335 4.766   1.000 19.654 ? 58  ARG AAA O   1 ? 
ATOM   145  C  CB  . ARG A 1 19  ? -8.451  -17.660 4.538   1.000 19.641 ? 58  ARG AAA CB  1 ? 
ATOM   146  C  CG  . ARG A 1 19  ? -8.086  -17.440 3.092   1.000 17.281 ? 58  ARG AAA CG  1 ? 
ATOM   147  C  CD  . ARG A 1 19  ? -8.636  -18.552 2.207   1.000 14.502 ? 58  ARG AAA CD  1 ? 
ATOM   148  N  NE  . ARG A 1 19  ? -8.303  -17.889 0.991   1.000 14.239 ? 58  ARG AAA NE  1 ? 
ATOM   149  C  CZ  . ARG A 1 19  ? -8.200  -18.423 -0.167  1.000 15.301 ? 58  ARG AAA CZ  1 ? 
ATOM   150  N  NH1 . ARG A 1 19  ? -8.341  -19.725 -0.385  1.000 18.672 ? 58  ARG AAA NH1 1 ? 
ATOM   151  N  NH2 . ARG A 1 19  ? -7.782  -17.639 -1.147  1.000 17.223 ? 58  ARG AAA NH2 1 ? 
ATOM   152  N  N   A GLN A 1 20  ? -5.586  -17.333 5.790   0.500 14.420 ? 59  GLN AAA N   1 ? 
ATOM   153  N  N   B GLN A 1 20  ? -5.514  -17.270 5.817   0.500 16.247 ? 59  GLN AAA N   1 ? 
ATOM   154  C  CA  A GLN A 1 20  ? -4.180  -17.359 5.476   0.500 15.801 ? 59  GLN AAA CA  1 ? 
ATOM   155  C  CA  B GLN A 1 20  ? -4.080  -17.170 5.591   0.500 18.626 ? 59  GLN AAA CA  1 ? 
ATOM   156  C  C   A GLN A 1 20  ? -4.016  -18.117 4.168   0.500 13.932 ? 59  GLN AAA C   1 ? 
ATOM   157  C  C   B GLN A 1 20  ? -3.688  -18.131 4.465   0.500 18.966 ? 59  GLN AAA C   1 ? 
ATOM   158  O  O   A GLN A 1 20  ? -4.695  -19.125 3.938   0.500 13.411 ? 59  GLN AAA O   1 ? 
ATOM   159  O  O   B GLN A 1 20  ? -3.977  -19.322 4.601   0.500 20.500 ? 59  GLN AAA O   1 ? 
ATOM   160  C  CB  A GLN A 1 20  ? -3.438  -17.966 6.656   0.500 18.703 ? 59  GLN AAA CB  1 ? 
ATOM   161  C  CB  B GLN A 1 20  ? -3.344  -17.672 6.827   0.500 22.269 ? 59  GLN AAA CB  1 ? 
ATOM   162  C  CG  A GLN A 1 20  ? -3.490  -17.005 7.834   0.500 18.892 ? 59  GLN AAA CG  1 ? 
ATOM   163  C  CG  B GLN A 1 20  ? -1.847  -17.514 6.671   0.500 23.419 ? 59  GLN AAA CG  1 ? 
ATOM   164  C  CD  A GLN A 1 20  ? -2.744  -17.434 9.066   0.500 23.598 ? 59  GLN AAA CD  1 ? 
ATOM   165  C  CD  B GLN A 1 20  ? -1.650  -16.037 6.449   0.500 23.197 ? 59  GLN AAA CD  1 ? 
ATOM   166  O  OE1 A GLN A 1 20  ? -3.343  -17.680 10.107  0.500 26.631 ? 59  GLN AAA OE1 1 ? 
ATOM   167  O  OE1 B GLN A 1 20  ? -1.412  -15.571 5.330   0.500 16.744 ? 59  GLN AAA OE1 1 ? 
ATOM   168  N  NE2 A GLN A 1 20  ? -1.432  -17.524 8.947   0.500 24.458 ? 59  GLN AAA NE2 1 ? 
ATOM   169  N  NE2 B GLN A 1 20  ? -1.873  -15.280 7.512   0.500 26.976 ? 59  GLN AAA NE2 1 ? 
ATOM   170  N  N   . THR A 1 21  ? -3.040  -17.643 3.371   1.000 15.694 ? 60  THR AAA N   1 ? 
ATOM   171  C  CA  . THR A 1 21  ? -2.542  -18.452 2.261   1.000 13.995 ? 60  THR AAA CA  1 ? 
ATOM   172  C  C   . THR A 1 21  ? -1.022  -18.313 2.232   1.000 13.399 ? 60  THR AAA C   1 ? 
ATOM   173  O  O   . THR A 1 21  ? -0.435  -17.361 2.768   1.000 13.910 ? 60  THR AAA O   1 ? 
ATOM   174  C  CB  . THR A 1 21  ? -3.190  -18.110 0.919   1.000 14.922 ? 60  THR AAA CB  1 ? 
ATOM   175  O  OG1 . THR A 1 21  ? -2.582  -16.894 0.428   1.000 15.406 ? 60  THR AAA OG1 1 ? 
ATOM   176  C  CG2 . THR A 1 21  ? -4.707  -17.972 0.995   1.000 15.846 ? 60  THR AAA CG2 1 ? 
ATOM   177  N  N   . ASN A 1 22  ? -0.357  -19.303 1.607   1.000 12.988 ? 61  ASN AAA N   1 ? 
ATOM   178  C  CA  . ASN A 1 22  ? 1.091   -19.190 1.431   1.000 12.792 ? 61  ASN AAA CA  1 ? 
ATOM   179  C  C   . ASN A 1 22  ? 1.458   -17.941 0.615   1.000 11.288 ? 61  ASN AAA C   1 ? 
ATOM   180  O  O   . ASN A 1 22  ? 2.500   -17.375 0.827   1.000 12.035 ? 61  ASN AAA O   1 ? 
ATOM   181  C  CB  . ASN A 1 22  ? 1.716   -20.463 0.826   1.000 13.216 ? 61  ASN AAA CB  1 ? 
ATOM   182  C  CG  . ASN A 1 22  ? 1.259   -20.701 -0.600  1.000 14.227 ? 61  ASN AAA CG  1 ? 
ATOM   183  O  OD1 . ASN A 1 22  ? 0.069   -20.732 -0.916  1.000 17.151 ? 61  ASN AAA OD1 1 ? 
ATOM   184  N  ND2 . ASN A 1 22  ? 2.220   -20.863 -1.510  1.000 16.116 ? 61  ASN AAA ND2 1 ? 
ATOM   185  N  N   . GLN A 1 23  ? 0.578   -17.534 -0.314  1.000 10.987 ? 62  GLN AAA N   1 ? 
ATOM   186  C  CA  . GLN A 1 23  ? 0.876   -16.320 -1.083  1.000 10.506 ? 62  GLN AAA CA  1 ? 
ATOM   187  C  C   . GLN A 1 23  ? 0.805   -15.082 -0.202  1.000 9.708  ? 62  GLN AAA C   1 ? 
ATOM   188  O  O   . GLN A 1 23  ? 1.631   -14.196 -0.344  1.000 10.431 ? 62  GLN AAA O   1 ? 
ATOM   189  C  CB  . GLN A 1 23  ? -0.083  -16.189 -2.246  1.000 10.635 ? 62  GLN AAA CB  1 ? 
ATOM   190  C  CG  . GLN A 1 23  ? 0.076   -17.330 -3.265  1.000 11.522 ? 62  GLN AAA CG  1 ? 
ATOM   191  C  CD  . GLN A 1 23  ? -0.782  -17.090 -4.460  1.000 11.875 ? 62  GLN AAA CD  1 ? 
ATOM   192  O  OE1 . GLN A 1 23  ? -1.893  -16.564 -4.336  1.000 13.212 ? 62  GLN AAA OE1 1 ? 
ATOM   193  N  NE2 . GLN A 1 23  ? -0.343  -17.533 -5.624  1.000 13.503 ? 62  GLN AAA NE2 1 ? 
ATOM   194  N  N   . LEU A 1 24  ? -0.189  -15.009 0.686   1.000 10.488 ? 63  LEU AAA N   1 ? 
ATOM   195  C  CA  . LEU A 1 24  ? -0.261  -13.871 1.608   1.000 10.475 ? 63  LEU AAA CA  1 ? 
ATOM   196  C  C   . LEU A 1 24  ? 0.934   -13.872 2.557   1.000 11.136 ? 63  LEU AAA C   1 ? 
ATOM   197  O  O   . LEU A 1 24  ? 1.411   -12.798 2.914   1.000 11.767 ? 63  LEU AAA O   1 ? 
ATOM   198  C  CB  . LEU A 1 24  ? -1.580  -13.884 2.347   1.000 10.993 ? 63  LEU AAA CB  1 ? 
ATOM   199  C  CG  . LEU A 1 24  ? -2.764  -13.421 1.494   1.000 11.435 ? 63  LEU AAA CG  1 ? 
ATOM   200  C  CD1 . LEU A 1 24  ? -4.090  -13.807 2.166   1.000 13.178 ? 63  LEU AAA CD1 1 ? 
ATOM   201  C  CD2 . LEU A 1 24  ? -2.657  -11.895 1.343   1.000 12.179 ? 63  LEU AAA CD2 1 ? 
ATOM   202  N  N   . GLN A 1 25  ? 1.401   -15.057 3.017   1.000 11.857 ? 64  GLN AAA N   1 ? 
ATOM   203  C  CA  . GLN A 1 25  ? 2.582   -15.111 3.869   1.000 13.442 ? 64  GLN AAA CA  1 ? 
ATOM   204  C  C   . GLN A 1 25  ? 3.798   -14.558 3.131   1.000 13.018 ? 64  GLN AAA C   1 ? 
ATOM   205  O  O   . GLN A 1 25  ? 4.570   -13.805 3.701   1.000 13.117 ? 64  GLN AAA O   1 ? 
ATOM   206  C  CB  . GLN A 1 25  ? 2.786   -16.562 4.306   1.000 14.748 ? 64  GLN AAA CB  1 ? 
ATOM   207  C  CG  . GLN A 1 25  ? 1.742   -17.022 5.332   1.000 23.045 ? 64  GLN AAA CG  1 ? 
ATOM   208  C  CD  . GLN A 1 25  ? 1.756   -18.502 5.657   0.500 22.285 ? 64  GLN AAA CD  1 ? 
ATOM   209  O  OE1 . GLN A 1 25  ? 2.160   -19.346 4.860   0.500 24.758 ? 64  GLN AAA OE1 1 ? 
ATOM   210  N  NE2 . GLN A 1 25  ? 1.265   -18.839 6.836   0.500 24.325 ? 64  GLN AAA NE2 1 ? 
ATOM   211  N  N   . TYR A 1 26  ? 3.929   -14.895 1.847   1.000 12.075 ? 65  TYR AAA N   1 ? 
ATOM   212  C  CA  . TYR A 1 26  ? 5.015   -14.348 1.041   1.000 12.450 ? 65  TYR AAA CA  1 ? 
ATOM   213  C  C   . TYR A 1 26  ? 4.883   -12.839 0.901   1.000 12.015 ? 65  TYR AAA C   1 ? 
ATOM   214  O  O   . TYR A 1 26  ? 5.891   -12.120 0.952   1.000 12.355 ? 65  TYR AAA O   1 ? 
ATOM   215  C  CB  . TYR A 1 26  ? 5.003   -15.030 -0.320  1.000 11.867 ? 65  TYR AAA CB  1 ? 
ATOM   216  C  CG  . TYR A 1 26  ? 5.967   -14.529 -1.360  1.000 13.043 ? 65  TYR AAA CG  1 ? 
ATOM   217  C  CD1 . TYR A 1 26  ? 5.619   -13.496 -2.215  1.000 12.420 ? 65  TYR AAA CD1 1 ? 
ATOM   218  C  CD2 . TYR A 1 26  ? 7.239   -15.098 -1.496  1.000 14.128 ? 65  TYR AAA CD2 1 ? 
ATOM   219  C  CE1 . TYR A 1 26  ? 6.481   -13.068 -3.214  1.000 13.365 ? 65  TYR AAA CE1 1 ? 
ATOM   220  C  CE2 . TYR A 1 26  ? 8.110   -14.689 -2.501  1.000 14.254 ? 65  TYR AAA CE2 1 ? 
ATOM   221  C  CZ  . TYR A 1 26  ? 7.754   -13.639 -3.355  1.000 12.895 ? 65  TYR AAA CZ  1 ? 
ATOM   222  O  OH  . TYR A 1 26  ? 8.603   -13.234 -4.376  1.000 14.183 ? 65  TYR AAA OH  1 ? 
ATOM   223  N  N   . LEU A 1 27  ? 3.654   -12.343 0.708   1.000 11.277 ? 66  LEU AAA N   1 ? 
ATOM   224  C  CA  . LEU A 1 27  ? 3.490   -10.898 0.603   1.000 10.574 ? 66  LEU AAA CA  1 ? 
ATOM   225  C  C   . LEU A 1 27  ? 3.966   -10.169 1.856   1.000 11.307 ? 66  LEU AAA C   1 ? 
ATOM   226  O  O   . LEU A 1 27  ? 4.479   -9.053  1.756   1.000 12.404 ? 66  LEU AAA O   1 ? 
ATOM   227  C  CB  . LEU A 1 27  ? 2.041   -10.578 0.243   1.000 10.319 ? 66  LEU AAA CB  1 ? 
ATOM   228  C  CG  . LEU A 1 27  ? 1.719   -10.804 -1.232  1.000 12.104 ? 66  LEU AAA CG  1 ? 
ATOM   229  C  CD1 . LEU A 1 27  ? 0.230   -11.056 -1.456  1.000 13.516 ? 66  LEU AAA CD1 1 ? 
ATOM   230  C  CD2 . LEU A 1 27  ? 2.174   -9.575  -2.000  1.000 15.885 ? 66  LEU AAA CD2 1 ? 
ATOM   231  N  N   . LEU A 1 28  ? 3.783   -10.748 3.010   1.000 11.234 ? 67  LEU AAA N   1 ? 
ATOM   232  C  CA  . LEU A 1 28  ? 4.261   -10.118 4.233   1.000 11.468 ? 67  LEU AAA CA  1 ? 
ATOM   233  C  C   . LEU A 1 28  ? 5.764   -10.306 4.436   1.000 13.120 ? 67  LEU AAA C   1 ? 
ATOM   234  O  O   . LEU A 1 28  ? 6.521   -9.355  4.645   1.000 14.276 ? 67  LEU AAA O   1 ? 
ATOM   235  C  CB  . LEU A 1 28  ? 3.493   -10.654 5.433   1.000 13.475 ? 67  LEU AAA CB  1 ? 
ATOM   236  C  CG  . LEU A 1 28  ? 3.975   -10.098 6.786   1.000 16.097 ? 67  LEU AAA CG  1 ? 
ATOM   237  C  CD1 . LEU A 1 28  ? 3.872   -8.582  6.866   1.000 16.124 ? 67  LEU AAA CD1 1 ? 
ATOM   238  C  CD2 . LEU A 1 28  ? 3.162   -10.740 7.891   1.000 19.034 ? 67  LEU AAA CD2 1 ? 
ATOM   239  N  N   . ARG A 1 29  ? 6.207   -11.560 4.357   1.000 13.230 ? 68  ARG AAA N   1 ? 
ATOM   240  C  CA  . ARG A 1 29  ? 7.573   -11.953 4.717   1.000 14.572 ? 68  ARG AAA CA  1 ? 
ATOM   241  C  C   . ARG A 1 29  ? 8.595   -11.544 3.674   1.000 15.565 ? 68  ARG AAA C   1 ? 
ATOM   242  O  O   . ARG A 1 29  ? 9.740   -11.290 4.078   1.000 19.339 ? 68  ARG AAA O   1 ? 
ATOM   243  C  CB  . ARG A 1 29  ? 7.597   -13.469 4.964   1.000 16.976 ? 68  ARG AAA CB  1 ? 
ATOM   244  C  CG  . ARG A 1 29  ? 6.867   -13.836 6.245   1.000 21.177 ? 68  ARG AAA CG  1 ? 
ATOM   245  C  CD  . ARG A 1 29  ? 6.798   -15.371 6.339   1.000 27.432 ? 68  ARG AAA CD  1 ? 
ATOM   246  N  NE  . ARG A 1 29  ? 5.943   -15.849 7.430   0.500 25.913 ? 68  ARG AAA NE  1 ? 
ATOM   247  C  CZ  . ARG A 1 29  ? 5.187   -16.956 7.450   0.500 29.012 ? 68  ARG AAA CZ  1 ? 
ATOM   248  N  NH1 . ARG A 1 29  ? 4.464   -17.232 8.525   0.500 31.814 ? 68  ARG AAA NH1 1 ? 
ATOM   249  N  NH2 . ARG A 1 29  ? 5.162   -17.792 6.428   0.500 30.293 ? 68  ARG AAA NH2 1 ? 
ATOM   250  N  N   . VAL A 1 30  ? 8.240   -11.473 2.396   1.000 13.810 ? 69  VAL AAA N   1 ? 
ATOM   251  C  CA  . VAL A 1 30  ? 9.191   -11.151 1.348   1.000 14.687 ? 69  VAL AAA CA  1 ? 
ATOM   252  C  C   . VAL A 1 30  ? 8.839   -9.769  0.782   1.000 14.934 ? 69  VAL AAA C   1 ? 
ATOM   253  O  O   . VAL A 1 30  ? 9.674   -8.865  0.727   1.000 16.179 ? 69  VAL AAA O   1 ? 
ATOM   254  C  CB  . VAL A 1 30  ? 9.213   -12.233 0.241   1.000 14.600 ? 69  VAL AAA CB  1 ? 
ATOM   255  C  CG1 . VAL A 1 30  ? 10.063  -11.819 -0.957  1.000 16.305 ? 69  VAL AAA CG1 1 ? 
ATOM   256  C  CG2 . VAL A 1 30  ? 9.643   -13.586 0.797   1.000 16.544 ? 69  VAL AAA CG2 1 ? 
ATOM   257  N  N   . VAL A 1 31  ? 7.608   -9.558  0.322   1.000 13.364 ? 70  VAL AAA N   1 ? 
ATOM   258  C  CA  . VAL A 1 31  ? 7.307   -8.377  -0.467  1.000 13.437 ? 70  VAL AAA CA  1 ? 
ATOM   259  C  C   . VAL A 1 31  ? 7.302   -7.146  0.432   1.000 12.981 ? 70  VAL AAA C   1 ? 
ATOM   260  O  O   . VAL A 1 31  ? 8.055   -6.178  0.216   1.000 14.555 ? 70  VAL AAA O   1 ? 
ATOM   261  C  CB  . VAL A 1 31  ? 6.023   -8.530  -1.284  1.000 12.337 ? 70  VAL AAA CB  1 ? 
ATOM   262  C  CG1 . VAL A 1 31  ? 5.773   -7.258  -2.100  1.000 14.363 ? 70  VAL AAA CG1 1 ? 
ATOM   263  C  CG2 . VAL A 1 31  ? 6.083   -9.753  -2.183  1.000 13.970 ? 70  VAL AAA CG2 1 ? 
ATOM   264  N  N   . LEU A 1 32  ? 6.420   -7.117  1.435   1.000 13.037 ? 71  LEU AAA N   1 ? 
ATOM   265  C  CA  . LEU A 1 32  ? 6.311   -5.941  2.288   1.000 13.182 ? 71  LEU AAA CA  1 ? 
ATOM   266  C  C   . LEU A 1 32  ? 7.649   -5.692  3.002   1.000 14.792 ? 71  LEU AAA C   1 ? 
ATOM   267  O  O   . LEU A 1 32  ? 8.133   -4.546  3.111   1.000 14.832 ? 71  LEU AAA O   1 ? 
ATOM   268  C  CB  . LEU A 1 32  ? 5.165   -6.152  3.273   1.000 14.124 ? 71  LEU AAA CB  1 ? 
ATOM   269  C  CG  . LEU A 1 32  ? 4.848   -4.967  4.178   1.000 16.210 ? 71  LEU AAA CG  1 ? 
ATOM   270  C  CD1 . LEU A 1 32  ? 5.743   -4.794  5.367   1.000 20.887 ? 71  LEU AAA CD1 1 ? 
ATOM   271  C  CD2 . LEU A 1 32  ? 4.481   -3.691  3.463   1.000 16.269 ? 71  LEU AAA CD2 1 ? 
ATOM   272  N  N   . LYS A 1 33  ? 8.294   -6.739  3.485   1.000 16.111 ? 72  LYS AAA N   1 ? 
ATOM   273  C  CA  . LYS A 1 33  ? 9.575   -6.610  4.173   1.000 18.471 ? 72  LYS AAA CA  1 ? 
ATOM   274  C  C   . LYS A 1 33  ? 10.628  -5.939  3.278   1.000 16.794 ? 72  LYS AAA C   1 ? 
ATOM   275  O  O   . LYS A 1 33  ? 11.348  -5.034  3.757   1.000 19.778 ? 72  LYS AAA O   1 ? 
ATOM   276  C  CB  . LYS A 1 33  ? 10.073  -7.991  4.595   1.000 19.634 ? 72  LYS AAA CB  1 ? 
ATOM   277  C  CG  . LYS A 1 33  ? 11.385  -8.004  5.379   0.500 21.647 ? 72  LYS AAA CG  1 ? 
ATOM   278  C  CD  . LYS A 1 33  ? 12.016  -9.385  5.494   0.500 22.217 ? 72  LYS AAA CD  1 ? 
ATOM   279  C  CE  . LYS A 1 33  ? 12.623  -9.939  4.219   0.500 25.179 ? 72  LYS AAA CE  1 ? 
ATOM   280  N  NZ  . LYS A 1 33  ? 14.044  -9.554  4.021   0.500 24.125 ? 72  LYS AAA NZ  1 ? 
ATOM   281  N  N   . THR A 1 34  ? 10.703  -6.319  2.000   1.000 16.760 ? 73  THR AAA N   1 ? 
ATOM   282  C  CA  . THR A 1 34  ? 11.663  -5.777  1.035   1.000 19.011 ? 73  THR AAA CA  1 ? 
ATOM   283  C  C   . THR A 1 34  ? 11.348  -4.297  0.822   1.000 16.211 ? 73  THR AAA C   1 ? 
ATOM   284  O  O   . THR A 1 34  ? 12.220  -3.436  0.827   1.000 16.738 ? 73  THR AAA O   1 ? 
ATOM   285  C  CB  . THR A 1 34  ? 11.536  -6.496  -0.326  1.000 21.396 ? 73  THR AAA CB  1 ? 
ATOM   286  O  OG1 . THR A 1 34  ? 12.081  -7.801  -0.130  1.000 25.268 ? 73  THR AAA OG1 1 ? 
ATOM   287  C  CG2 . THR A 1 34  ? 12.387  -5.867  -1.417  1.000 24.641 ? 73  THR AAA CG2 1 ? 
ATOM   288  N  N   . LEU A 1 35  ? 10.071  -3.982  0.522   1.000 14.095 ? 74  LEU AAA N   1 ? 
ATOM   289  C  CA  . LEU A 1 35  ? 9.734   -2.596  0.191   1.000 13.739 ? 74  LEU AAA CA  1 ? 
ATOM   290  C  C   . LEU A 1 35  ? 9.891   -1.694  1.423   1.000 13.548 ? 74  LEU AAA C   1 ? 
ATOM   291  O  O   . LEU A 1 35  ? 10.284  -0.521  1.261   1.000 13.951 ? 74  LEU AAA O   1 ? 
ATOM   292  C  CB  . LEU A 1 35  ? 8.306   -2.493  -0.386  1.000 12.951 ? 74  LEU AAA CB  1 ? 
ATOM   293  C  CG  . LEU A 1 35  ? 8.195   -2.637  -1.917  1.000 14.367 ? 74  LEU AAA CG  1 ? 
ATOM   294  C  CD1 . LEU A 1 35  ? 8.653   -3.981  -2.517  1.000 15.749 ? 74  LEU AAA CD1 1 ? 
ATOM   295  C  CD2 . LEU A 1 35  ? 6.798   -2.262  -2.425  1.000 14.954 ? 74  LEU AAA CD2 1 ? 
ATOM   296  N  N   . TRP A 1 36  ? 9.546   -2.174  2.600   1.000 12.324 ? 75  TRP AAA N   1 ? 
ATOM   297  C  CA  . TRP A 1 36  ? 9.478   -1.297  3.758   1.000 13.614 ? 75  TRP AAA CA  1 ? 
ATOM   298  C  C   . TRP A 1 36  ? 10.855  -0.713  4.093   1.000 13.728 ? 75  TRP AAA C   1 ? 
ATOM   299  O  O   . TRP A 1 36  ? 10.933  0.404   4.586   1.000 14.992 ? 75  TRP AAA O   1 ? 
ATOM   300  C  CB  . TRP A 1 36  ? 8.971   -2.091  4.952   1.000 14.434 ? 75  TRP AAA CB  1 ? 
ATOM   301  C  CG  . TRP A 1 36  ? 8.640   -1.298  6.177   1.000 14.725 ? 75  TRP AAA CG  1 ? 
ATOM   302  C  CD1 . TRP A 1 36  ? 9.461   -0.950  7.221   1.000 15.576 ? 75  TRP AAA CD1 1 ? 
ATOM   303  C  CD2 . TRP A 1 36  ? 7.378   -0.658  6.460   1.000 12.595 ? 75  TRP AAA CD2 1 ? 
ATOM   304  N  NE1 . TRP A 1 36  ? 8.777   -0.173  8.107   1.000 16.119 ? 75  TRP AAA NE1 1 ? 
ATOM   305  C  CE2 . TRP A 1 36  ? 7.467   -0.003  7.689   1.000 14.051 ? 75  TRP AAA CE2 1 ? 
ATOM   306  C  CE3 . TRP A 1 36  ? 6.138   -0.644  5.799   1.000 12.959 ? 75  TRP AAA CE3 1 ? 
ATOM   307  C  CZ2 . TRP A 1 36  ? 6.414   0.686   8.270   1.000 14.327 ? 75  TRP AAA CZ2 1 ? 
ATOM   308  C  CZ3 . TRP A 1 36  ? 5.084   0.040   6.360   1.000 14.424 ? 75  TRP AAA CZ3 1 ? 
ATOM   309  C  CH2 . TRP A 1 36  ? 5.209   0.691   7.591   1.000 14.965 ? 75  TRP AAA CH2 1 ? 
ATOM   310  N  N   . LYS A 1 37  ? 11.920  -1.494  3.846   1.000 13.887 ? 76  LYS AAA N   1 ? 
ATOM   311  C  CA  . LYS A 1 37  ? 13.293  -1.078  4.189   1.000 14.077 ? 76  LYS AAA CA  1 ? 
ATOM   312  C  C   . LYS A 1 37  ? 13.961  -0.356  3.042   1.000 16.477 ? 76  LYS AAA C   1 ? 
ATOM   313  O  O   . LYS A 1 37  ? 15.114  0.113   3.167   1.000 17.109 ? 76  LYS AAA O   1 ? 
ATOM   314  C  CB  . LYS A 1 37  ? 14.129  -2.284  4.643   1.000 18.357 ? 76  LYS AAA CB  1 ? 
ATOM   315  C  CG  . LYS A 1 37  ? 14.463  -3.299  3.582   1.000 20.036 ? 76  LYS AAA CG  1 ? 
ATOM   316  C  CD  . LYS A 1 37  ? 15.249  -4.443  4.266   1.000 24.401 ? 76  LYS AAA CD  1 ? 
ATOM   317  C  CE  . LYS A 1 37  ? 15.504  -5.666  3.410   1.000 32.384 ? 76  LYS AAA CE  1 ? 
ATOM   318  N  NZ  . LYS A 1 37  ? 16.456  -5.382  2.315   1.000 34.533 ? 76  LYS AAA NZ  1 ? 
ATOM   319  N  N   . HIS A 1 38  ? 13.295  -0.160  1.915   1.000 16.178 ? 77  HIS AAA N   1 ? 
ATOM   320  C  CA  . HIS A 1 38  ? 13.921  0.610   0.867   1.000 16.246 ? 77  HIS AAA CA  1 ? 
ATOM   321  C  C   . HIS A 1 38  ? 14.156  2.057   1.325   1.000 14.807 ? 77  HIS AAA C   1 ? 
ATOM   322  O  O   . HIS A 1 38  ? 13.382  2.620   2.058   1.000 14.396 ? 77  HIS AAA O   1 ? 
ATOM   323  C  CB  . HIS A 1 38  ? 13.020  0.589   -0.376  1.000 15.519 ? 77  HIS AAA CB  1 ? 
ATOM   324  C  CG  . HIS A 1 38  ? 13.695  1.095   -1.586  1.000 16.563 ? 77  HIS AAA CG  1 ? 
ATOM   325  N  ND1 . HIS A 1 38  ? 13.784  2.428   -1.872  1.000 14.924 ? 77  HIS AAA ND1 1 ? 
ATOM   326  C  CD2 . HIS A 1 38  ? 14.379  0.470   -2.579  1.000 19.288 ? 77  HIS AAA CD2 1 ? 
ATOM   327  C  CE1 . HIS A 1 38  ? 14.463  2.628   -2.971  1.000 17.053 ? 77  HIS AAA CE1 1 ? 
ATOM   328  N  NE2 . HIS A 1 38  ? 14.844  1.414   -3.432  1.000 19.410 ? 77  HIS AAA NE2 1 ? 
ATOM   329  N  N   A GLN A 1 39  ? 15.247  2.686   0.798   0.500 15.033 ? 78  GLN AAA N   1 ? 
ATOM   330  N  N   B GLN A 1 39  ? 15.238  2.697   0.862   0.500 15.124 ? 78  GLN AAA N   1 ? 
ATOM   331  C  CA  A GLN A 1 39  ? 15.644  4.064   1.106   0.500 14.339 ? 78  GLN AAA CA  1 ? 
ATOM   332  C  CA  B GLN A 1 39  ? 15.519  4.042   1.337   0.500 14.467 ? 78  GLN AAA CA  1 ? 
ATOM   333  C  C   A GLN A 1 39  ? 14.491  5.036   0.853   0.500 13.120 ? 78  GLN AAA C   1 ? 
ATOM   334  C  C   B GLN A 1 39  ? 14.401  5.017   0.961   0.500 13.190 ? 78  GLN AAA C   1 ? 
ATOM   335  O  O   A GLN A 1 39  ? 14.394  6.068   1.492   0.500 12.917 ? 78  GLN AAA O   1 ? 
ATOM   336  O  O   B GLN A 1 39  ? 14.267  6.050   1.621   0.500 13.401 ? 78  GLN AAA O   1 ? 
ATOM   337  C  CB  A GLN A 1 39  ? 16.892  4.574   0.342   0.500 15.614 ? 78  GLN AAA CB  1 ? 
ATOM   338  C  CB  B GLN A 1 39  ? 16.810  4.563   0.719   0.500 15.433 ? 78  GLN AAA CB  1 ? 
ATOM   339  C  CG  A GLN A 1 39  ? 17.303  6.039   0.645   0.500 15.847 ? 78  GLN AAA CG  1 ? 
ATOM   340  C  CG  B GLN A 1 39  ? 16.800  4.434   -0.794  0.500 16.200 ? 78  GLN AAA CG  1 ? 
ATOM   341  C  CD  A GLN A 1 39  ? 18.516  6.608   -0.065  0.500 15.848 ? 78  GLN AAA CD  1 ? 
ATOM   342  C  CD  B GLN A 1 39  ? 18.118  4.856   -1.389  0.500 20.877 ? 78  GLN AAA CD  1 ? 
ATOM   343  O  OE1 A GLN A 1 39  ? 19.477  7.125   0.548   0.500 17.494 ? 78  GLN AAA OE1 1 ? 
ATOM   344  O  OE1 B GLN A 1 39  ? 18.833  4.058   -1.999  0.500 23.978 ? 78  GLN AAA OE1 1 ? 
ATOM   345  N  NE2 A GLN A 1 39  ? 18.509  6.499   -1.380  0.500 15.749 ? 78  GLN AAA NE2 1 ? 
ATOM   346  N  NE2 B GLN A 1 39  ? 18.479  6.109   -1.158  0.500 20.126 ? 78  GLN AAA NE2 1 ? 
ATOM   347  N  N   . PHE A 1 40  ? 13.607  4.709   -0.109  1.000 12.715 ? 79  PHE AAA N   1 ? 
ATOM   348  C  CA  . PHE A 1 40  ? 12.535  5.609   -0.542  1.000 12.266 ? 79  PHE AAA CA  1 ? 
ATOM   349  C  C   . PHE A 1 40  ? 11.163  5.206   0.000   1.000 11.302 ? 79  PHE AAA C   1 ? 
ATOM   350  O  O   . PHE A 1 40  ? 10.148  5.804   -0.434  1.000 11.631 ? 79  PHE AAA O   1 ? 
ATOM   351  C  CB  . PHE A 1 40  ? 12.503  5.672   -2.061  1.000 12.041 ? 79  PHE AAA CB  1 ? 
ATOM   352  C  CG  . PHE A 1 40  ? 13.663  6.337   -2.735  1.000 12.619 ? 79  PHE AAA CG  1 ? 
ATOM   353  C  CD1 . PHE A 1 40  ? 14.479  7.254   -2.062  1.000 13.630 ? 79  PHE AAA CD1 1 ? 
ATOM   354  C  CD2 . PHE A 1 40  ? 13.896  6.094   -4.067  1.000 13.396 ? 79  PHE AAA CD2 1 ? 
ATOM   355  C  CE1 . PHE A 1 40  ? 15.499  7.889   -2.743  1.000 15.646 ? 79  PHE AAA CE1 1 ? 
ATOM   356  C  CE2 . PHE A 1 40  ? 14.916  6.741   -4.751  1.000 17.942 ? 79  PHE AAA CE2 1 ? 
ATOM   357  C  CZ  . PHE A 1 40  ? 15.745  7.614   -4.062  1.000 17.327 ? 79  PHE AAA CZ  1 ? 
ATOM   358  N  N   . ALA A 1 41  ? 11.085  4.307   0.976   1.000 11.330 ? 80  ALA AAA N   1 ? 
ATOM   359  C  CA  . ALA A 1 41  ? 9.802   3.831   1.460   1.000 12.352 ? 80  ALA AAA CA  1 ? 
ATOM   360  C  C   . ALA A 1 41  ? 9.084   4.830   2.346   1.000 12.397 ? 80  ALA AAA C   1 ? 
ATOM   361  O  O   . ALA A 1 41  ? 7.846   4.758   2.501   1.000 11.924 ? 80  ALA AAA O   1 ? 
ATOM   362  C  CB  . ALA A 1 41  ? 9.978   2.550   2.242   1.000 13.766 ? 80  ALA AAA CB  1 ? 
ATOM   363  N  N   . TRP A 1 42  ? 9.818   5.679   3.086   1.000 12.263 ? 81  TRP AAA N   1 ? 
ATOM   364  C  CA  . TRP A 1 42  ? 9.259   6.448   4.176   1.000 12.831 ? 81  TRP AAA CA  1 ? 
ATOM   365  C  C   . TRP A 1 42  ? 7.992   7.218   3.822   1.000 12.105 ? 81  TRP AAA C   1 ? 
ATOM   366  O  O   . TRP A 1 42  ? 7.077   7.241   4.685   1.000 12.813 ? 81  TRP AAA O   1 ? 
ATOM   367  C  CB  . TRP A 1 42  ? 10.351  7.306   4.892   1.000 15.255 ? 81  TRP AAA CB  1 ? 
ATOM   368  C  CG  . TRP A 1 42  ? 10.982  8.354   4.038   1.000 15.895 ? 81  TRP AAA CG  1 ? 
ATOM   369  C  CD1 . TRP A 1 42  ? 12.129  8.271   3.273   1.000 16.426 ? 81  TRP AAA CD1 1 ? 
ATOM   370  C  CD2 . TRP A 1 42  ? 10.437  9.631   3.799   1.000 16.207 ? 81  TRP AAA CD2 1 ? 
ATOM   371  N  NE1 . TRP A 1 42  ? 12.310  9.433   2.595   1.000 18.289 ? 81  TRP AAA NE1 1 ? 
ATOM   372  C  CE2 . TRP A 1 42  ? 11.332  10.301  2.930   1.000 17.103 ? 81  TRP AAA CE2 1 ? 
ATOM   373  C  CE3 . TRP A 1 42  ? 9.337   10.306  4.314   1.000 17.927 ? 81  TRP AAA CE3 1 ? 
ATOM   374  C  CZ2 . TRP A 1 42  ? 11.099  11.600  2.513   1.000 19.747 ? 81  TRP AAA CZ2 1 ? 
ATOM   375  C  CZ3 . TRP A 1 42  ? 9.102   11.578  3.875   1.000 19.222 ? 81  TRP AAA CZ3 1 ? 
ATOM   376  C  CH2 . TRP A 1 42  ? 9.980   12.226  3.006   1.000 19.615 ? 81  TRP AAA CH2 1 ? 
ATOM   377  N  N   . PRO A 1 43  ? 7.857   7.862   2.678   1.000 10.430 ? 82  PRO AAA N   1 ? 
ATOM   378  C  CA  . PRO A 1 43  ? 6.607   8.591   2.433   1.000 11.070 ? 82  PRO AAA CA  1 ? 
ATOM   379  C  C   . PRO A 1 43  ? 5.361   7.713   2.304   1.000 10.217 ? 82  PRO AAA C   1 ? 
ATOM   380  O  O   . PRO A 1 43  ? 4.237   8.245   2.326   1.000 11.468 ? 82  PRO AAA O   1 ? 
ATOM   381  C  CB  . PRO A 1 43  ? 6.824   9.261   1.090   1.000 12.058 ? 82  PRO AAA CB  1 ? 
ATOM   382  C  CG  . PRO A 1 43  ? 8.312   9.258   0.863   1.000 12.592 ? 82  PRO AAA CG  1 ? 
ATOM   383  C  CD  . PRO A 1 43  ? 8.781   7.989   1.534   1.000 11.314 ? 82  PRO AAA CD  1 ? 
ATOM   384  N  N   . PHE A 1 44  ? 5.592   6.423   2.121   1.000 9.654  ? 83  PHE AAA N   1 ? 
ATOM   385  C  CA  . PHE A 1 44  ? 4.548   5.459   1.828   1.000 9.540  ? 83  PHE AAA CA  1 ? 
ATOM   386  C  C   . PHE A 1 44  ? 4.235   4.617   3.026   1.000 10.014 ? 83  PHE AAA C   1 ? 
ATOM   387  O  O   . PHE A 1 44  ? 3.408   3.677   2.927   1.000 11.417 ? 83  PHE AAA O   1 ? 
ATOM   388  C  CB  . PHE A 1 44  ? 4.906   4.593   0.632   1.000 10.333 ? 83  PHE AAA CB  1 ? 
ATOM   389  C  CG  . PHE A 1 44  ? 5.228   5.407   -0.571  1.000 9.955  ? 83  PHE AAA CG  1 ? 
ATOM   390  C  CD1 . PHE A 1 44  ? 4.197   5.991   -1.327  1.000 12.031 ? 83  PHE AAA CD1 1 ? 
ATOM   391  C  CD2 . PHE A 1 44  ? 6.544   5.663   -0.908  1.000 10.593 ? 83  PHE AAA CD2 1 ? 
ATOM   392  C  CE1 . PHE A 1 44  ? 4.537   6.816   -2.400  1.000 13.806 ? 83  PHE AAA CE1 1 ? 
ATOM   393  C  CE2 . PHE A 1 44  ? 6.856   6.485   -1.989  1.000 12.404 ? 83  PHE AAA CE2 1 ? 
ATOM   394  C  CZ  . PHE A 1 44  ? 5.853   7.050   -2.736  1.000 14.023 ? 83  PHE AAA CZ  1 ? 
ATOM   395  N  N   . GLN A 1 45  ? 4.837   4.901   4.206   1.000 10.062 ? 84  GLN AAA N   1 ? 
ATOM   396  C  CA  . GLN A 1 45  ? 4.664   4.052   5.370   1.000 10.605 ? 84  GLN AAA CA  1 ? 
ATOM   397  C  C   . GLN A 1 45  ? 3.428   4.403   6.218   1.000 10.349 ? 84  GLN AAA C   1 ? 
ATOM   398  O  O   . GLN A 1 45  ? 3.216   3.748   7.236   1.000 11.810 ? 84  GLN AAA O   1 ? 
ATOM   399  C  CB  . GLN A 1 45  ? 5.946   4.049   6.216   1.000 11.628 ? 84  GLN AAA CB  1 ? 
ATOM   400  C  CG  . GLN A 1 45  ? 7.070   3.239   5.565   1.000 12.621 ? 84  GLN AAA CG  1 ? 
ATOM   401  C  CD  . GLN A 1 45  ? 8.381   3.356   6.336   1.000 13.149 ? 84  GLN AAA CD  1 ? 
ATOM   402  O  OE1 . GLN A 1 45  ? 8.537   4.289   7.103   1.000 17.275 ? 84  GLN AAA OE1 1 ? 
ATOM   403  N  NE2 . GLN A 1 45  ? 9.345   2.485   6.086   1.000 15.060 ? 84  GLN AAA NE2 1 ? 
ATOM   404  N  N   . GLN A 1 46  ? 2.680   5.420   5.833   1.000 10.476 ? 85  GLN AAA N   1 ? 
ATOM   405  C  CA  . GLN A 1 46  ? 1.502   5.856   6.567   1.000 10.904 ? 85  GLN AAA CA  1 ? 
ATOM   406  C  C   . GLN A 1 46  ? 0.621   6.584   5.587   1.000 10.610 ? 85  GLN AAA C   1 ? 
ATOM   407  O  O   . GLN A 1 46  ? 1.077   7.015   4.552   1.000 10.834 ? 85  GLN AAA O   1 ? 
ATOM   408  C  CB  . GLN A 1 46  ? 1.904   6.749   7.749   1.000 11.869 ? 85  GLN AAA CB  1 ? 
ATOM   409  C  CG  . GLN A 1 46  ? 2.669   8.016   7.338   1.000 13.110 ? 85  GLN AAA CG  1 ? 
ATOM   410  C  CD  . GLN A 1 46  ? 4.119   7.773   6.955   1.000 13.320 ? 85  GLN AAA CD  1 ? 
ATOM   411  O  OE1 . GLN A 1 46  ? 4.813   7.080   7.682   1.000 15.827 ? 85  GLN AAA OE1 1 ? 
ATOM   412  N  NE2 . GLN A 1 46  ? 4.553   8.270   5.816   1.000 13.401 ? 85  GLN AAA NE2 1 ? 
ATOM   413  N  N   . PRO A 1 47  ? -0.691  6.742   5.912   1.000 10.769 ? 86  PRO AAA N   1 ? 
ATOM   414  C  CA  . PRO A 1 47  ? -1.595  7.488   5.032   1.000 11.357 ? 86  PRO AAA CA  1 ? 
ATOM   415  C  C   . PRO A 1 47  ? -1.041  8.882   4.756   1.000 11.250 ? 86  PRO AAA C   1 ? 
ATOM   416  O  O   . PRO A 1 47  ? -0.433  9.520   5.620   1.000 12.425 ? 86  PRO AAA O   1 ? 
ATOM   417  C  CB  . PRO A 1 47  ? -2.884  7.564   5.865   1.000 12.686 ? 86  PRO AAA CB  1 ? 
ATOM   418  C  CG  . PRO A 1 47  ? -2.825  6.274   6.656   1.000 13.918 ? 86  PRO AAA CG  1 ? 
ATOM   419  C  CD  . PRO A 1 47  ? -1.380  6.115   7.066   1.000 12.565 ? 86  PRO AAA CD  1 ? 
ATOM   420  N  N   . VAL A 1 48  ? -1.313  9.408   3.570   1.000 11.907 ? 87  VAL AAA N   1 ? 
ATOM   421  C  CA  . VAL A 1 48  ? -1.019  10.770  3.248   1.000 12.308 ? 87  VAL AAA CA  1 ? 
ATOM   422  C  C   . VAL A 1 48  ? -1.731  11.727  4.214   1.000 12.627 ? 87  VAL AAA C   1 ? 
ATOM   423  O  O   . VAL A 1 48  ? -2.965  11.738  4.312   1.000 12.748 ? 87  VAL AAA O   1 ? 
ATOM   424  C  CB  . VAL A 1 48  ? -1.372  11.089  1.797   1.000 12.179 ? 87  VAL AAA CB  1 ? 
ATOM   425  C  CG1 . VAL A 1 48  ? -1.182  12.566  1.516   1.000 14.542 ? 87  VAL AAA CG1 1 ? 
ATOM   426  C  CG2 . VAL A 1 48  ? -0.527  10.258  0.830   1.000 13.339 ? 87  VAL AAA CG2 1 ? 
ATOM   427  N  N   . ASP A 1 49  ? -0.968  12.580  4.901   1.000 12.171 ? 88  ASP AAA N   1 ? 
ATOM   428  C  CA  . ASP A 1 49  ? -1.533  13.570  5.822   1.000 12.742 ? 88  ASP AAA CA  1 ? 
ATOM   429  C  C   . ASP A 1 49  ? -1.609  14.873  5.030   1.000 12.080 ? 88  ASP AAA C   1 ? 
ATOM   430  O  O   . ASP A 1 49  ? -0.597  15.582  4.920   1.000 11.641 ? 88  ASP AAA O   1 ? 
ATOM   431  C  CB  . ASP A 1 49  ? -0.690  13.675  7.083   1.000 14.996 ? 88  ASP AAA CB  1 ? 
ATOM   432  C  CG  . ASP A 1 49  ? -1.248  14.688  8.065   1.000 14.605 ? 88  ASP AAA CG  1 ? 
ATOM   433  O  OD1 . ASP A 1 49  ? -2.055  15.559  7.672   1.000 13.787 ? 88  ASP AAA OD1 1 ? 
ATOM   434  O  OD2 . ASP A 1 49  ? -0.778  14.631  9.246   1.000 19.256 ? 88  ASP AAA OD2 1 ? 
ATOM   435  N  N   . ALA A 1 50  ? -2.746  15.083  4.371   1.000 12.463 ? 89  ALA AAA N   1 ? 
ATOM   436  C  CA  . ALA A 1 50  ? -2.857  16.176  3.428   1.000 13.629 ? 89  ALA AAA CA  1 ? 
ATOM   437  C  C   . ALA A 1 50  ? -2.824  17.526  4.157   1.000 13.329 ? 89  ALA AAA C   1 ? 
ATOM   438  O  O   . ALA A 1 50  ? -2.505  18.557  3.556   1.000 14.196 ? 89  ALA AAA O   1 ? 
ATOM   439  C  CB  . ALA A 1 50  ? -4.155  16.028  2.662   1.000 15.663 ? 89  ALA AAA CB  1 ? 
ATOM   440  N  N   . VAL A 1 51  ? -3.148  17.569  5.451   1.000 13.223 ? 90  VAL AAA N   1 ? 
ATOM   441  C  CA  . VAL A 1 51  ? -3.076  18.811  6.203   1.000 13.697 ? 90  VAL AAA CA  1 ? 
ATOM   442  C  C   . VAL A 1 51  ? -1.620  19.146  6.415   1.000 12.683 ? 90  VAL AAA C   1 ? 
ATOM   443  O  O   . VAL A 1 51  ? -1.187  20.250  6.102   1.000 14.644 ? 90  VAL AAA O   1 ? 
ATOM   444  C  CB  . VAL A 1 51  ? -3.833  18.695  7.545   1.000 15.290 ? 90  VAL AAA CB  1 ? 
ATOM   445  C  CG1 . VAL A 1 51  ? -3.703  19.990  8.339   1.000 19.253 ? 90  VAL AAA CG1 1 ? 
ATOM   446  C  CG2 . VAL A 1 51  ? -5.255  18.319  7.255   1.000 17.896 ? 90  VAL AAA CG2 1 ? 
ATOM   447  N  N   . LYS A 1 52  ? -0.865  18.216  6.957   1.000 13.640 ? 91  LYS AAA N   1 ? 
ATOM   448  C  CA  . LYS A 1 52  ? 0.532   18.477  7.251   1.000 14.471 ? 91  LYS AAA CA  1 ? 
ATOM   449  C  C   . LYS A 1 52  ? 1.302   18.831  5.975   1.000 14.669 ? 91  LYS AAA C   1 ? 
ATOM   450  O  O   . LYS A 1 52  ? 2.197   19.683  6.017   1.000 14.733 ? 91  LYS AAA O   1 ? 
ATOM   451  C  CB  . LYS A 1 52  ? 1.176   17.252  7.916   1.000 17.916 ? 91  LYS AAA CB  1 ? 
ATOM   452  C  CG  . LYS A 1 52  ? 2.579   17.586  8.458   1.000 22.672 ? 91  LYS AAA CG  1 ? 
ATOM   453  C  CD  . LYS A 1 52  ? 3.093   16.728  9.644   1.000 26.982 ? 91  LYS AAA CD  1 ? 
ATOM   454  C  CE  . LYS A 1 52  ? 4.025   17.478  10.603  1.000 28.672 ? 91  LYS AAA CE  1 ? 
ATOM   455  N  NZ  . LYS A 1 52  ? 4.679   16.525  11.522  1.000 30.632 ? 91  LYS AAA NZ  1 ? 
ATOM   456  N  N   . LEU A 1 53  ? 1.013   18.177  4.853   1.000 13.213 ? 92  LEU AAA N   1 ? 
ATOM   457  C  CA  . LEU A 1 53  ? 1.718   18.380  3.581   1.000 14.168 ? 92  LEU AAA CA  1 ? 
ATOM   458  C  C   . LEU A 1 53  ? 1.170   19.546  2.765   1.000 14.600 ? 92  LEU AAA C   1 ? 
ATOM   459  O  O   . LEU A 1 53  ? 1.636   19.788  1.638   1.000 15.645 ? 92  LEU AAA O   1 ? 
ATOM   460  C  CB  . LEU A 1 53  ? 1.703   17.082  2.755   1.000 15.654 ? 92  LEU AAA CB  1 ? 
ATOM   461  C  CG  . LEU A 1 53  ? 2.523   15.966  3.393   1.000 17.740 ? 92  LEU AAA CG  1 ? 
ATOM   462  C  CD1 . LEU A 1 53  ? 2.258   14.590  2.786   1.000 19.597 ? 92  LEU AAA CD1 1 ? 
ATOM   463  C  CD2 . LEU A 1 53  ? 4.004   16.278  3.452   1.000 21.860 ? 92  LEU AAA CD2 1 ? 
ATOM   464  N  N   . ASN A 1 54  ? 0.152   20.229  3.268   1.000 14.153 ? 93  ASN AAA N   1 ? 
ATOM   465  C  CA  . ASN A 1 54  ? -0.516  21.308  2.536   1.000 15.052 ? 93  ASN AAA CA  1 ? 
ATOM   466  C  C   . ASN A 1 54  ? -0.928  20.882  1.119   1.000 15.209 ? 93  ASN AAA C   1 ? 
ATOM   467  O  O   . ASN A 1 54  ? -0.609  21.528  0.095   1.000 17.154 ? 93  ASN AAA O   1 ? 
ATOM   468  C  CB  . ASN A 1 54  ? 0.345   22.578  2.494   1.000 19.261 ? 93  ASN AAA CB  1 ? 
ATOM   469  C  CG  . ASN A 1 54  ? -0.402  23.753  1.887   1.000 22.161 ? 93  ASN AAA CG  1 ? 
ATOM   470  O  OD1 . ASN A 1 54  ? -1.613  23.908  2.079   1.000 25.710 ? 93  ASN AAA OD1 1 ? 
ATOM   471  N  ND2 . ASN A 1 54  ? 0.314   24.596  1.157   1.000 27.776 ? 93  ASN AAA ND2 1 ? 
ATOM   472  N  N   . LEU A 1 55  ? -1.703  19.807  1.054   1.000 12.956 ? 94  LEU AAA N   1 ? 
ATOM   473  C  CA  . LEU A 1 55  ? -2.250  19.279  -0.173  1.000 12.437 ? 94  LEU AAA CA  1 ? 
ATOM   474  C  C   . LEU A 1 55  ? -3.762  19.272  -0.012  1.000 12.033 ? 94  LEU AAA C   1 ? 
ATOM   475  O  O   . LEU A 1 55  ? -4.355  18.226  0.106   1.000 12.281 ? 94  LEU AAA O   1 ? 
ATOM   476  C  CB  . LEU A 1 55  ? -1.737  17.856  -0.395  1.000 12.107 ? 94  LEU AAA CB  1 ? 
ATOM   477  C  CG  . LEU A 1 55  ? -0.207  17.672  -0.438  1.000 15.324 ? 94  LEU AAA CG  1 ? 
ATOM   478  C  CD1 . LEU A 1 55  ? 0.117   16.180  -0.542  1.000 16.051 ? 94  LEU AAA CD1 1 ? 
ATOM   479  C  CD2 . LEU A 1 55  ? 0.446   18.389  -1.592  1.000 16.319 ? 94  LEU AAA CD2 1 ? 
ATOM   480  N  N   . PRO A 1 56  ? -4.438  20.441  0.081   1.000 13.422 ? 95  PRO AAA N   1 ? 
ATOM   481  C  CA  . PRO A 1 56  ? -5.837  20.454  0.446   1.000 12.839 ? 95  PRO AAA CA  1 ? 
ATOM   482  C  C   . PRO A 1 56  ? -6.707  19.738  -0.582  1.000 12.209 ? 95  PRO AAA C   1 ? 
ATOM   483  O  O   . PRO A 1 56  ? -7.789  19.305  -0.230  1.000 14.185 ? 95  PRO AAA O   1 ? 
ATOM   484  C  CB  . PRO A 1 56  ? -6.250  21.947  0.553   1.000 16.100 ? 95  PRO AAA CB  1 ? 
ATOM   485  C  CG  . PRO A 1 56  ? -5.181  22.605  -0.259  1.000 17.743 ? 95  PRO AAA CG  1 ? 
ATOM   486  C  CD  . PRO A 1 56  ? -3.892  21.822  0.035   1.000 15.266 ? 95  PRO AAA CD  1 ? 
ATOM   487  N  N   . ASP A 1 57  ? -6.257  19.604  -1.839  1.000 12.367 ? 96  ASP AAA N   1 ? 
ATOM   488  C  CA  . ASP A 1 57  ? -7.089  18.944  -2.827  1.000 13.034 ? 96  ASP AAA CA  1 ? 
ATOM   489  C  C   . ASP A 1 57  ? -6.839  17.428  -2.840  1.000 11.873 ? 96  ASP AAA C   1 ? 
ATOM   490  O  O   . ASP A 1 57  ? -7.475  16.736  -3.634  1.000 14.086 ? 96  ASP AAA O   1 ? 
ATOM   491  C  CB  . ASP A 1 57  ? -6.852  19.494  -4.248  1.000 14.281 ? 96  ASP AAA CB  1 ? 
ATOM   492  C  CG  . ASP A 1 57  ? -5.445  19.213  -4.764  1.000 15.505 ? 96  ASP AAA CG  1 ? 
ATOM   493  O  OD1 . ASP A 1 57  ? -4.511  18.948  -3.942  1.000 15.886 ? 96  ASP AAA OD1 1 ? 
ATOM   494  O  OD2 . ASP A 1 57  ? -5.213  19.440  -5.956  1.000 19.986 ? 96  ASP AAA OD2 1 ? 
ATOM   495  N  N   . TYR A 1 58  ? -5.940  16.878  -1.974  1.000 11.681 ? 97  TYR AAA N   1 ? 
ATOM   496  C  CA  . TYR A 1 58  ? -5.514  15.491  -2.196  1.000 11.017 ? 97  TYR AAA CA  1 ? 
ATOM   497  C  C   . TYR A 1 58  ? -6.695  14.518  -2.188  1.000 11.861 ? 97  TYR AAA C   1 ? 
ATOM   498  O  O   . TYR A 1 58  ? -6.842  13.676  -3.076  1.000 12.640 ? 97  TYR AAA O   1 ? 
ATOM   499  C  CB  . TYR A 1 58  ? -4.473  15.077  -1.152  1.000 11.621 ? 97  TYR AAA CB  1 ? 
ATOM   500  C  CG  . TYR A 1 58  ? -3.923  13.665  -1.373  1.000 11.095 ? 97  TYR AAA CG  1 ? 
ATOM   501  C  CD1 . TYR A 1 58  ? -2.882  13.464  -2.295  1.000 12.080 ? 97  TYR AAA CD1 1 ? 
ATOM   502  C  CD2 . TYR A 1 58  ? -4.482  12.561  -0.758  1.000 11.718 ? 97  TYR AAA CD2 1 ? 
ATOM   503  C  CE1 . TYR A 1 58  ? -2.384  12.194  -2.544  1.000 11.156 ? 97  TYR AAA CE1 1 ? 
ATOM   504  C  CE2 . TYR A 1 58  ? -4.019  11.276  -1.014  1.000 11.356 ? 97  TYR AAA CE2 1 ? 
ATOM   505  C  CZ  . TYR A 1 58  ? -2.974  11.095  -1.906  1.000 10.902 ? 97  TYR AAA CZ  1 ? 
ATOM   506  O  OH  . TYR A 1 58  ? -2.531  9.826   -2.159  1.000 12.350 ? 97  TYR AAA OH  1 ? 
ATOM   507  N  N   . TYR A 1 59  ? -7.550  14.650  -1.170  1.000 12.253 ? 98  TYR AAA N   1 ? 
ATOM   508  C  CA  . TYR A 1 59  ? -8.638  13.705  -0.971  1.000 13.212 ? 98  TYR AAA CA  1 ? 
ATOM   509  C  C   . TYR A 1 59  ? -9.848  14.128  -1.807  1.000 14.899 ? 98  TYR AAA C   1 ? 
ATOM   510  O  O   . TYR A 1 59  ? -10.864 13.455  -1.692  1.000 19.214 ? 98  TYR AAA O   1 ? 
ATOM   511  C  CB  . TYR A 1 59  ? -8.887  13.433  0.529   1.000 12.558 ? 98  TYR AAA CB  1 ? 
ATOM   512  C  CG  . TYR A 1 59  ? -7.768  12.647  1.182   1.000 12.161 ? 98  TYR AAA CG  1 ? 
ATOM   513  C  CD1 . TYR A 1 59  ? -7.585  11.316  0.854   1.000 13.255 ? 98  TYR AAA CD1 1 ? 
ATOM   514  C  CD2 . TYR A 1 59  ? -6.927  13.235  2.122   1.000 12.070 ? 98  TYR AAA CD2 1 ? 
ATOM   515  C  CE1 . TYR A 1 59  ? -6.577  10.579  1.458   1.000 12.509 ? 98  TYR AAA CE1 1 ? 
ATOM   516  C  CE2 . TYR A 1 59  ? -5.917  12.497  2.719   1.000 12.180 ? 98  TYR AAA CE2 1 ? 
ATOM   517  C  CZ  . TYR A 1 59  ? -5.735  11.148  2.382   1.000 12.263 ? 98  TYR AAA CZ  1 ? 
ATOM   518  O  OH  . TYR A 1 59  ? -4.793  10.337  2.941   1.000 13.594 ? 98  TYR AAA OH  1 ? 
ATOM   519  N  N   . LYS A 1 60  ? -9.731  15.204  -2.582  1.000 14.985 ? 99  LYS AAA N   1 ? 
ATOM   520  C  CA  . LYS A 1 60  ? -10.695 15.507  -3.635  1.000 19.140 ? 99  LYS AAA CA  1 ? 
ATOM   521  C  C   . LYS A 1 60  ? -10.365 14.702  -4.891  1.000 17.547 ? 99  LYS AAA C   1 ? 
ATOM   522  O  O   . LYS A 1 60  ? -11.273 14.365  -5.650  1.000 22.913 ? 99  LYS AAA O   1 ? 
ATOM   523  C  CB  . LYS A 1 60  ? -10.729 16.998  -4.011  1.000 22.537 ? 99  LYS AAA CB  1 ? 
ATOM   524  C  CG  . LYS A 1 60  ? -10.809 18.014  -2.894  1.000 27.374 ? 99  LYS AAA CG  1 ? 
ATOM   525  C  CD  . LYS A 1 60  ? -12.075 18.067  -2.088  1.000 31.144 ? 99  LYS AAA CD  1 ? 
ATOM   526  C  CE  . LYS A 1 60  ? -11.934 19.080  -0.967  1.000 29.741 ? 99  LYS AAA CE  1 ? 
ATOM   527  N  NZ  . LYS A 1 60  ? -13.224 19.287  -0.270  1.000 38.036 ? 99  LYS AAA NZ  1 ? 
ATOM   528  N  N   A ILE A 1 61  ? -9.060  14.469  -5.136  0.500 15.061 ? 100 ILE AAA N   1 ? 
ATOM   529  N  N   B ILE A 1 61  ? -9.083  14.365  -5.095  0.500 14.893 ? 100 ILE AAA N   1 ? 
ATOM   530  C  CA  A ILE A 1 61  ? -8.573  13.767  -6.316  0.500 16.228 ? 100 ILE AAA CA  1 ? 
ATOM   531  C  CA  B ILE A 1 61  ? -8.619  13.732  -6.322  0.500 15.931 ? 100 ILE AAA CA  1 ? 
ATOM   532  C  C   A ILE A 1 61  ? -8.556  12.250  -6.028  0.500 13.606 ? 100 ILE AAA C   1 ? 
ATOM   533  C  C   B ILE A 1 61  ? -8.362  12.238  -6.118  0.500 13.301 ? 100 ILE AAA C   1 ? 
ATOM   534  O  O   A ILE A 1 61  ? -9.211  11.450  -6.715  0.500 15.052 ? 100 ILE AAA O   1 ? 
ATOM   535  O  O   B ILE A 1 61  ? -8.490  11.453  -7.040  0.500 13.710 ? 100 ILE AAA O   1 ? 
ATOM   536  C  CB  A ILE A 1 61  ? -7.192  14.352  -6.720  0.500 15.983 ? 100 ILE AAA CB  1 ? 
ATOM   537  C  CB  B ILE A 1 61  ? -7.342  14.447  -6.783  0.500 15.792 ? 100 ILE AAA CB  1 ? 
ATOM   538  C  CG1 A ILE A 1 61  ? -7.218  15.878  -6.894  0.500 18.383 ? 100 ILE AAA CG1 1 ? 
ATOM   539  C  CG1 B ILE A 1 61  ? -7.682  15.875  -7.210  0.500 17.594 ? 100 ILE AAA CG1 1 ? 
ATOM   540  C  CG2 A ILE A 1 61  ? -6.654  13.659  -7.960  0.500 17.994 ? 100 ILE AAA CG2 1 ? 
ATOM   541  C  CG2 B ILE A 1 61  ? -6.659  13.687  -7.907  0.500 17.801 ? 100 ILE AAA CG2 1 ? 
ATOM   542  C  CD1 A ILE A 1 61  ? -8.242  16.336  -7.892  0.500 18.769 ? 100 ILE AAA CD1 1 ? 
ATOM   543  C  CD1 B ILE A 1 61  ? -6.466  16.700  -7.421  0.500 16.749 ? 100 ILE AAA CD1 1 ? 
ATOM   544  N  N   . ILE A 1 62  ? -7.868  11.882  -4.935  1.000 12.458 ? 101 ILE AAA N   1 ? 
ATOM   545  C  CA  . ILE A 1 62  ? -7.595  10.496  -4.613  1.000 12.354 ? 101 ILE AAA CA  1 ? 
ATOM   546  C  C   . ILE A 1 62  ? -8.730  10.006  -3.735  1.000 12.816 ? 101 ILE AAA C   1 ? 
ATOM   547  O  O   . ILE A 1 62  ? -8.827  10.343  -2.540  1.000 14.252 ? 101 ILE AAA O   1 ? 
ATOM   548  C  CB  . ILE A 1 62  ? -6.215  10.362  -3.954  1.000 12.126 ? 101 ILE AAA CB  1 ? 
ATOM   549  C  CG1 . ILE A 1 62  ? -5.093  10.844  -4.876  1.000 12.912 ? 101 ILE AAA CG1 1 ? 
ATOM   550  C  CG2 . ILE A 1 62  ? -5.987  8.929   -3.483  1.000 12.685 ? 101 ILE AAA CG2 1 ? 
ATOM   551  C  CD1 . ILE A 1 62  ? -5.069  10.177  -6.247  1.000 12.841 ? 101 ILE AAA CD1 1 ? 
ATOM   552  N  N   . LYS A 1 63  ? -9.583  9.191   -4.319  1.000 12.852 ? 102 LYS AAA N   1 ? 
ATOM   553  C  CA  . LYS A 1 63  ? -10.773 8.719   -3.644  1.000 13.659 ? 102 LYS AAA CA  1 ? 
ATOM   554  C  C   . LYS A 1 63  ? -10.566 7.292   -3.162  1.000 14.153 ? 102 LYS AAA C   1 ? 
ATOM   555  O  O   . LYS A 1 63  ? -11.430 6.779   -2.454  1.000 17.086 ? 102 LYS AAA O   1 ? 
ATOM   556  C  CB  . LYS A 1 63  ? -12.006 8.809   -4.533  1.000 16.951 ? 102 LYS AAA CB  1 ? 
ATOM   557  C  CG  . LYS A 1 63  ? -12.372 10.219  -4.943  1.000 17.151 ? 102 LYS AAA CG  1 ? 
ATOM   558  C  CD  . LYS A 1 63  ? -12.452 11.083  -3.721  1.000 23.510 ? 102 LYS AAA CD  1 ? 
ATOM   559  C  CE  . LYS A 1 63  ? -13.497 12.160  -3.848  1.000 27.919 ? 102 LYS AAA CE  1 ? 
ATOM   560  N  NZ  . LYS A 1 63  ? -13.417 12.993  -2.644  1.000 22.570 ? 102 LYS AAA NZ  1 ? 
ATOM   561  N  N   . THR A 1 64  ? -9.468  6.590   -3.496  1.000 13.847 ? 103 THR AAA N   1 ? 
ATOM   562  C  CA  . THR A 1 64  ? -9.171  5.274   -2.940  1.000 15.040 ? 103 THR AAA CA  1 ? 
ATOM   563  C  C   . THR A 1 64  ? -7.740  5.345   -2.416  1.000 11.890 ? 103 THR AAA C   1 ? 
ATOM   564  O  O   . THR A 1 64  ? -6.795  4.733   -2.953  1.000 12.045 ? 103 THR AAA O   1 ? 
ATOM   565  C  CB  . THR A 1 64  ? -9.408  4.095   -3.890  1.000 20.766 ? 103 THR AAA CB  1 ? 
ATOM   566  O  OG1 . THR A 1 64  ? -8.505  4.395   -4.937  1.000 27.214 ? 103 THR AAA OG1 1 ? 
ATOM   567  C  CG2 . THR A 1 64  ? -10.780 4.094   -4.519  1.000 21.763 ? 103 THR AAA CG2 1 ? 
ATOM   568  N  N   . PRO A 1 65  ? -7.513  6.026   -1.289  1.000 11.390 ? 104 PRO AAA N   1 ? 
ATOM   569  C  CA  . PRO A 1 65  ? -6.169  6.118   -0.723  1.000 11.610 ? 104 PRO AAA CA  1 ? 
ATOM   570  C  C   . PRO A 1 65  ? -5.682  4.755   -0.267  1.000 10.042 ? 104 PRO AAA C   1 ? 
ATOM   571  O  O   . PRO A 1 65  ? -6.424  3.901   0.170   1.000 11.736 ? 104 PRO AAA O   1 ? 
ATOM   572  C  CB  . PRO A 1 65  ? -6.320  7.030   0.507   1.000 14.325 ? 104 PRO AAA CB  1 ? 
ATOM   573  C  CG  . PRO A 1 65  ? -7.816  7.395   0.544   1.000 13.897 ? 104 PRO AAA CG  1 ? 
ATOM   574  C  CD  . PRO A 1 65  ? -8.582  6.656   -0.482  1.000 13.484 ? 104 PRO AAA CD  1 ? 
ATOM   575  N  N   . MET A 1 66  ? -4.358  4.588   -0.338  1.000 9.663  ? 105 MET AAA N   1 ? 
ATOM   576  C  CA  . MET A 1 66  ? -3.766  3.359   0.202   1.000 9.300  ? 105 MET AAA CA  1 ? 
ATOM   577  C  C   . MET A 1 66  ? -2.302  3.654   0.506   1.000 9.592  ? 105 MET AAA C   1 ? 
ATOM   578  O  O   . MET A 1 66  ? -1.655  4.467   -0.192  1.000 11.284 ? 105 MET AAA O   1 ? 
ATOM   579  C  CB  . MET A 1 66  ? -3.920  2.205   -0.785  1.000 10.290 ? 105 MET AAA CB  1 ? 
ATOM   580  C  CG  . MET A 1 66  ? -3.447  0.837   -0.269  1.000 10.835 ? 105 MET AAA CG  1 ? 
ATOM   581  S  SD  . MET A 1 66  ? -4.146  0.364   1.334   1.000 10.426 ? 105 MET AAA SD  1 ? 
ATOM   582  C  CE  . MET A 1 66  ? -5.913  0.429   0.999   1.000 12.750 ? 105 MET AAA CE  1 ? 
ATOM   583  N  N   . ASP A 1 67  ? -1.728  2.979   1.481   1.000 10.030 ? 106 ASP AAA N   1 ? 
ATOM   584  C  CA  . ASP A 1 67  ? -0.351  3.180   1.933   1.000 9.794  ? 106 ASP AAA CA  1 ? 
ATOM   585  C  C   . ASP A 1 67  ? 0.151   1.861   2.469   1.000 9.107  ? 106 ASP AAA C   1 ? 
ATOM   586  O  O   . ASP A 1 67  ? -0.631  0.972   2.820   1.000 8.973  ? 106 ASP AAA O   1 ? 
ATOM   587  C  CB  . ASP A 1 67  ? -0.248  4.313   2.972   1.000 10.953 ? 106 ASP AAA CB  1 ? 
ATOM   588  C  CG  . ASP A 1 67  ? -0.978  3.894   4.236   1.000 10.740 ? 106 ASP AAA CG  1 ? 
ATOM   589  O  OD1 . ASP A 1 67  ? -2.281  3.956   4.259   1.000 11.545 ? 106 ASP AAA OD1 1 ? 
ATOM   590  O  OD2 . ASP A 1 67  ? -0.302  3.405   5.156   1.000 11.379 ? 106 ASP AAA OD2 1 ? 
ATOM   591  N  N   . MET A 1 68  ? 1.487   1.750   2.600   1.000 9.602  ? 107 MET AAA N   1 ? 
ATOM   592  C  CA  . MET A 1 68  ? 2.072   0.538   3.110   1.000 9.894  ? 107 MET AAA CA  1 ? 
ATOM   593  C  C   . MET A 1 68  ? 1.864   0.305   4.581   1.000 9.699  ? 107 MET AAA C   1 ? 
ATOM   594  O  O   . MET A 1 68  ? 1.916   -0.841  5.015   1.000 10.942 ? 107 MET AAA O   1 ? 
ATOM   595  C  CB  . MET A 1 68  ? 3.557   0.429   2.821   1.000 10.516 ? 107 MET AAA CB  1 ? 
ATOM   596  C  CG  . MET A 1 68  ? 3.907   0.315   1.356   1.000 12.383 ? 107 MET AAA CG  1 ? 
ATOM   597  S  SD  . MET A 1 68  ? 5.520   -0.352  1.022   1.000 13.006 ? 107 MET AAA SD  1 ? 
ATOM   598  C  CE  . MET A 1 68  ? 6.599   0.852   1.805   1.000 14.381 ? 107 MET AAA CE  1 ? 
ATOM   599  N  N   . GLY A 1 69  ? 1.606   1.360   5.354   1.000 10.013 ? 108 GLY AAA N   1 ? 
ATOM   600  C  CA  . GLY A 1 69  ? 1.285   1.135   6.763   1.000 11.626 ? 108 GLY AAA CA  1 ? 
ATOM   601  C  C   . GLY A 1 69  ? -0.021  0.361   6.909   1.000 11.316 ? 108 GLY AAA C   1 ? 
ATOM   602  O  O   . GLY A 1 69  ? -0.144  -0.587  7.691   1.000 11.560 ? 108 GLY AAA O   1 ? 
ATOM   603  N  N   . THR A 1 70  ? -0.992  0.756   6.075   1.000 10.012 ? 109 THR AAA N   1 ? 
ATOM   604  C  CA  . THR A 1 70  ? -2.277  0.072   6.041   1.000 9.876  ? 109 THR AAA CA  1 ? 
ATOM   605  C  C   . THR A 1 70  ? -2.109  -1.336  5.526   1.000 9.194  ? 109 THR AAA C   1 ? 
ATOM   606  O  O   . THR A 1 70  ? -2.662  -2.283  6.096   1.000 10.038 ? 109 THR AAA O   1 ? 
ATOM   607  C  CB  . THR A 1 70  ? -3.249  0.837   5.149   1.000 10.216 ? 109 THR AAA CB  1 ? 
ATOM   608  O  OG1 . THR A 1 70  ? -3.491  2.137   5.724   1.000 12.152 ? 109 THR AAA OG1 1 ? 
ATOM   609  C  CG2 . THR A 1 70  ? -4.561  0.116   4.964   1.000 11.305 ? 109 THR AAA CG2 1 ? 
ATOM   610  N  N   . ILE A 1 71  ? -1.311  -1.534  4.485   1.000 9.083  ? 110 ILE AAA N   1 ? 
ATOM   611  C  CA  . ILE A 1 71  ? -1.118  -2.881  3.940   1.000 9.487  ? 110 ILE AAA CA  1 ? 
ATOM   612  C  C   . ILE A 1 71  ? -0.441  -3.758  4.986   1.000 9.959  ? 110 ILE AAA C   1 ? 
ATOM   613  O  O   . ILE A 1 71  ? -0.810  -4.916  5.184   1.000 10.200 ? 110 ILE AAA O   1 ? 
ATOM   614  C  CB  . ILE A 1 71  ? -0.299  -2.841  2.647   1.000 9.157  ? 110 ILE AAA CB  1 ? 
ATOM   615  C  CG1 . ILE A 1 71  ? -1.092  -2.144  1.549   1.000 9.398  ? 110 ILE AAA CG1 1 ? 
ATOM   616  C  CG2 . ILE A 1 71  ? 0.087   -4.234  2.204   1.000 11.054 ? 110 ILE AAA CG2 1 ? 
ATOM   617  C  CD1 . ILE A 1 71  ? -0.257  -1.746  0.316   1.000 10.671 ? 110 ILE AAA CD1 1 ? 
ATOM   618  N  N   . LYS A 1 72  ? 0.584   -3.214  5.685   1.000 10.639 ? 111 LYS AAA N   1 ? 
ATOM   619  C  CA  . LYS A 1 72  ? 1.254   -3.979  6.746   1.000 12.642 ? 111 LYS AAA CA  1 ? 
ATOM   620  C  C   . LYS A 1 72  ? 0.258   -4.437  7.806   1.000 12.296 ? 111 LYS AAA C   1 ? 
ATOM   621  O  O   . LYS A 1 72  ? 0.294   -5.591  8.261   1.000 13.141 ? 111 LYS AAA O   1 ? 
ATOM   622  C  CB  . LYS A 1 72  ? 2.372   -3.121  7.333   1.000 13.169 ? 111 LYS AAA CB  1 ? 
ATOM   623  C  CG  . LYS A 1 72  ? 3.161   -3.798  8.454   1.000 17.244 ? 111 LYS AAA CG  1 ? 
ATOM   624  C  CD  . LYS A 1 72  ? 4.330   -2.891  8.788   1.000 19.194 ? 111 LYS AAA CD  1 ? 
ATOM   625  C  CE  . LYS A 1 72  ? 5.352   -3.565  9.683   1.000 27.636 ? 111 LYS AAA CE  1 ? 
ATOM   626  N  NZ  . LYS A 1 72  ? 4.805   -3.496  11.042  1.000 30.961 ? 111 LYS AAA NZ  1 ? 
ATOM   627  N  N   . LYS A 1 73  ? -0.620  -3.539  8.246   1.000 12.454 ? 112 LYS AAA N   1 ? 
ATOM   628  C  CA  . LYS A 1 73  ? -1.570  -3.933  9.288   1.000 13.719 ? 112 LYS AAA CA  1 ? 
ATOM   629  C  C   . LYS A 1 73  ? -2.540  -4.975  8.726   1.000 11.876 ? 112 LYS AAA C   1 ? 
ATOM   630  O  O   . LYS A 1 73  ? -2.920  -5.912  9.437   1.000 12.757 ? 112 LYS AAA O   1 ? 
ATOM   631  C  CB  . LYS A 1 73  ? -2.426  -2.711  9.675   1.000 14.796 ? 112 LYS AAA CB  1 ? 
ATOM   632  C  CG  . LYS A 1 73  ? -1.808  -1.662  10.592  1.000 21.982 ? 112 LYS AAA CG  1 ? 
ATOM   633  C  CD  . LYS A 1 73  ? -2.831  -0.538  10.904  1.000 25.560 ? 112 LYS AAA CD  1 ? 
ATOM   634  C  CE  . LYS A 1 73  ? -2.260  0.601   11.729  1.000 31.940 ? 112 LYS AAA CE  1 ? 
ATOM   635  N  NZ  . LYS A 1 73  ? -1.275  1.407   10.963  1.000 45.267 ? 112 LYS AAA NZ  1 ? 
ATOM   636  N  N   . ARG A 1 74  ? -2.978  -4.818  7.474   1.000 10.702 ? 113 ARG AAA N   1 ? 
ATOM   637  C  CA  . ARG A 1 74  ? -3.895  -5.779  6.862   1.000 9.971  ? 113 ARG AAA CA  1 ? 
ATOM   638  C  C   . ARG A 1 74  ? -3.215  -7.141  6.801   1.000 10.464 ? 113 ARG AAA C   1 ? 
ATOM   639  O  O   . ARG A 1 74  ? -3.847  -8.162  7.053   1.000 12.470 ? 113 ARG AAA O   1 ? 
ATOM   640  C  CB  . ARG A 1 74  ? -4.325  -5.324  5.477   1.000 9.417  ? 113 ARG AAA CB  1 ? 
ATOM   641  C  CG  . ARG A 1 74  ? -5.358  -4.212  5.546   1.000 9.844  ? 113 ARG AAA CG  1 ? 
ATOM   642  C  CD  . ARG A 1 74  ? -5.761  -3.781  4.153   1.000 10.084 ? 113 ARG AAA CD  1 ? 
ATOM   643  N  NE  . ARG A 1 74  ? -6.884  -2.836  4.273   1.000 10.464 ? 113 ARG AAA NE  1 ? 
ATOM   644  C  CZ  . ARG A 1 74  ? -7.658  -2.469  3.294   1.000 10.014 ? 113 ARG AAA CZ  1 ? 
ATOM   645  N  NH1 . ARG A 1 74  ? -7.392  -2.811  2.042   1.000 11.830 ? 113 ARG AAA NH1 1 ? 
ATOM   646  N  NH2 . ARG A 1 74  ? -8.719  -1.710  3.558   1.000 12.887 ? 113 ARG AAA NH2 1 ? 
ATOM   647  N  N   . LEU A 1 75  ? -1.935  -7.206  6.441   1.000 10.444 ? 114 LEU AAA N   1 ? 
ATOM   648  C  CA  . LEU A 1 75  ? -1.231  -8.488  6.398   1.000 10.756 ? 114 LEU AAA CA  1 ? 
ATOM   649  C  C   . LEU A 1 75  ? -1.010  -9.058  7.809   1.000 12.060 ? 114 LEU AAA C   1 ? 
ATOM   650  O  O   . LEU A 1 75  ? -1.256  -10.249 8.059   1.000 13.609 ? 114 LEU AAA O   1 ? 
ATOM   651  C  CB  . LEU A 1 75  ? 0.122   -8.330  5.709   1.000 10.546 ? 114 LEU AAA CB  1 ? 
ATOM   652  C  CG  . LEU A 1 75  ? -0.003  -8.162  4.206   1.000 10.712 ? 114 LEU AAA CG  1 ? 
ATOM   653  C  CD1 . LEU A 1 75  ? 1.315   -7.657  3.645   1.000 11.564 ? 114 LEU AAA CD1 1 ? 
ATOM   654  C  CD2 . LEU A 1 75  ? -0.412  -9.455  3.490   1.000 11.412 ? 114 LEU AAA CD2 1 ? 
ATOM   655  N  N   . GLU A 1 76  ? -0.589  -8.236  8.762   1.000 12.107 ? 115 GLU AAA N   1 ? 
ATOM   656  C  CA  . GLU A 1 76  ? -0.308  -8.731  10.112  1.000 14.853 ? 115 GLU AAA CA  1 ? 
ATOM   657  C  C   . GLU A 1 76  ? -1.569  -9.140  10.865  1.000 16.997 ? 115 GLU AAA C   1 ? 
ATOM   658  O  O   . GLU A 1 76  ? -1.494  -10.037 11.710  1.000 19.453 ? 115 GLU AAA O   1 ? 
ATOM   659  C  CB  . GLU A 1 76  ? 0.470   -7.684  10.882  1.000 16.138 ? 115 GLU AAA CB  1 ? 
ATOM   660  C  CG  . GLU A 1 76  ? 1.890   -7.519  10.343  1.000 18.339 ? 115 GLU AAA CG  1 ? 
ATOM   661  C  CD  . GLU A 1 76  ? 2.713   -6.424  10.995  1.000 25.526 ? 115 GLU AAA CD  1 ? 
ATOM   662  O  OE1 . GLU A 1 76  ? 2.139   -5.585  11.675  1.000 28.641 ? 115 GLU AAA OE1 1 ? 
ATOM   663  O  OE2 . GLU A 1 76  ? 3.900   -6.373  10.727  1.000 29.047 ? 115 GLU AAA OE2 1 ? 
ATOM   664  N  N   . ASN A 1 77  ? -2.704  -8.515  10.532  1.000 15.845 ? 116 ASN AAA N   1 ? 
ATOM   665  C  CA  . ASN A 1 77  ? -3.988  -8.815  11.151  1.000 18.001 ? 116 ASN AAA CA  1 ? 
ATOM   666  C  C   . ASN A 1 77  ? -4.814  -9.786  10.314  1.000 16.270 ? 116 ASN AAA C   1 ? 
ATOM   667  O  O   . ASN A 1 77  ? -5.990  -10.028 10.625  1.000 20.802 ? 116 ASN AAA O   1 ? 
ATOM   668  C  CB  . ASN A 1 77  ? -4.919  -7.609  11.059  1.000 21.729 ? 116 ASN AAA CB  1 ? 
ATOM   669  C  CG  . ASN A 1 77  ? -4.562  -6.465  11.961  1.000 27.914 ? 116 ASN AAA CG  1 ? 
ATOM   670  O  OD1 . ASN A 1 77  ? -5.161  -5.384  11.825  1.000 31.386 ? 116 ASN AAA OD1 1 ? 
ATOM   671  N  ND2 . ASN A 1 77  ? -3.545  -6.661  12.794  1.000 28.421 ? 116 ASN AAA ND2 1 ? 
ATOM   672  N  N   A ASN A 1 78  ? -4.242  -10.383 9.282   0.500 16.174 ? 117 ASN AAA N   1 ? 
ATOM   673  N  N   B ASN A 1 78  ? -4.183  -10.428 9.346   0.500 17.726 ? 117 ASN AAA N   1 ? 
ATOM   674  C  CA  A ASN A 1 78  ? -4.998  -11.316 8.465   0.500 14.963 ? 117 ASN AAA CA  1 ? 
ATOM   675  C  CA  B ASN A 1 78  ? -4.805  -11.158 8.260   0.500 16.984 ? 117 ASN AAA CA  1 ? 
ATOM   676  C  C   A ASN A 1 78  ? -6.357  -10.668 8.135   0.500 14.908 ? 117 ASN AAA C   1 ? 
ATOM   677  C  C   B ASN A 1 78  ? -6.220  -10.866 7.827   0.500 15.844 ? 117 ASN AAA C   1 ? 
ATOM   678  O  O   A ASN A 1 78  ? -7.439  -11.069 8.562   0.500 13.716 ? 117 ASN AAA O   1 ? 
ATOM   679  O  O   B ASN A 1 78  ? -7.106  -11.746 7.813   0.500 16.068 ? 117 ASN AAA O   1 ? 
ATOM   680  C  CB  A ASN A 1 78  ? -4.947  -12.766 9.013   0.500 17.725 ? 117 ASN AAA CB  1 ? 
ATOM   681  C  CB  B ASN A 1 78  ? -3.994  -12.082 7.395   0.500 23.717 ? 117 ASN AAA CB  1 ? 
ATOM   682  C  CG  A ASN A 1 78  ? -3.577  -13.230 9.507   0.500 17.348 ? 117 ASN AAA CG  1 ? 
ATOM   683  C  CG  B ASN A 1 78  ? -4.256  -11.599 5.984   0.500 20.141 ? 117 ASN AAA CG  1 ? 
ATOM   684  O  OD1 A ASN A 1 78  ? -2.644  -13.447 8.717   0.500 18.703 ? 117 ASN AAA OD1 1 ? 
ATOM   685  O  OD1 B ASN A 1 78  ? -4.868  -12.266 5.204   0.500 15.284 ? 117 ASN AAA OD1 1 ? 
ATOM   686  N  ND2 A ASN A 1 78  ? -3.429  -13.397 10.813  0.500 21.560 ? 117 ASN AAA ND2 1 ? 
ATOM   687  N  ND2 B ASN A 1 78  ? -3.842  -10.392 5.663   0.500 20.002 ? 117 ASN AAA ND2 1 ? 
ATOM   688  N  N   . TYR A 1 79  ? -6.313  -9.633  7.316   1.000 13.097 ? 118 TYR AAA N   1 ? 
ATOM   689  C  CA  . TYR A 1 79  ? -7.511  -9.024  6.788   1.000 12.234 ? 118 TYR AAA CA  1 ? 
ATOM   690  C  C   . TYR A 1 79  ? -7.964  -9.602  5.459   1.000 10.303 ? 118 TYR AAA C   1 ? 
ATOM   691  O  O   . TYR A 1 79  ? -9.091  -9.452  5.068   1.000 10.585 ? 118 TYR AAA O   1 ? 
ATOM   692  C  CB  . TYR A 1 79  ? -7.219  -7.522  6.683   1.000 11.656 ? 118 TYR AAA CB  1 ? 
ATOM   693  C  CG  . TYR A 1 79  ? -8.318  -6.678  6.136   1.000 11.598 ? 118 TYR AAA CG  1 ? 
ATOM   694  C  CD1 . TYR A 1 79  ? -9.353  -6.238  6.949   1.000 12.243 ? 118 TYR AAA CD1 1 ? 
ATOM   695  C  CD2 . TYR A 1 79  ? -8.305  -6.296  4.810   1.000 12.769 ? 118 TYR AAA CD2 1 ? 
ATOM   696  C  CE1 . TYR A 1 79  ? -10.381 -5.461  6.449   1.000 12.840 ? 118 TYR AAA CE1 1 ? 
ATOM   697  C  CE2 . TYR A 1 79  ? -9.288  -5.487  4.325   1.000 12.982 ? 118 TYR AAA CE2 1 ? 
ATOM   698  C  CZ  . TYR A 1 79  ? -10.323 -5.055  5.123   1.000 13.268 ? 118 TYR AAA CZ  1 ? 
ATOM   699  O  OH  . TYR A 1 79  ? -11.332 -4.283  4.582   1.000 15.472 ? 118 TYR AAA OH  1 ? 
ATOM   700  N  N   . TYR A 1 80  ? -7.010  -10.100 4.686   1.000 10.613 ? 119 TYR AAA N   1 ? 
ATOM   701  C  CA  . TYR A 1 80  ? -7.242  -10.465 3.292   1.000 10.635 ? 119 TYR AAA CA  1 ? 
ATOM   702  C  C   . TYR A 1 80  ? -7.785  -11.866 3.152   1.000 11.151 ? 119 TYR AAA C   1 ? 
ATOM   703  O  O   . TYR A 1 80  ? -7.442  -12.764 3.952   1.000 12.666 ? 119 TYR AAA O   1 ? 
ATOM   704  C  CB  . TYR A 1 80  ? -5.918  -10.360 2.527   1.000 11.616 ? 119 TYR AAA CB  1 ? 
ATOM   705  C  CG  . TYR A 1 80  ? -5.353  -8.976  2.426   1.000 10.108 ? 119 TYR AAA CG  1 ? 
ATOM   706  C  CD1 . TYR A 1 80  ? -6.009  -7.987  1.739   1.000 10.295 ? 119 TYR AAA CD1 1 ? 
ATOM   707  C  CD2 . TYR A 1 80  ? -4.116  -8.668  2.980   1.000 10.714 ? 119 TYR AAA CD2 1 ? 
ATOM   708  C  CE1 . TYR A 1 80  ? -5.473  -6.718  1.522   1.000 9.792  ? 119 TYR AAA CE1 1 ? 
ATOM   709  C  CE2 . TYR A 1 80  ? -3.551  -7.418  2.811   1.000 10.950 ? 119 TYR AAA CE2 1 ? 
ATOM   710  C  CZ  . TYR A 1 80  ? -4.202  -6.471  2.054   1.000 9.555  ? 119 TYR AAA CZ  1 ? 
ATOM   711  O  OH  . TYR A 1 80  ? -3.590  -5.272  1.887   1.000 11.299 ? 119 TYR AAA OH  1 ? 
ATOM   712  N  N   . TRP A 1 81  ? -8.515  -12.064 2.073   1.000 10.690 ? 120 TRP AAA N   1 ? 
ATOM   713  C  CA  . TRP A 1 81  ? -8.883  -13.409 1.641   1.000 10.673 ? 120 TRP AAA CA  1 ? 
ATOM   714  C  C   . TRP A 1 81  ? -7.852  -14.000 0.683   1.000 10.327 ? 120 TRP AAA C   1 ? 
ATOM   715  O  O   . TRP A 1 81  ? -7.644  -15.214 0.657   1.000 12.187 ? 120 TRP AAA O   1 ? 
ATOM   716  C  CB  . TRP A 1 81  ? -10.257 -13.358 0.945   1.000 11.768 ? 120 TRP AAA CB  1 ? 
ATOM   717  C  CG  . TRP A 1 81  ? -10.760 -14.728 0.557   1.000 12.563 ? 120 TRP AAA CG  1 ? 
ATOM   718  C  CD1 . TRP A 1 81  ? -10.762 -15.310 -0.702  1.000 13.185 ? 120 TRP AAA CD1 1 ? 
ATOM   719  C  CD2 . TRP A 1 81  ? -11.290 -15.722 1.439   1.000 11.767 ? 120 TRP AAA CD2 1 ? 
ATOM   720  N  NE1 . TRP A 1 81  ? -11.200 -16.612 -0.624  1.000 14.726 ? 120 TRP AAA NE1 1 ? 
ATOM   721  C  CE2 . TRP A 1 81  ? -11.578 -16.871 0.645   1.000 12.429 ? 120 TRP AAA CE2 1 ? 
ATOM   722  C  CE3 . TRP A 1 81  ? -11.580 -15.775 2.817   1.000 12.122 ? 120 TRP AAA CE3 1 ? 
ATOM   723  C  CZ2 . TRP A 1 81  ? -12.132 -18.014 1.217   1.000 13.898 ? 120 TRP AAA CZ2 1 ? 
ATOM   724  C  CZ3 . TRP A 1 81  ? -12.143 -16.918 3.345   1.000 13.660 ? 120 TRP AAA CZ3 1 ? 
ATOM   725  C  CH2 . TRP A 1 81  ? -12.389 -18.046 2.557   1.000 13.641 ? 120 TRP AAA CH2 1 ? 
ATOM   726  N  N   . ASN A 1 82  ? -7.281  -13.172 -0.202  1.000 10.410 ? 121 ASN AAA N   1 ? 
ATOM   727  C  CA  . ASN A 1 82  ? -6.371  -13.724 -1.193  1.000 10.547 ? 121 ASN AAA CA  1 ? 
ATOM   728  C  C   . ASN A 1 82  ? -5.285  -12.698 -1.497  1.000 9.853  ? 121 ASN AAA C   1 ? 
ATOM   729  O  O   . ASN A 1 82  ? -5.333  -11.519 -1.122  1.000 10.689 ? 121 ASN AAA O   1 ? 
ATOM   730  C  CB  . ASN A 1 82  ? -7.123  -14.220 -2.436  1.000 11.342 ? 121 ASN AAA CB  1 ? 
ATOM   731  C  CG  . ASN A 1 82  ? -7.864  -13.133 -3.138  1.000 11.008 ? 121 ASN AAA CG  1 ? 
ATOM   732  O  OD1 . ASN A 1 82  ? -7.408  -11.987 -3.174  1.000 12.676 ? 121 ASN AAA OD1 1 ? 
ATOM   733  N  ND2 . ASN A 1 82  ? -8.962  -13.435 -3.800  1.000 12.641 ? 121 ASN AAA ND2 1 ? 
ATOM   734  N  N   . ALA A 1 83  ? -4.300  -13.168 -2.249  1.000 10.999 ? 122 ALA AAA N   1 ? 
ATOM   735  C  CA  . ALA A 1 83  ? -3.168  -12.327 -2.662  1.000 10.825 ? 122 ALA AAA CA  1 ? 
ATOM   736  C  C   . ALA A 1 83  ? -3.659  -11.208 -3.544  1.000 9.673  ? 122 ALA AAA C   1 ? 
ATOM   737  O  O   . ALA A 1 83  ? -3.072  -10.114 -3.482  1.000 10.142 ? 122 ALA AAA O   1 ? 
ATOM   738  C  CB  . ALA A 1 83  ? -2.145  -13.151 -3.420  1.000 13.774 ? 122 ALA AAA CB  1 ? 
ATOM   739  N  N   . GLN A 1 84  ? -4.598  -11.431 -4.428  1.000 10.502 ? 123 GLN AAA N   1 ? 
ATOM   740  C  CA  . GLN A 1 84  ? -5.048  -10.411 -5.341  1.000 11.344 ? 123 GLN AAA CA  1 ? 
ATOM   741  C  C   . GLN A 1 84  ? -5.515  -9.162  -4.607  1.000 9.433  ? 123 GLN AAA C   1 ? 
ATOM   742  O  O   . GLN A 1 84  ? -5.270  -8.046  -5.067  1.000 10.249 ? 123 GLN AAA O   1 ? 
ATOM   743  C  CB  . GLN A 1 84  ? -6.169  -10.949 -6.232  1.000 13.616 ? 123 GLN AAA CB  1 ? 
ATOM   744  C  CG  . GLN A 1 84  ? -6.571  -9.899  -7.291  1.000 17.814 ? 123 GLN AAA CG  1 ? 
ATOM   745  C  CD  . GLN A 1 84  ? -5.326  -9.292  -7.951  0.500 22.008 ? 123 GLN AAA CD  1 ? 
ATOM   746  O  OE1 . GLN A 1 84  ? -4.988  -8.091  -7.827  0.500 26.413 ? 123 GLN AAA OE1 1 ? 
ATOM   747  N  NE2 . GLN A 1 84  ? -4.522  -10.139 -8.577  0.500 25.409 ? 123 GLN AAA NE2 1 ? 
ATOM   748  N  N   . GLU A 1 85  ? -6.207  -9.335  -3.486  1.000 9.699  ? 124 GLU AAA N   1 ? 
ATOM   749  C  CA  . GLU A 1 85  ? -6.668  -8.173  -2.742  1.000 9.718  ? 124 GLU AAA CA  1 ? 
ATOM   750  C  C   . GLU A 1 85  ? -5.485  -7.335  -2.267  1.000 9.204  ? 124 GLU AAA C   1 ? 
ATOM   751  O  O   . GLU A 1 85  ? -5.538  -6.078  -2.293  1.000 10.164 ? 124 GLU AAA O   1 ? 
ATOM   752  C  CB  . GLU A 1 85  ? -7.470  -8.592  -1.490  1.000 10.187 ? 124 GLU AAA CB  1 ? 
ATOM   753  C  CG  . GLU A 1 85  ? -8.823  -9.215  -1.812  1.000 11.476 ? 124 GLU AAA CG  1 ? 
ATOM   754  C  CD  . GLU A 1 85  ? -9.626  -9.649  -0.605  1.000 12.637 ? 124 GLU AAA CD  1 ? 
ATOM   755  O  OE1 . GLU A 1 85  ? -10.882 -9.906  -0.770  1.000 16.019 ? 124 GLU AAA OE1 1 ? 
ATOM   756  O  OE2 . GLU A 1 85  ? -9.079  -9.778  0.458   1.000 15.022 ? 124 GLU AAA OE2 1 ? 
ATOM   757  N  N   . CYS A 1 86  ? -4.427  -7.983  -1.794  1.000 8.403  ? 125 CYS AAA N   1 ? 
ATOM   758  C  CA  . CYS A 1 86  ? -3.264  -7.257  -1.304  1.000 9.117  ? 125 CYS AAA CA  1 ? 
ATOM   759  C  C   . CYS A 1 86  ? -2.462  -6.642  -2.447  1.000 8.540  ? 125 CYS AAA C   1 ? 
ATOM   760  O  O   . CYS A 1 86  ? -2.051  -5.464  -2.361  1.000 8.956  ? 125 CYS AAA O   1 ? 
ATOM   761  C  CB  . CYS A 1 86  ? -2.417  -8.247  -0.508  1.000 9.981  ? 125 CYS AAA CB  1 ? 
ATOM   762  S  SG  . CYS A 1 86  ? -0.871  -7.531  0.075   1.000 11.407 ? 125 CYS AAA SG  1 ? 
ATOM   763  N  N   . ILE A 1 87  ? -2.258  -7.390  -3.553  1.000 9.036  ? 126 ILE AAA N   1 ? 
ATOM   764  C  CA  . ILE A 1 87  ? -1.602  -6.831  -4.719  1.000 9.139  ? 126 ILE AAA CA  1 ? 
ATOM   765  C  C   . ILE A 1 87  ? -2.357  -5.619  -5.228  1.000 9.019  ? 126 ILE AAA C   1 ? 
ATOM   766  O  O   . ILE A 1 87  ? -1.730  -4.612  -5.610  1.000 10.205 ? 126 ILE AAA O   1 ? 
ATOM   767  C  CB  . ILE A 1 87  ? -1.438  -7.926  -5.766  1.000 9.559  ? 126 ILE AAA CB  1 ? 
ATOM   768  C  CG1 . ILE A 1 87  ? -0.432  -8.963  -5.261  1.000 11.549 ? 126 ILE AAA CG1 1 ? 
ATOM   769  C  CG2 . ILE A 1 87  ? -1.027  -7.367  -7.133  1.000 11.329 ? 126 ILE AAA CG2 1 ? 
ATOM   770  C  CD1 . ILE A 1 87  ? -0.448  -10.275 -6.065  1.000 12.419 ? 126 ILE AAA CD1 1 ? 
ATOM   771  N  N   . GLN A 1 88  ? -3.678  -5.666  -5.228  1.000 9.442  ? 127 GLN AAA N   1 ? 
ATOM   772  C  CA  . GLN A 1 88  ? -4.433  -4.503  -5.648  1.000 10.012 ? 127 GLN AAA CA  1 ? 
ATOM   773  C  C   . GLN A 1 88  ? -4.179  -3.305  -4.745  1.000 8.982  ? 127 GLN AAA C   1 ? 
ATOM   774  O  O   . GLN A 1 88  ? -4.122  -2.190  -5.259  1.000 9.879  ? 127 GLN AAA O   1 ? 
ATOM   775  C  CB  . GLN A 1 88  ? -5.931  -4.850  -5.659  1.000 11.767 ? 127 GLN AAA CB  1 ? 
ATOM   776  C  CG  . GLN A 1 88  ? -6.802  -3.668  -6.047  1.000 16.867 ? 127 GLN AAA CG  1 ? 
ATOM   777  C  CD  . GLN A 1 88  ? -6.439  -3.166  -7.423  1.000 23.792 ? 127 GLN AAA CD  1 ? 
ATOM   778  O  OE1 . GLN A 1 88  ? -5.830  -2.084  -7.617  1.000 28.379 ? 127 GLN AAA OE1 1 ? 
ATOM   779  N  NE2 . GLN A 1 88  ? -6.730  -3.992  -8.416  1.000 27.719 ? 127 GLN AAA NE2 1 ? 
ATOM   780  N  N   . ASP A 1 89  ? -4.016  -3.509  -3.440  1.000 8.862  ? 128 ASP AAA N   1 ? 
ATOM   781  C  CA  . ASP A 1 89  ? -3.697  -2.397  -2.549  1.000 8.635  ? 128 ASP AAA CA  1 ? 
ATOM   782  C  C   . ASP A 1 89  ? -2.352  -1.773  -2.915  1.000 7.962  ? 128 ASP AAA C   1 ? 
ATOM   783  O  O   . ASP A 1 89  ? -2.227  -0.544  -2.972  1.000 8.421  ? 128 ASP AAA O   1 ? 
ATOM   784  C  CB  . ASP A 1 89  ? -3.715  -2.828  -1.090  1.000 9.540  ? 128 ASP AAA CB  1 ? 
ATOM   785  C  CG  . ASP A 1 89  ? -5.100  -3.038  -0.507  1.000 10.422 ? 128 ASP AAA CG  1 ? 
ATOM   786  O  OD1 . ASP A 1 89  ? -6.084  -2.582  -1.114  1.000 11.261 ? 128 ASP AAA OD1 1 ? 
ATOM   787  O  OD2 . ASP A 1 89  ? -5.146  -3.671  0.587   1.000 11.418 ? 128 ASP AAA OD2 1 ? 
ATOM   788  N  N   . PHE A 1 90  ? -1.333  -2.583  -3.168  1.000 8.267  ? 129 PHE AAA N   1 ? 
ATOM   789  C  CA  . PHE A 1 90  ? -0.058  -2.021  -3.602  1.000 8.712  ? 129 PHE AAA CA  1 ? 
ATOM   790  C  C   . PHE A 1 90  ? -0.210  -1.234  -4.897  1.000 8.606  ? 129 PHE AAA C   1 ? 
ATOM   791  O  O   . PHE A 1 90  ? 0.289   -0.115  -5.046  1.000 9.104  ? 129 PHE AAA O   1 ? 
ATOM   792  C  CB  . PHE A 1 90  ? 0.989   -3.116  -3.786  1.000 9.681  ? 129 PHE AAA CB  1 ? 
ATOM   793  C  CG  . PHE A 1 90  ? 1.682   -3.582  -2.540  1.000 9.442  ? 129 PHE AAA CG  1 ? 
ATOM   794  C  CD1 . PHE A 1 90  ? 2.751   -2.848  -1.997  1.000 10.713 ? 129 PHE AAA CD1 1 ? 
ATOM   795  C  CD2 . PHE A 1 90  ? 1.305   -4.763  -1.939  1.000 10.176 ? 129 PHE AAA CD2 1 ? 
ATOM   796  C  CE1 . PHE A 1 90  ? 3.391   -3.315  -0.859  1.000 12.405 ? 129 PHE AAA CE1 1 ? 
ATOM   797  C  CE2 . PHE A 1 90  ? 1.993   -5.245  -0.837  1.000 11.697 ? 129 PHE AAA CE2 1 ? 
ATOM   798  C  CZ  . PHE A 1 90  ? 3.022   -4.508  -0.287  1.000 12.034 ? 129 PHE AAA CZ  1 ? 
ATOM   799  N  N   . ASN A 1 91  ? -0.927  -1.810  -5.856  1.000 9.356  ? 130 ASN AAA N   1 ? 
ATOM   800  C  CA  . ASN A 1 91  ? -1.098  -1.156  -7.146  1.000 10.126 ? 130 ASN AAA CA  1 ? 
ATOM   801  C  C   . ASN A 1 91  ? -1.873  0.148   -6.984  1.000 9.967  ? 130 ASN AAA C   1 ? 
ATOM   802  O  O   . ASN A 1 91  ? -1.559  1.130   -7.684  1.000 11.123 ? 130 ASN AAA O   1 ? 
ATOM   803  C  CB  . ASN A 1 91  ? -1.694  -2.075  -8.184  1.000 11.760 ? 130 ASN AAA CB  1 ? 
ATOM   804  C  CG  . ASN A 1 91  ? -0.597  -3.051  -8.651  1.000 16.174 ? 130 ASN AAA CG  1 ? 
ATOM   805  O  OD1 . ASN A 1 91  ? 0.577   -2.667  -8.773  1.000 24.541 ? 130 ASN AAA OD1 1 ? 
ATOM   806  N  ND2 . ASN A 1 91  ? -0.914  -4.285  -8.824  1.000 18.610 ? 130 ASN AAA ND2 1 ? 
ATOM   807  N  N   . THR A 1 92  ? -2.864  0.176   -6.110  1.000 9.774  ? 131 THR AAA N   1 ? 
ATOM   808  C  CA  . THR A 1 92  ? -3.594  1.418   -5.867  1.000 9.995  ? 131 THR AAA CA  1 ? 
ATOM   809  C  C   . THR A 1 92  ? -2.652  2.484   -5.302  1.000 8.621  ? 131 THR AAA C   1 ? 
ATOM   810  O  O   . THR A 1 92  ? -2.725  3.644   -5.681  1.000 9.210  ? 131 THR AAA O   1 ? 
ATOM   811  C  CB  . THR A 1 92  ? -4.735  1.152   -4.873  1.000 10.522 ? 131 THR AAA CB  1 ? 
ATOM   812  O  OG1 . THR A 1 92  ? -5.680  0.286   -5.504  1.000 13.696 ? 131 THR AAA OG1 1 ? 
ATOM   813  C  CG2 . THR A 1 92  ? -5.434  2.408   -4.405  1.000 11.534 ? 131 THR AAA CG2 1 ? 
ATOM   814  N  N   . MET A 1 93  ? -1.818  2.101   -4.336  1.000 8.463  ? 132 MET AAA N   1 ? 
ATOM   815  C  CA  . MET A 1 93  ? -0.880  3.048   -3.766  1.000 8.893  ? 132 MET AAA CA  1 ? 
ATOM   816  C  C   . MET A 1 93  ? 0.028   3.647   -4.840  1.000 8.466  ? 132 MET AAA C   1 ? 
ATOM   817  O  O   . MET A 1 93  ? 0.201   4.894   -4.891  1.000 9.192  ? 132 MET AAA O   1 ? 
ATOM   818  C  CB  . MET A 1 93  ? -0.027  2.342   -2.742  1.000 8.720  ? 132 MET AAA CB  1 ? 
ATOM   819  C  CG  . MET A 1 93  ? 1.046   3.212   -2.077  1.000 10.334 ? 132 MET AAA CG  1 ? 
ATOM   820  S  SD  . MET A 1 93  ? 2.069   2.318   -0.937  1.000 10.655 ? 132 MET AAA SD  1 ? 
ATOM   821  C  CE  . MET A 1 93  ? 3.124   1.455   -2.113  1.000 15.497 ? 132 MET AAA CE  1 ? 
ATOM   822  N  N   . PHE A 1 94  ? 0.580   2.809   -5.717  1.000 8.509  ? 133 PHE AAA N   1 ? 
ATOM   823  C  CA  . PHE A 1 94  ? 1.452   3.370   -6.767  1.000 9.217  ? 133 PHE AAA CA  1 ? 
ATOM   824  C  C   . PHE A 1 94  ? 0.650   4.268   -7.708  1.000 9.557  ? 133 PHE AAA C   1 ? 
ATOM   825  O  O   . PHE A 1 94  ? 1.099   5.372   -8.055  1.000 9.641  ? 133 PHE AAA O   1 ? 
ATOM   826  C  CB  . PHE A 1 94  ? 2.117   2.253   -7.551  1.000 10.073 ? 133 PHE AAA CB  1 ? 
ATOM   827  C  CG  . PHE A 1 94  ? 3.047   1.381   -6.753  1.000 9.850  ? 133 PHE AAA CG  1 ? 
ATOM   828  C  CD1 . PHE A 1 94  ? 4.016   1.966   -5.940  1.000 12.097 ? 133 PHE AAA CD1 1 ? 
ATOM   829  C  CD2 . PHE A 1 94  ? 2.964   0.004   -6.726  1.000 11.267 ? 133 PHE AAA CD2 1 ? 
ATOM   830  C  CE1 . PHE A 1 94  ? 4.884   1.209   -5.163  1.000 15.567 ? 133 PHE AAA CE1 1 ? 
ATOM   831  C  CE2 . PHE A 1 94  ? 3.854   -0.742  -5.913  1.000 12.158 ? 133 PHE AAA CE2 1 ? 
ATOM   832  C  CZ  . PHE A 1 94  ? 4.817   -0.130  -5.181  1.000 14.558 ? 133 PHE AAA CZ  1 ? 
ATOM   833  N  N   . THR A 1 95  ? -0.493  3.785   -8.177  1.000 9.606  ? 134 THR AAA N   1 ? 
ATOM   834  C  CA  A THR A 1 95  ? -1.204  4.567   -9.178  0.500 10.815 ? 134 THR AAA CA  1 ? 
ATOM   835  C  CA  B THR A 1 95  ? -1.342  4.507   -9.139  0.500 9.619  ? 134 THR AAA CA  1 ? 
ATOM   836  C  C   . THR A 1 95  ? -1.723  5.863   -8.578  1.000 9.727  ? 134 THR AAA C   1 ? 
ATOM   837  O  O   . THR A 1 95  ? -1.727  6.883   -9.282  1.000 10.142 ? 134 THR AAA O   1 ? 
ATOM   838  C  CB  A THR A 1 95  ? -2.221  3.707   -9.921  0.500 12.847 ? 134 THR AAA CB  1 ? 
ATOM   839  C  CB  B THR A 1 95  ? -2.604  3.716   -9.508  0.500 9.031  ? 134 THR AAA CB  1 ? 
ATOM   840  O  OG1 A THR A 1 95  ? -3.053  3.185   -8.908  0.500 15.047 ? 134 THR AAA OG1 1 ? 
ATOM   841  O  OG1 B THR A 1 95  ? -2.155  2.517   -10.144 0.500 10.550 ? 134 THR AAA OG1 1 ? 
ATOM   842  C  CG2 A THR A 1 95  ? -1.582  2.584   -10.708 0.500 13.857 ? 134 THR AAA CG2 1 ? 
ATOM   843  C  CG2 B THR A 1 95  ? -3.506  4.454   -10.485 0.500 10.515 ? 134 THR AAA CG2 1 ? 
ATOM   844  N  N   . ASN A 1 96  ? -2.112  5.895   -7.299  1.000 9.341  ? 135 ASN AAA N   1 ? 
ATOM   845  C  CA  . ASN A 1 96  ? -2.487  7.165   -6.702  1.000 9.271  ? 135 ASN AAA CA  1 ? 
ATOM   846  C  C   . ASN A 1 96  ? -1.366  8.189   -6.841  1.000 8.798  ? 135 ASN AAA C   1 ? 
ATOM   847  O  O   . ASN A 1 96  ? -1.576  9.353   -7.141  1.000 9.802  ? 135 ASN AAA O   1 ? 
ATOM   848  C  CB  . ASN A 1 96  ? -2.817  7.003   -5.225  1.000 9.494  ? 135 ASN AAA CB  1 ? 
ATOM   849  C  CG  . ASN A 1 96  ? -4.110  6.274   -4.924  1.000 9.749  ? 135 ASN AAA CG  1 ? 
ATOM   850  O  OD1 . ASN A 1 96  ? -4.953  6.138   -5.780  1.000 11.426 ? 135 ASN AAA OD1 1 ? 
ATOM   851  N  ND2 . ASN A 1 96  ? -4.223  5.841   -3.682  1.000 11.002 ? 135 ASN AAA ND2 1 ? 
ATOM   852  N  N   . CYS A 1 97  ? -0.157  7.752   -6.543  1.000 8.666  ? 136 CYS AAA N   1 ? 
ATOM   853  C  CA  . CYS A 1 97  ? 0.980   8.653   -6.591  1.000 9.116  ? 136 CYS AAA CA  1 ? 
ATOM   854  C  C   . CYS A 1 97  ? 1.209   9.159   -8.015  1.000 8.906  ? 136 CYS AAA C   1 ? 
ATOM   855  O  O   . CYS A 1 97  ? 1.427   10.355  -8.227  1.000 9.736  ? 136 CYS AAA O   1 ? 
ATOM   856  C  CB  . CYS A 1 97  ? 2.205   7.912   -6.088  1.000 9.523  ? 136 CYS AAA CB  1 ? 
ATOM   857  S  SG  . CYS A 1 97  ? 3.679   8.891   -5.940  1.000 12.021 ? 136 CYS AAA SG  1 ? 
ATOM   858  N  N   . TYR A 1 98  ? 1.066   8.269   -8.987  1.000 9.036  ? 137 TYR AAA N   1 ? 
ATOM   859  C  CA  . TYR A 1 98  ? 1.311   8.669   -10.371 1.000 10.438 ? 137 TYR AAA CA  1 ? 
ATOM   860  C  C   . TYR A 1 98  ? 0.179   9.552   -10.885 1.000 11.696 ? 137 TYR AAA C   1 ? 
ATOM   861  O  O   . TYR A 1 98  ? 0.436   10.378  -11.803 1.000 13.359 ? 137 TYR AAA O   1 ? 
ATOM   862  C  CB  . TYR A 1 98  ? 1.399   7.433   -11.268 1.000 10.786 ? 137 TYR AAA CB  1 ? 
ATOM   863  C  CG  . TYR A 1 98  ? 2.481   6.472   -10.836 1.000 10.733 ? 137 TYR AAA CG  1 ? 
ATOM   864  C  CD1 . TYR A 1 98  ? 3.631   6.883   -10.169 1.000 11.567 ? 137 TYR AAA CD1 1 ? 
ATOM   865  C  CD2 . TYR A 1 98  ? 2.325   5.130   -11.084 1.000 11.336 ? 137 TYR AAA CD2 1 ? 
ATOM   866  C  CE1 . TYR A 1 98  ? 4.612   6.004   -9.768  1.000 13.866 ? 137 TYR AAA CE1 1 ? 
ATOM   867  C  CE2 . TYR A 1 98  ? 3.276   4.226   -10.682 1.000 11.894 ? 137 TYR AAA CE2 1 ? 
ATOM   868  C  CZ  . TYR A 1 98  ? 4.415   4.664   -10.029 1.000 11.613 ? 137 TYR AAA CZ  1 ? 
ATOM   869  O  OH  . TYR A 1 98  ? 5.360   3.752   -9.605  1.000 14.382 ? 137 TYR AAA OH  1 ? 
ATOM   870  N  N   . ILE A 1 99  ? -1.049  9.389   -10.404 1.000 10.425 ? 138 ILE AAA N   1 ? 
ATOM   871  C  CA  . ILE A 1 99  ? -2.142  10.271  -10.830 1.000 12.381 ? 138 ILE AAA CA  1 ? 
ATOM   872  C  C   . ILE A 1 99  ? -2.042  11.628  -10.188 1.000 10.968 ? 138 ILE AAA C   1 ? 
ATOM   873  O  O   . ILE A 1 99  ? -2.273  12.642  -10.877 1.000 13.201 ? 138 ILE AAA O   1 ? 
ATOM   874  C  CB  . ILE A 1 99  ? -3.484  9.626   -10.418 1.000 15.128 ? 138 ILE AAA CB  1 ? 
ATOM   875  C  CG1 . ILE A 1 99  ? -3.747  8.433   -11.328 1.000 18.172 ? 138 ILE AAA CG1 1 ? 
ATOM   876  C  CG2 . ILE A 1 99  ? -4.640  10.617  -10.412 1.000 17.209 ? 138 ILE AAA CG2 1 ? 
ATOM   877  C  CD1 . ILE A 1 99  ? -4.901  7.555   -10.917 1.000 22.875 ? 138 ILE AAA CD1 1 ? 
ATOM   878  N  N   . TYR A 1 100 ? -1.676  11.707  -8.913  1.000 11.221 ? 139 TYR AAA N   1 ? 
ATOM   879  C  CA  . TYR A 1 100 ? -1.733  12.976  -8.213  1.000 10.965 ? 139 TYR AAA CA  1 ? 
ATOM   880  C  C   . TYR A 1 100 ? -0.563  13.873  -8.573  1.000 10.812 ? 139 TYR AAA C   1 ? 
ATOM   881  O  O   . TYR A 1 100 ? -0.712  15.100  -8.598  1.000 13.023 ? 139 TYR AAA O   1 ? 
ATOM   882  C  CB  . TYR A 1 100 ? -1.797  12.768  -6.696  1.000 11.464 ? 139 TYR AAA CB  1 ? 
ATOM   883  C  CG  . TYR A 1 100 ? -1.920  14.049  -5.941  1.000 11.668 ? 139 TYR AAA CG  1 ? 
ATOM   884  C  CD1 . TYR A 1 100 ? -3.146  14.727  -5.945  1.000 11.057 ? 139 TYR AAA CD1 1 ? 
ATOM   885  C  CD2 . TYR A 1 100 ? -0.850  14.604  -5.287  1.000 12.427 ? 139 TYR AAA CD2 1 ? 
ATOM   886  C  CE1 . TYR A 1 100 ? -3.269  15.960  -5.330  1.000 12.609 ? 139 TYR AAA CE1 1 ? 
ATOM   887  C  CE2 . TYR A 1 100 ? -0.966  15.834  -4.663  1.000 12.377 ? 139 TYR AAA CE2 1 ? 
ATOM   888  C  CZ  . TYR A 1 100 ? -2.178  16.510  -4.699  1.000 12.969 ? 139 TYR AAA CZ  1 ? 
ATOM   889  O  OH  . TYR A 1 100 ? -2.242  17.728  -4.059  1.000 14.634 ? 139 TYR AAA OH  1 ? 
ATOM   890  N  N   . ASN A 1 101 ? 0.613   13.310  -8.788  1.000 10.571 ? 140 ASN AAA N   1 ? 
ATOM   891  C  CA  . ASN A 1 101 ? 1.862   14.065  -8.884  1.000 11.052 ? 140 ASN AAA CA  1 ? 
ATOM   892  C  C   . ASN A 1 101 ? 2.323   14.163  -10.340 1.000 12.112 ? 140 ASN AAA C   1 ? 
ATOM   893  O  O   . ASN A 1 101 ? 2.099   13.295  -11.170 1.000 16.504 ? 140 ASN AAA O   1 ? 
ATOM   894  C  CB  . ASN A 1 101 ? 2.955   13.397  -8.050  1.000 11.182 ? 140 ASN AAA CB  1 ? 
ATOM   895  C  CG  . ASN A 1 101 ? 2.544   13.376  -6.600  1.000 10.603 ? 140 ASN AAA CG  1 ? 
ATOM   896  O  OD1 . ASN A 1 101 ? 2.624   14.420  -5.911  1.000 12.313 ? 140 ASN AAA OD1 1 ? 
ATOM   897  N  ND2 . ASN A 1 101 ? 2.100   12.245  -6.107  1.000 11.009 ? 140 ASN AAA ND2 1 ? 
ATOM   898  N  N   . LYS A 1 102 ? 3.177   15.131  -10.651 1.000 14.119 ? 141 LYS AAA N   1 ? 
ATOM   899  C  CA  . LYS A 1 102 ? 3.751   15.292  -11.981 1.000 14.754 ? 141 LYS AAA CA  1 ? 
ATOM   900  C  C   . LYS A 1 102 ? 4.791   14.205  -12.246 1.000 13.081 ? 141 LYS AAA C   1 ? 
ATOM   901  O  O   . LYS A 1 102 ? 5.581   13.851  -11.364 1.000 14.344 ? 141 LYS AAA O   1 ? 
ATOM   902  C  CB  . LYS A 1 102 ? 4.423   16.666  -12.068 1.000 17.162 ? 141 LYS AAA CB  1 ? 
ATOM   903  C  CG  . LYS A 1 102 ? 3.457   17.842  -12.082 1.000 26.323 ? 141 LYS AAA CG  1 ? 
ATOM   904  C  CD  . LYS A 1 102 ? 3.954   18.982  -12.960 0.500 28.262 ? 141 LYS AAA CD  1 ? 
ATOM   905  C  CE  . LYS A 1 102 ? 2.969   20.121  -13.080 0.500 32.259 ? 141 LYS AAA CE  1 ? 
ATOM   906  N  NZ  . LYS A 1 102 ? 3.179   21.115  -12.000 1.000 37.758 ? 141 LYS AAA NZ  1 ? 
ATOM   907  N  N   . PRO A 1 103 ? 4.920   13.697  -13.486 1.000 14.057 ? 142 PRO AAA N   1 ? 
ATOM   908  C  CA  . PRO A 1 103 ? 5.931   12.694  -13.791 1.000 15.239 ? 142 PRO AAA CA  1 ? 
ATOM   909  C  C   . PRO A 1 103 ? 7.300   13.289  -13.522 1.000 18.431 ? 142 PRO AAA C   1 ? 
ATOM   910  O  O   . PRO A 1 103 ? 7.526   14.490  -13.704 1.000 20.441 ? 142 PRO AAA O   1 ? 
ATOM   911  C  CB  . PRO A 1 103 ? 5.712   12.399  -15.275 1.000 17.726 ? 142 PRO AAA CB  1 ? 
ATOM   912  C  CG  . PRO A 1 103 ? 4.947   13.572  -15.768 1.000 22.428 ? 142 PRO AAA CG  1 ? 
ATOM   913  C  CD  . PRO A 1 103 ? 4.040   14.020  -14.638 1.000 15.582 ? 142 PRO AAA CD  1 ? 
ATOM   914  N  N   . GLY A 1 104 ? 8.174   12.451  -12.998 1.000 21.596 ? 143 GLY AAA N   1 ? 
ATOM   915  C  CA  . GLY A 1 104 ? 9.447   13.104  -12.716 1.000 21.943 ? 143 GLY AAA CA  1 ? 
ATOM   916  C  C   . GLY A 1 104 ? 9.584   13.794  -11.347 1.000 19.262 ? 143 GLY AAA C   1 ? 
ATOM   917  O  O   . GLY A 1 104 ? 10.729  14.026  -10.938 1.000 21.462 ? 143 GLY AAA O   1 ? 
ATOM   918  N  N   . ASP A 1 105 ? 8.477   14.132  -10.634 1.000 17.316 ? 144 ASP AAA N   1 ? 
ATOM   919  C  CA  . ASP A 1 105 ? 8.537   14.635  -9.270  1.000 16.298 ? 144 ASP AAA CA  1 ? 
ATOM   920  C  C   . ASP A 1 105 ? 9.287   13.644  -8.385  1.000 13.243 ? 144 ASP AAA C   1 ? 
ATOM   921  O  O   . ASP A 1 105 ? 9.191   12.434  -8.600  1.000 12.962 ? 144 ASP AAA O   1 ? 
ATOM   922  C  CB  . ASP A 1 105 ? 7.153   14.855  -8.638  1.000 16.027 ? 144 ASP AAA CB  1 ? 
ATOM   923  C  CG  . ASP A 1 105 ? 6.386   16.128  -8.989  1.000 21.995 ? 144 ASP AAA CG  1 ? 
ATOM   924  O  OD1 . ASP A 1 105 ? 6.957   16.960  -9.671  1.000 24.811 ? 144 ASP AAA OD1 1 ? 
ATOM   925  O  OD2 . ASP A 1 105 ? 5.185   16.241  -8.598  1.000 24.380 ? 144 ASP AAA OD2 1 ? 
ATOM   926  N  N   . ASP A 1 106 ? 9.933   14.111  -7.324  1.000 12.814 ? 145 ASP AAA N   1 ? 
ATOM   927  C  CA  . ASP A 1 106 ? 10.616  13.209  -6.427  1.000 11.530 ? 145 ASP AAA CA  1 ? 
ATOM   928  C  C   . ASP A 1 106 ? 9.733   12.089  -5.925  1.000 11.100 ? 145 ASP AAA C   1 ? 
ATOM   929  O  O   . ASP A 1 106 ? 10.209  10.941  -5.874  1.000 11.703 ? 145 ASP AAA O   1 ? 
ATOM   930  C  CB  . ASP A 1 106 ? 11.190  13.970  -5.250  1.000 12.308 ? 145 ASP AAA CB  1 ? 
ATOM   931  C  CG  . ASP A 1 106 ? 12.404  14.825  -5.588  1.000 13.831 ? 145 ASP AAA CG  1 ? 
ATOM   932  O  OD1 . ASP A 1 106 ? 12.995  14.682  -6.633  1.000 14.459 ? 145 ASP AAA OD1 1 ? 
ATOM   933  O  OD2 . ASP A 1 106 ? 12.709  15.657  -4.686  1.000 16.363 ? 145 ASP AAA OD2 1 ? 
ATOM   934  N  N   . ILE A 1 107 ? 8.520   12.390  -5.490  1.000 10.452 ? 146 ILE AAA N   1 ? 
ATOM   935  C  CA  . ILE A 1 107 ? 7.724   11.337  -4.897  1.000 11.020 ? 146 ILE AAA CA  1 ? 
ATOM   936  C  C   . ILE A 1 107 ? 7.418   10.267  -5.954  1.000 9.556  ? 146 ILE AAA C   1 ? 
ATOM   937  O  O   . ILE A 1 107 ? 7.299   9.079   -5.596  1.000 9.935  ? 146 ILE AAA O   1 ? 
ATOM   938  C  CB  . ILE A 1 107 ? 6.460   11.919  -4.262  1.000 12.252 ? 146 ILE AAA CB  1 ? 
ATOM   939  C  CG1 . ILE A 1 107 ? 5.700   10.923  -3.376  1.000 13.416 ? 146 ILE AAA CG1 1 ? 
ATOM   940  C  CG2 . ILE A 1 107 ? 5.497   12.502  -5.291  1.000 12.333 ? 146 ILE AAA CG2 1 ? 
ATOM   941  C  CD1 . ILE A 1 107 ? 6.432   10.537  -2.132  1.000 15.139 ? 146 ILE AAA CD1 1 ? 
ATOM   942  N  N   . VAL A 1 108 ? 7.275   10.633  -7.217  1.000 9.599  ? 147 VAL AAA N   1 ? 
ATOM   943  C  CA  . VAL A 1 108 ? 7.002   9.670   -8.280  1.000 9.953  ? 147 VAL AAA CA  1 ? 
ATOM   944  C  C   . VAL A 1 108 ? 8.238   8.809   -8.495  1.000 9.293  ? 147 VAL AAA C   1 ? 
ATOM   945  O  O   . VAL A 1 108 ? 8.118   7.598   -8.671  1.000 9.984  ? 147 VAL AAA O   1 ? 
ATOM   946  C  CB  . VAL A 1 108 ? 6.609   10.389  -9.573  1.000 10.324 ? 147 VAL AAA CB  1 ? 
ATOM   947  C  CG1 . VAL A 1 108 ? 6.573   9.466   -10.771 1.000 12.354 ? 147 VAL AAA CG1 1 ? 
ATOM   948  C  CG2 . VAL A 1 108 ? 5.273   11.077  -9.378  1.000 11.785 ? 147 VAL AAA CG2 1 ? 
ATOM   949  N  N   . LEU A 1 109 ? 9.451   9.408   -8.508  1.000 9.793  ? 148 LEU AAA N   1 ? 
ATOM   950  C  CA  . LEU A 1 109 ? 10.652  8.585   -8.667  1.000 10.463 ? 148 LEU AAA CA  1 ? 
ATOM   951  C  C   . LEU A 1 109 ? 10.766  7.628   -7.487  1.000 10.015 ? 148 LEU AAA C   1 ? 
ATOM   952  O  O   . LEU A 1 109 ? 11.232  6.496   -7.685  1.000 10.989 ? 148 LEU AAA O   1 ? 
ATOM   953  C  CB  . LEU A 1 109 ? 11.877  9.505   -8.665  1.000 11.861 ? 148 LEU AAA CB  1 ? 
ATOM   954  C  CG  . LEU A 1 109 ? 11.994  10.372  -9.932  1.000 15.117 ? 148 LEU AAA CG  1 ? 
ATOM   955  C  CD1 . LEU A 1 109 ? 13.113  11.418  -9.752  1.000 20.455 ? 148 LEU AAA CD1 1 ? 
ATOM   956  C  CD2 . LEU A 1 109 ? 12.251  9.551   -11.175 1.000 21.528 ? 148 LEU AAA CD2 1 ? 
ATOM   957  N  N   . MET A 1 110 ? 10.367  8.055   -6.294  1.000 10.150 ? 149 MET AAA N   1 ? 
ATOM   958  C  CA  . MET A 1 110 ? 10.413  7.167   -5.131  1.000 9.960  ? 149 MET AAA CA  1 ? 
ATOM   959  C  C   . MET A 1 110 ? 9.449   5.991   -5.298  1.000 9.305  ? 149 MET AAA C   1 ? 
ATOM   960  O  O   . MET A 1 110 ? 9.824   4.826   -5.118  1.000 10.124 ? 149 MET AAA O   1 ? 
ATOM   961  C  CB  . MET A 1 110 ? 10.130  7.966   -3.859  1.000 9.891  ? 149 MET AAA CB  1 ? 
ATOM   962  C  CG  . MET A 1 110 ? 11.240  8.999   -3.574  1.000 10.832 ? 149 MET AAA CG  1 ? 
ATOM   963  S  SD  . MET A 1 110 ? 10.797  10.184  -2.301  1.000 13.274 ? 149 MET AAA SD  1 ? 
ATOM   964  C  CE  . MET A 1 110 ? 11.381  9.235   -0.908  1.000 16.216 ? 149 MET AAA CE  1 ? 
ATOM   965  N  N   . ALA A 1 111 ? 8.203   6.307   -5.669  1.000 9.471  ? 150 ALA AAA N   1 ? 
ATOM   966  C  CA  . ALA A 1 111 ? 7.233   5.241   -5.935  1.000 9.081  ? 150 ALA AAA CA  1 ? 
ATOM   967  C  C   . ALA A 1 111 ? 7.694   4.307   -7.043  1.000 9.442  ? 150 ALA AAA C   1 ? 
ATOM   968  O  O   . ALA A 1 111 ? 7.503   3.086   -6.919  1.000 10.408 ? 150 ALA AAA O   1 ? 
ATOM   969  C  CB  . ALA A 1 111 ? 5.890   5.854   -6.289  1.000 10.141 ? 150 ALA AAA CB  1 ? 
ATOM   970  N  N   . GLU A 1 112 ? 8.295   4.832   -8.090  1.000 9.823  ? 151 GLU AAA N   1 ? 
ATOM   971  C  CA  . GLU A 1 112 ? 8.720   3.985   -9.177  1.000 11.087 ? 151 GLU AAA CA  1 ? 
ATOM   972  C  C   . GLU A 1 112 ? 9.811   3.023   -8.734  1.000 10.305 ? 151 GLU AAA C   1 ? 
ATOM   973  O  O   . GLU A 1 112 ? 9.879   1.862   -9.202  1.000 11.051 ? 151 GLU AAA O   1 ? 
ATOM   974  C  CB  . GLU A 1 112 ? 9.261   4.792   -10.350 1.000 11.748 ? 151 GLU AAA CB  1 ? 
ATOM   975  C  CG  . GLU A 1 112 ? 8.139   5.454   -11.093 1.000 14.498 ? 151 GLU AAA CG  1 ? 
ATOM   976  C  CD  . GLU A 1 112 ? 8.529   6.413   -12.205 1.000 18.100 ? 151 GLU AAA CD  1 ? 
ATOM   977  O  OE1 . GLU A 1 112 ? 9.632   6.976   -12.138 1.000 21.078 ? 151 GLU AAA OE1 1 ? 
ATOM   978  O  OE2 . GLU A 1 112 ? 7.670   6.698   -13.024 1.000 22.656 ? 151 GLU AAA OE2 1 ? 
ATOM   979  N  N   . ALA A 1 113 ? 10.710  3.455   -7.853  1.000 10.930 ? 152 ALA AAA N   1 ? 
ATOM   980  C  CA  . ALA A 1 113 ? 11.730  2.544   -7.342  1.000 10.798 ? 152 ALA AAA CA  1 ? 
ATOM   981  C  C   . ALA A 1 113 ? 11.100  1.423   -6.528  1.000 10.802 ? 152 ALA AAA C   1 ? 
ATOM   982  O  O   . ALA A 1 113 ? 11.502  0.242   -6.669  1.000 11.356 ? 152 ALA AAA O   1 ? 
ATOM   983  C  CB  . ALA A 1 113 ? 12.730  3.355   -6.532  1.000 12.652 ? 152 ALA AAA CB  1 ? 
ATOM   984  N  N   . LEU A 1 114 ? 10.113  1.747   -5.703  1.000 9.656  ? 153 LEU AAA N   1 ? 
ATOM   985  C  CA  . LEU A 1 114 ? 9.418   0.708   -4.964  1.000 10.698 ? 153 LEU AAA CA  1 ? 
ATOM   986  C  C   . LEU A 1 114 ? 8.647   -0.225  -5.895  1.000 9.379  ? 153 LEU AAA C   1 ? 
ATOM   987  O  O   . LEU A 1 114 ? 8.603   -1.433  -5.659  1.000 10.095 ? 153 LEU AAA O   1 ? 
ATOM   988  C  CB  . LEU A 1 114 ? 8.423   1.312   -3.957  1.000 10.741 ? 153 LEU AAA CB  1 ? 
ATOM   989  C  CG  . LEU A 1 114 ? 9.066   2.222   -2.920  1.000 15.333 ? 153 LEU AAA CG  1 ? 
ATOM   990  C  CD1 . LEU A 1 114 ? 8.065   3.018   -2.138  1.000 19.277 ? 153 LEU AAA CD1 1 ? 
ATOM   991  C  CD2 . LEU A 1 114 ? 9.967   1.465   -2.000  1.000 19.738 ? 153 LEU AAA CD2 1 ? 
ATOM   992  N  N   . GLU A 1 115 ? 8.033   0.336   -6.929  1.000 9.136  ? 154 GLU AAA N   1 ? 
ATOM   993  C  CA  . GLU A 1 115 ? 7.265   -0.501  -7.845  1.000 10.144 ? 154 GLU AAA CA  1 ? 
ATOM   994  C  C   . GLU A 1 115 ? 8.139   -1.465  -8.621  1.000 10.191 ? 154 GLU AAA C   1 ? 
ATOM   995  O  O   . GLU A 1 115 ? 7.748   -2.613  -8.875  1.000 9.894  ? 154 GLU AAA O   1 ? 
ATOM   996  C  CB  . GLU A 1 115 ? 6.442   0.366   -8.761  1.000 10.763 ? 154 GLU AAA CB  1 ? 
ATOM   997  C  CG  . GLU A 1 115 ? 5.493   -0.502  -9.591  1.000 12.617 ? 154 GLU AAA CG  1 ? 
ATOM   998  C  CD  . GLU A 1 115 ? 4.691   0.271   -10.610 1.000 16.976 ? 154 GLU AAA CD  1 ? 
ATOM   999  O  OE1 . GLU A 1 115 ? 5.023   1.408   -10.963 1.000 17.362 ? 154 GLU AAA OE1 1 ? 
ATOM   1000 O  OE2 . GLU A 1 115 ? 3.678   -0.321  -11.070 1.000 22.132 ? 154 GLU AAA OE2 1 ? 
ATOM   1001 N  N   . LYS A 1 116 ? 9.336   -1.033  -8.978  1.000 9.834  ? 155 LYS AAA N   1 ? 
ATOM   1002 C  CA  . LYS A 1 116 ? 10.263  -1.901  -9.674  1.000 10.817 ? 155 LYS AAA CA  1 ? 
ATOM   1003 C  C   . LYS A 1 116 ? 10.589  -3.110  -8.811  1.000 10.531 ? 155 LYS AAA C   1 ? 
ATOM   1004 O  O   . LYS A 1 116 ? 10.609  -4.267  -9.294  1.000 11.036 ? 155 LYS AAA O   1 ? 
ATOM   1005 C  CB  . LYS A 1 116 ? 11.513  -1.114  -10.060 1.000 12.017 ? 155 LYS AAA CB  1 ? 
ATOM   1006 C  CG  . LYS A 1 116 ? 12.553  -1.930  -10.795 1.000 13.737 ? 155 LYS AAA CG  1 ? 
ATOM   1007 C  CD  . LYS A 1 116 ? 13.733  -1.072  -11.203 1.000 17.042 ? 155 LYS AAA CD  1 ? 
ATOM   1008 C  CE  . LYS A 1 116 ? 14.770  -1.880  -11.957 1.000 20.243 ? 155 LYS AAA CE  1 ? 
ATOM   1009 N  NZ  . LYS A 1 116 ? 15.843  -1.024  -12.502 1.000 29.014 ? 155 LYS AAA NZ  1 ? 
ATOM   1010 N  N   A LEU A 1 117 ? 10.873  -2.854  -7.537  0.500 10.094 ? 156 LEU AAA N   1 ? 
ATOM   1011 N  N   B LEU A 1 117 ? 10.864  -2.896  -7.516  0.500 10.531 ? 156 LEU AAA N   1 ? 
ATOM   1012 C  CA  A LEU A 1 117 ? 11.170  -3.906  -6.589  0.500 10.771 ? 156 LEU AAA CA  1 ? 
ATOM   1013 C  CA  B LEU A 1 117 ? 11.151  -4.011  -6.621  0.500 11.518 ? 156 LEU AAA CA  1 ? 
ATOM   1014 C  C   A LEU A 1 117 ? 9.952   -4.816  -6.453  0.500 10.029 ? 156 LEU AAA C   1 ? 
ATOM   1015 C  C   B LEU A 1 117 ? 9.916   -4.869  -6.468  0.500 10.546 ? 156 LEU AAA C   1 ? 
ATOM   1016 O  O   A LEU A 1 117 ? 10.064  -6.049  -6.461  0.500 10.776 ? 156 LEU AAA O   1 ? 
ATOM   1017 O  O   B LEU A 1 117 ? 10.012  -6.094  -6.365  0.500 10.982 ? 156 LEU AAA O   1 ? 
ATOM   1018 C  CB  A LEU A 1 117 ? 11.572  -3.211  -5.279  0.500 11.708 ? 156 LEU AAA CB  1 ? 
ATOM   1019 C  CB  B LEU A 1 117 ? 11.530  -3.479  -5.238  0.500 13.621 ? 156 LEU AAA CB  1 ? 
ATOM   1020 C  CG  A LEU A 1 117 ? 12.071  -4.139  -4.177  0.500 13.520 ? 156 LEU AAA CG  1 ? 
ATOM   1021 C  CG  B LEU A 1 117 ? 12.889  -2.809  -5.176  0.500 16.842 ? 156 LEU AAA CG  1 ? 
ATOM   1022 C  CD1 A LEU A 1 117 ? 13.339  -4.804  -4.663  0.500 16.285 ? 156 LEU AAA CD1 1 ? 
ATOM   1023 C  CD1 B LEU A 1 117 ? 12.983  -1.967  -3.924  0.500 19.586 ? 156 LEU AAA CD1 1 ? 
ATOM   1024 C  CD2 A LEU A 1 117 ? 12.367  -3.362  -2.911  0.500 15.297 ? 156 LEU AAA CD2 1 ? 
ATOM   1025 C  CD2 B LEU A 1 117 ? 14.009  -3.833  -5.172  0.500 18.787 ? 156 LEU AAA CD2 1 ? 
ATOM   1026 N  N   . PHE A 1 118 ? 8.762   -4.203  -6.306  1.000 9.884  ? 157 PHE AAA N   1 ? 
ATOM   1027 C  CA  . PHE A 1 118 ? 7.510   -4.950  -6.164  1.000 9.869  ? 157 PHE AAA CA  1 ? 
ATOM   1028 C  C   . PHE A 1 118 ? 7.315   -5.923  -7.317  1.000 9.838  ? 157 PHE AAA C   1 ? 
ATOM   1029 O  O   . PHE A 1 118 ? 6.964   -7.090  -7.082  1.000 11.041 ? 157 PHE AAA O   1 ? 
ATOM   1030 C  CB  . PHE A 1 118 ? 6.362   -3.947  -6.065  1.000 10.445 ? 157 PHE AAA CB  1 ? 
ATOM   1031 C  CG  . PHE A 1 118 ? 5.008   -4.596  -5.906  1.000 10.732 ? 157 PHE AAA CG  1 ? 
ATOM   1032 C  CD1 . PHE A 1 118 ? 4.620   -5.175  -4.707  1.000 11.568 ? 157 PHE AAA CD1 1 ? 
ATOM   1033 C  CD2 . PHE A 1 118 ? 4.152   -4.599  -6.981  1.000 14.380 ? 157 PHE AAA CD2 1 ? 
ATOM   1034 C  CE1 . PHE A 1 118 ? 3.350   -5.748  -4.568  1.000 12.910 ? 157 PHE AAA CE1 1 ? 
ATOM   1035 C  CE2 . PHE A 1 118 ? 2.878   -5.162  -6.834  1.000 17.212 ? 157 PHE AAA CE2 1 ? 
ATOM   1036 C  CZ  . PHE A 1 118 ? 2.518   -5.738  -5.627  1.000 16.357 ? 157 PHE AAA CZ  1 ? 
ATOM   1037 N  N   . LEU A 1 119 ? 7.461   -5.462  -8.516  1.000 10.132 ? 158 LEU AAA N   1 ? 
ATOM   1038 C  CA  . LEU A 1 119 ? 7.189   -6.309  -9.689  1.000 11.745 ? 158 LEU AAA CA  1 ? 
ATOM   1039 C  C   . LEU A 1 119 ? 8.136   -7.497  -9.712  1.000 10.971 ? 158 LEU AAA C   1 ? 
ATOM   1040 O  O   . LEU A 1 119 ? 7.731   -8.630  -10.002 1.000 12.927 ? 158 LEU AAA O   1 ? 
ATOM   1041 C  CB  . LEU A 1 119 ? 7.343   -5.486  -10.964 1.000 14.846 ? 158 LEU AAA CB  1 ? 
ATOM   1042 C  CG  . LEU A 1 119 ? 7.045   -6.196  -12.288 1.000 20.613 ? 158 LEU AAA CG  1 ? 
ATOM   1043 C  CD1 . LEU A 1 119 ? 5.714   -6.910  -12.176 1.000 22.604 ? 158 LEU AAA CD1 1 ? 
ATOM   1044 C  CD2 . LEU A 1 119 ? 6.979   -5.163  -13.418 1.000 25.660 ? 158 LEU AAA CD2 1 ? 
ATOM   1045 N  N   . GLN A 1 120 ? 9.395   -7.286  -9.351  1.000 11.203 ? 159 GLN AAA N   1 ? 
ATOM   1046 C  CA  . GLN A 1 120 ? 10.338  -8.391  -9.357  1.000 12.997 ? 159 GLN AAA CA  1 ? 
ATOM   1047 C  C   . GLN A 1 120 ? 9.846   -9.423  -8.356  1.000 13.687 ? 159 GLN AAA C   1 ? 
ATOM   1048 O  O   . GLN A 1 120 ? 9.918   -10.651 -8.636  1.000 15.392 ? 159 GLN AAA O   1 ? 
ATOM   1049 C  CB  . GLN A 1 120 ? 11.709  -7.831  -8.936  1.000 16.601 ? 159 GLN AAA CB  1 ? 
ATOM   1050 C  CG  . GLN A 1 120 ? 12.492  -7.028  -9.975  1.000 22.367 ? 159 GLN AAA CG  1 ? 
ATOM   1051 C  CD  . GLN A 1 120 ? 13.798  -6.430  -9.494  0.500 24.982 ? 159 GLN AAA CD  1 ? 
ATOM   1052 O  OE1 . GLN A 1 120 ? 14.061  -6.281  -8.298  0.500 29.986 ? 159 GLN AAA OE1 1 ? 
ATOM   1053 N  NE2 . GLN A 1 120 ? 14.642  -6.059  -10.445 0.500 25.359 ? 159 GLN AAA NE2 1 ? 
ATOM   1054 N  N   . LYS A 1 121 ? 9.428   -8.973  -7.161  1.000 13.217 ? 160 LYS AAA N   1 ? 
ATOM   1055 C  CA  . LYS A 1 121 ? 8.992   -9.946  -6.173  1.000 13.003 ? 160 LYS AAA CA  1 ? 
ATOM   1056 C  C   . LYS A 1 121 ? 7.687   -10.597 -6.552  1.000 13.475 ? 160 LYS AAA C   1 ? 
ATOM   1057 O  O   . LYS A 1 121 ? 7.483   -11.804 -6.258  1.000 13.860 ? 160 LYS AAA O   1 ? 
ATOM   1058 C  CB  . LYS A 1 121 ? 8.885   -9.276  -4.799  1.000 15.060 ? 160 LYS AAA CB  1 ? 
ATOM   1059 C  CG  . LYS A 1 121 ? 10.128  -8.715  -4.150  1.000 19.790 ? 160 LYS AAA CG  1 ? 
ATOM   1060 C  CD  . LYS A 1 121 ? 11.189  -9.757  -4.163  1.000 24.750 ? 160 LYS AAA CD  1 ? 
ATOM   1061 C  CE  . LYS A 1 121 ? 12.346  -9.369  -3.281  1.000 29.927 ? 160 LYS AAA CE  1 ? 
ATOM   1062 N  NZ  . LYS A 1 121 ? 13.496  -10.259 -3.559  1.000 33.046 ? 160 LYS AAA NZ  1 ? 
ATOM   1063 N  N   . ILE A 1 122 ? 6.785   -9.885  -7.179  1.000 12.209 ? 161 ILE AAA N   1 ? 
ATOM   1064 C  CA  . ILE A 1 122 ? 5.479   -10.490 -7.494  1.000 13.619 ? 161 ILE AAA CA  1 ? 
ATOM   1065 C  C   . ILE A 1 122 ? 5.600   -11.497 -8.636  1.000 12.857 ? 161 ILE AAA C   1 ? 
ATOM   1066 O  O   . ILE A 1 122 ? 4.828   -12.481 -8.677  1.000 14.700 ? 161 ILE AAA O   1 ? 
ATOM   1067 C  CB  . ILE A 1 122 ? 4.440   -9.416  -7.854  1.000 14.996 ? 161 ILE AAA CB  1 ? 
ATOM   1068 C  CG1 . ILE A 1 122 ? 4.073   -8.563  -6.642  1.000 18.000 ? 161 ILE AAA CG1 1 ? 
ATOM   1069 C  CG2 . ILE A 1 122 ? 3.187   -10.045 -8.506  1.000 19.512 ? 161 ILE AAA CG2 1 ? 
ATOM   1070 C  CD1 . ILE A 1 122 ? 3.493   -9.411  -5.510  1.000 18.415 ? 161 ILE AAA CD1 1 ? 
ATOM   1071 N  N   . ASN A 1 123 ? 6.568   -11.315 -9.552  1.000 13.258 ? 162 ASN AAA N   1 ? 
ATOM   1072 C  CA  . ASN A 1 123 ? 6.814   -12.304 -10.586 1.000 14.573 ? 162 ASN AAA CA  1 ? 
ATOM   1073 C  C   . ASN A 1 123 ? 7.189   -13.642 -9.959  1.000 14.747 ? 162 ASN AAA C   1 ? 
ATOM   1074 O  O   . ASN A 1 123 ? 6.993   -14.689 -10.617 1.000 16.750 ? 162 ASN AAA O   1 ? 
ATOM   1075 C  CB  . ASN A 1 123 ? 7.846   -11.820 -11.611 1.000 18.670 ? 162 ASN AAA CB  1 ? 
ATOM   1076 C  CG  . ASN A 1 123 ? 7.300   -10.731 -12.497 1.000 18.527 ? 162 ASN AAA CG  1 ? 
ATOM   1077 O  OD1 . ASN A 1 123 ? 6.103   -10.612 -12.734 1.000 23.567 ? 162 ASN AAA OD1 1 ? 
ATOM   1078 N  ND2 . ASN A 1 123 ? 8.213   -9.999  -13.125 1.000 22.165 ? 162 ASN AAA ND2 1 ? 
ATOM   1079 N  N   . GLU A 1 124 ? 7.740   -13.641 -8.753  1.000 14.960 ? 163 GLU AAA N   1 ? 
ATOM   1080 C  CA  . GLU A 1 124 ? 8.070   -14.874 -8.036  1.000 16.156 ? 163 GLU AAA CA  1 ? 
ATOM   1081 C  C   . GLU A 1 124 ? 7.068   -15.284 -6.953  1.000 16.408 ? 163 GLU AAA C   1 ? 
ATOM   1082 O  O   . GLU A 1 124 ? 7.375   -16.108 -6.097  1.000 17.310 ? 163 GLU AAA O   1 ? 
ATOM   1083 C  CB  . GLU A 1 124 ? 9.446   -14.777 -7.375  1.000 17.805 ? 163 GLU AAA CB  1 ? 
ATOM   1084 C  CG  . GLU A 1 124 ? 10.602  -14.708 -8.394  1.000 20.565 ? 163 GLU AAA CG  1 ? 
ATOM   1085 C  CD  . GLU A 1 124 ? 10.948  -16.014 -9.096  1.000 24.325 ? 163 GLU AAA CD  1 ? 
ATOM   1086 O  OE1 . GLU A 1 124 ? 10.271  -17.007 -8.847  1.000 23.514 ? 163 GLU AAA OE1 1 ? 
ATOM   1087 O  OE2 . GLU A 1 124 ? 11.900  -16.038 -9.924  1.000 28.104 ? 163 GLU AAA OE2 1 ? 
ATOM   1088 N  N   . LEU A 1 125 ? 5.885   -14.660 -6.947  1.000 14.312 ? 164 LEU AAA N   1 ? 
ATOM   1089 C  CA  . LEU A 1 125 ? 4.862   -15.060 -5.977  1.000 13.766 ? 164 LEU AAA CA  1 ? 
ATOM   1090 C  C   . LEU A 1 125 ? 4.653   -16.562 -6.130  1.000 13.341 ? 164 LEU AAA C   1 ? 
ATOM   1091 O  O   . LEU A 1 125 ? 4.453   -17.048 -7.245  1.000 13.050 ? 164 LEU AAA O   1 ? 
ATOM   1092 C  CB  . LEU A 1 125 ? 3.600   -14.304 -6.345  1.000 14.033 ? 164 LEU AAA CB  1 ? 
ATOM   1093 C  CG  . LEU A 1 125 ? 2.404   -14.563 -5.424  1.000 13.468 ? 164 LEU AAA CG  1 ? 
ATOM   1094 C  CD1 . LEU A 1 125 ? 2.558   -13.843 -4.068  1.000 15.987 ? 164 LEU AAA CD1 1 ? 
ATOM   1095 C  CD2 . LEU A 1 125 ? 1.118   -14.161 -6.129  1.000 15.944 ? 164 LEU AAA CD2 1 ? 
ATOM   1096 N  N   . PRO A 1 126 ? 4.732   -17.340 -5.047  1.000 13.070 ? 165 PRO AAA N   1 ? 
ATOM   1097 C  CA  . PRO A 1 126 ? 4.667   -18.785 -5.184  1.000 13.567 ? 165 PRO AAA CA  1 ? 
ATOM   1098 C  C   . PRO A 1 126 ? 3.316   -19.282 -5.622  1.000 12.430 ? 165 PRO AAA C   1 ? 
ATOM   1099 O  O   . PRO A 1 126 ? 2.267   -18.694 -5.347  1.000 13.242 ? 165 PRO AAA O   1 ? 
ATOM   1100 C  CB  . PRO A 1 126 ? 4.939   -19.304 -3.769  1.000 16.752 ? 165 PRO AAA CB  1 ? 
ATOM   1101 C  CG  . PRO A 1 126 ? 4.520   -18.145 -2.873  1.000 20.392 ? 165 PRO AAA CG  1 ? 
ATOM   1102 C  CD  . PRO A 1 126 ? 4.990   -16.919 -3.650  1.000 17.422 ? 165 PRO AAA CD  1 ? 
ATOM   1103 N  N   . THR A 1 127 ? 3.358   -20.416 -6.300  1.000 13.059 ? 166 THR AAA N   1 ? 
ATOM   1104 C  CA  . THR A 1 127 ? 2.127   -21.133 -6.586  1.000 13.998 ? 166 THR AAA CA  1 ? 
ATOM   1105 C  C   . THR A 1 127 ? 1.323   -21.331 -5.292  1.000 14.486 ? 166 THR AAA C   1 ? 
ATOM   1106 O  O   . THR A 1 127 ? 1.904   -21.688 -4.273  1.000 15.061 ? 166 THR AAA O   1 ? 
ATOM   1107 C  CB  . THR A 1 127 ? 2.416   -22.519 -7.195  1.000 15.473 ? 166 THR AAA CB  1 ? 
ATOM   1108 O  OG1 . THR A 1 127 ? 3.259   -22.274 -8.326  1.000 18.676 ? 166 THR AAA OG1 1 ? 
ATOM   1109 C  CG2 . THR A 1 127 ? 1.142   -23.209 -7.627  1.000 19.138 ? 166 THR AAA CG2 1 ? 
ATOM   1110 N  N   . GLU A 1 128 ? 0.017   -21.067 -5.369  1.000 15.940 ? 167 GLU AAA N   1 ? 
ATOM   1111 C  CA  . GLU A 1 128 ? -0.834  -21.255 -4.197  1.000 21.492 ? 167 GLU AAA CA  1 ? 
ATOM   1112 C  C   . GLU A 1 128 ? -0.913  -22.740 -3.856  1.000 23.018 ? 167 GLU AAA C   1 ? 
ATOM   1113 O  O   . GLU A 1 128 ? -1.200  -23.555 -4.740  1.000 26.003 ? 167 GLU AAA O   1 ? 
ATOM   1114 C  CB  . GLU A 1 128 ? -2.250  -20.700 -4.411  1.000 22.245 ? 167 GLU AAA CB  1 ? 
ATOM   1115 C  CG  . GLU A 1 128 ? -3.140  -20.908 -3.199  1.000 29.424 ? 167 GLU AAA CG  1 ? 
ATOM   1116 C  CD  . GLU A 1 128 ? -4.397  -20.057 -3.147  1.000 35.218 ? 167 GLU AAA CD  1 ? 
ATOM   1117 O  OE1 . GLU A 1 128 ? -4.873  -19.633 -4.239  1.000 31.739 ? 167 GLU AAA OE1 1 ? 
ATOM   1118 O  OE2 . GLU A 1 128 ? -4.895  -19.798 -2.012  1.000 40.713 ? 167 GLU AAA OE2 1 ? 
ATOM   1119 N  N   . GLU A 1 129 ? -0.639  -23.073 -2.587  1.000 22.756 ? 168 GLU AAA N   1 ? 
ATOM   1120 C  CA  . GLU A 1 129 ? -0.696  -24.469 -2.191  1.000 30.847 ? 168 GLU AAA CA  1 ? 
ATOM   1121 C  C   . GLU A 1 129 ? -1.684  -24.638 -1.030  1.000 41.979 ? 168 GLU AAA C   1 ? 
ATOM   1122 O  O   . GLU A 1 129 ? -2.543  -23.776 -0.790  1.000 49.729 ? 168 GLU AAA O   1 ? 
ATOM   1123 C  CB  . GLU A 1 129 ? 0.715   -24.962 -1.883  1.000 37.356 ? 168 GLU AAA CB  1 ? 
ATOM   1124 C  CG  . GLU A 1 129 ? 1.068   -24.807 -0.419  1.000 43.205 ? 168 GLU AAA CG  1 ? 
ATOM   1125 C  CD  . GLU A 1 129 ? 2.471   -24.313 -0.123  1.000 51.588 ? 168 GLU AAA CD  1 ? 
ATOM   1126 O  OE1 . GLU A 1 129 ? 3.325   -24.329 -1.054  1.000 55.398 ? 168 GLU AAA OE1 1 ? 
ATOM   1127 O  OE2 . GLU A 1 129 ? 2.709   -23.915 1.044   1.000 53.915 ? 168 GLU AAA OE2 1 ? 
ATOM   1128 O  OXT . GLU A 1 129 ? -1.644  -25.656 -0.320  1.000 47.011 ? 168 GLU AAA OXT 1 ? 
HETATM 1129 C  C4  . HGQ B 2 .   ? 1.913   10.904  -2.323  1.000 30.645 ? 201 HGQ AAA C4  1 ? 
HETATM 1130 C  C5  . HGQ B 2 .   ? 1.435   11.383  -3.483  1.000 16.148 ? 201 HGQ AAA C5  1 ? 
HETATM 1131 N  N1  . HGQ B 2 .   ? 1.543   12.720  -3.697  1.000 35.024 ? 201 HGQ AAA N1  1 ? 
HETATM 1132 C  C3  . HGQ B 2 .   ? 2.492   11.750  -1.413  1.000 38.484 ? 201 HGQ AAA C3  1 ? 
HETATM 1133 O  O1  . HGQ B 2 .   ? 2.265   14.829  -3.165  1.000 25.833 ? 201 HGQ AAA O1  1 ? 
HETATM 1134 C  C1  . HGQ B 2 .   ? 2.157   13.613  -2.842  1.000 34.033 ? 201 HGQ AAA C1  1 ? 
HETATM 1135 C  C2  . HGQ B 2 .   ? 2.639   13.082  -1.651  1.000 37.704 ? 201 HGQ AAA C2  1 ? 
HETATM 1136 BR BR1 . HGQ B 2 .   ? 3.177   11.051  0.207   1.000 86.493 ? 201 HGQ AAA BR1 1 ? 
HETATM 1137 C  C4  . HGQ C 2 .   ? 8.420   13.186  -0.251  1.000 47.575 ? 202 HGQ AAA C4  1 ? 
HETATM 1138 C  C5  . HGQ C 2 .   ? 9.020   13.631  -1.375  1.000 43.032 ? 202 HGQ AAA C5  1 ? 
HETATM 1139 N  N1  . HGQ C 2 .   ? 8.553   14.748  -1.997  1.000 46.001 ? 202 HGQ AAA N1  1 ? 
HETATM 1140 C  C3  . HGQ C 2 .   ? 7.330   13.881  0.252   1.000 51.929 ? 202 HGQ AAA C3  1 ? 
HETATM 1141 O  O1  . HGQ C 2 .   ? 7.117   16.500  -2.172  1.000 54.657 ? 202 HGQ AAA O1  1 ? 
HETATM 1142 C  C1  . HGQ C 2 .   ? 7.481   15.475  -1.547  1.000 52.529 ? 202 HGQ AAA C1  1 ? 
HETATM 1143 C  C2  . HGQ C 2 .   ? 6.862   15.012  -0.371  1.000 53.326 ? 202 HGQ AAA C2  1 ? 
HETATM 1144 BR BR1 . HGQ C 2 .   ? 6.462   13.324  1.845   1.000 72.583 ? 202 HGQ AAA BR1 1 ? 
HETATM 1145 O  O   . HOH D 3 .   ? 16.602  -5.261  0.295   1.000 36.448 ? 301 HOH AAA O   1 ? 
HETATM 1146 O  O   . HOH D 3 .   ? 8.439   17.212  -11.362 1.000 47.564 ? 302 HOH AAA O   1 ? 
HETATM 1147 O  O   . HOH D 3 .   ? -3.331  19.131  -7.364  1.000 32.757 ? 303 HOH AAA O   1 ? 
HETATM 1148 O  O   . HOH D 3 .   ? -1.529  -19.050 -1.441  1.000 25.452 ? 304 HOH AAA O   1 ? 
HETATM 1149 O  O   . HOH D 3 .   ? 21.250  3.651   -2.380  1.000 29.768 ? 305 HOH AAA O   1 ? 
HETATM 1150 O  O   . HOH D 3 .   ? 11.979  6.167   -12.308 1.000 33.053 ? 306 HOH AAA O   1 ? 
HETATM 1151 O  O   . HOH D 3 .   ? -6.339  -21.006 4.423   1.000 31.629 ? 307 HOH AAA O   1 ? 
HETATM 1152 O  O   . HOH D 3 .   ? -15.578 18.598  -0.991  1.000 28.994 ? 308 HOH AAA O   1 ? 
HETATM 1153 O  O   . HOH D 3 .   ? 8.892   -18.138 -5.564  1.000 31.126 ? 309 HOH AAA O   1 ? 
HETATM 1154 O  O   . HOH D 3 .   ? -0.455  9.459   -3.679  1.000 13.408 ? 310 HOH AAA O   1 ? 
HETATM 1155 O  O   . HOH D 3 .   ? 3.029   17.685  -8.825  1.000 37.462 ? 311 HOH AAA O   1 ? 
HETATM 1156 O  O   . HOH D 3 .   ? 12.725  14.853  -9.469  1.000 31.266 ? 312 HOH AAA O   1 ? 
HETATM 1157 O  O   . HOH D 3 .   ? -12.085 14.671  -8.116  1.000 41.407 ? 313 HOH AAA O   1 ? 
HETATM 1158 O  O   . HOH D 3 .   ? -4.130  14.443  -10.411 1.000 32.079 ? 314 HOH AAA O   1 ? 
HETATM 1159 O  O   . HOH D 3 .   ? 5.199   5.766   -13.078 1.000 29.662 ? 315 HOH AAA O   1 ? 
HETATM 1160 O  O   . HOH D 3 .   ? 5.085   16.034  -5.962  1.000 28.626 ? 316 HOH AAA O   1 ? 
HETATM 1161 O  O   . HOH D 3 .   ? -4.833  -21.478 0.050   1.000 32.137 ? 317 HOH AAA O   1 ? 
HETATM 1162 O  O   . HOH D 3 .   ? 15.796  0.974   5.593   1.000 26.723 ? 318 HOH AAA O   1 ? 
HETATM 1163 O  O   . HOH D 3 .   ? 15.977  0.910   -5.790  1.000 41.420 ? 319 HOH AAA O   1 ? 
HETATM 1164 O  O   . HOH D 3 .   ? -3.493  22.999  3.740   1.000 41.799 ? 320 HOH AAA O   1 ? 
HETATM 1165 O  O   . HOH D 3 .   ? -17.735 -13.105 6.534   1.000 23.815 ? 321 HOH AAA O   1 ? 
HETATM 1166 O  O   . HOH D 3 .   ? 11.565  -4.531  6.370   1.000 30.014 ? 322 HOH AAA O   1 ? 
HETATM 1167 O  O   . HOH D 3 .   ? -5.956  -17.370 -3.315  1.000 20.945 ? 323 HOH AAA O   1 ? 
HETATM 1168 O  O   . HOH D 3 .   ? -7.545  9.948   9.751   1.000 22.395 ? 324 HOH AAA O   1 ? 
HETATM 1169 O  O   . HOH D 3 .   ? 2.513   21.474  7.993   1.000 24.683 ? 325 HOH AAA O   1 ? 
HETATM 1170 O  O   . HOH D 3 .   ? -5.066  2.049   7.899   1.000 28.988 ? 326 HOH AAA O   1 ? 
HETATM 1171 O  O   . HOH D 3 .   ? -11.089 12.024  10.227  1.000 20.156 ? 327 HOH AAA O   1 ? 
HETATM 1172 O  O   . HOH D 3 .   ? 10.369  -19.133 -10.493 1.000 31.262 ? 328 HOH AAA O   1 ? 
HETATM 1173 O  O   . HOH D 3 .   ? 3.725   19.006  0.134   1.000 26.282 ? 329 HOH AAA O   1 ? 
HETATM 1174 O  O   . HOH D 3 .   ? -1.768  22.878  6.092   1.000 31.692 ? 330 HOH AAA O   1 ? 
HETATM 1175 O  O   . HOH D 3 .   ? -0.665  9.648   8.299   1.000 20.185 ? 331 HOH AAA O   1 ? 
HETATM 1176 O  O   . HOH D 3 .   ? -3.740  -16.071 -6.242  1.000 28.820 ? 332 HOH AAA O   1 ? 
HETATM 1177 O  O   . HOH D 3 .   ? -2.040  -12.383 5.987   1.000 27.286 ? 333 HOH AAA O   1 ? 
HETATM 1178 O  O   . HOH D 3 .   ? 4.560   6.724   10.358  1.000 32.243 ? 334 HOH AAA O   1 ? 
HETATM 1179 O  O   . HOH D 3 .   ? -1.072  -26.005 -5.894  1.000 39.561 ? 335 HOH AAA O   1 ? 
HETATM 1180 O  O   . HOH D 3 .   ? 11.195  -14.043 -4.440  1.000 22.481 ? 336 HOH AAA O   1 ? 
HETATM 1181 O  O   . HOH D 3 .   ? 2.910   11.040  -12.719 1.000 18.192 ? 337 HOH AAA O   1 ? 
HETATM 1182 O  O   . HOH D 3 .   ? 1.831   22.124  -0.948  1.000 33.167 ? 338 HOH AAA O   1 ? 
HETATM 1183 O  O   . HOH D 3 .   ? 4.204   -23.066 -3.812  1.000 25.879 ? 339 HOH AAA O   1 ? 
HETATM 1184 O  O   . HOH D 3 .   ? 4.266   3.365   9.717   1.000 30.769 ? 340 HOH AAA O   1 ? 
HETATM 1185 O  O   . HOH D 3 .   ? -10.727 -8.199  10.726  1.000 17.252 ? 341 HOH AAA O   1 ? 
HETATM 1186 O  O   . HOH D 3 .   ? -7.315  16.599  3.677   1.000 22.122 ? 342 HOH AAA O   1 ? 
HETATM 1187 O  O   . HOH D 3 .   ? -8.496  6.745   3.789   1.000 14.275 ? 343 HOH AAA O   1 ? 
HETATM 1188 O  O   . HOH D 3 .   ? -3.976  14.157  10.921  1.000 31.936 ? 344 HOH AAA O   1 ? 
HETATM 1189 O  O   . HOH D 3 .   ? 17.264  -1.170  2.041   1.000 24.050 ? 345 HOH AAA O   1 ? 
HETATM 1190 O  O   . HOH D 3 .   ? -12.234 -8.856  -2.918  1.000 22.093 ? 346 HOH AAA O   1 ? 
HETATM 1191 O  O   . HOH D 3 .   ? -2.774  7.233   -1.281  1.000 15.908 ? 347 HOH AAA O   1 ? 
HETATM 1192 O  O   . HOH D 3 .   ? -0.062  17.002  -10.487 1.000 46.892 ? 348 HOH AAA O   1 ? 
HETATM 1193 O  O   . HOH D 3 .   ? -11.054 3.389   9.328   1.000 24.358 ? 349 HOH AAA O   1 ? 
HETATM 1194 O  O   . HOH D 3 .   ? -7.198  -2.505  13.061  1.000 41.979 ? 350 HOH AAA O   1 ? 
HETATM 1195 O  O   . HOH D 3 .   ? -4.093  5.579   2.946   1.000 12.623 ? 351 HOH AAA O   1 ? 
HETATM 1196 O  O   . HOH D 3 .   ? -5.367  4.492   -7.969  1.000 21.604 ? 352 HOH AAA O   1 ? 
HETATM 1197 O  O   . HOH D 3 .   ? -13.233 -3.725  14.042  1.000 29.212 ? 353 HOH AAA O   1 ? 
HETATM 1198 O  O   . HOH D 3 .   ? -7.520  1.240   9.847   1.000 24.912 ? 354 HOH AAA O   1 ? 
HETATM 1199 O  O   . HOH D 3 .   ? -8.264  11.378  -9.801  1.000 39.408 ? 355 HOH AAA O   1 ? 
HETATM 1200 O  O   . HOH D 3 .   ? 13.402  -4.893  -12.633 1.000 33.811 ? 356 HOH AAA O   1 ? 
HETATM 1201 O  O   . HOH D 3 .   ? -7.197  20.402  -7.644  1.000 30.744 ? 357 HOH AAA O   1 ? 
HETATM 1202 O  O   . HOH D 3 .   ? -9.176  3.824   0.542   1.000 20.144 ? 358 HOH AAA O   1 ? 
HETATM 1203 O  O   . HOH D 3 .   ? 14.165  -0.222  -7.318  1.000 19.086 ? 359 HOH AAA O   1 ? 
HETATM 1204 O  O   . HOH D 3 .   ? -6.979  -1.021  -3.235  1.000 19.914 ? 360 HOH AAA O   1 ? 
HETATM 1205 O  O   . HOH D 3 .   ? -0.560  3.307   9.049   1.000 30.103 ? 361 HOH AAA O   1 ? 
HETATM 1206 O  O   . HOH D 3 .   ? -11.809 -4.647  1.857   1.000 36.186 ? 362 HOH AAA O   1 ? 
HETATM 1207 O  O   . HOH D 3 .   ? 1.501   7.417   1.821   1.000 16.631 ? 363 HOH AAA O   1 ? 
HETATM 1208 O  O   . HOH D 3 .   ? -4.557  11.042  6.500   1.000 14.848 ? 364 HOH AAA O   1 ? 
HETATM 1209 O  O   . HOH D 3 .   ? -6.248  8.749   6.512   1.000 14.639 ? 365 HOH AAA O   1 ? 
HETATM 1210 O  O   . HOH D 3 .   ? -4.019  21.604  -3.220  1.000 27.934 ? 366 HOH AAA O   1 ? 
HETATM 1211 O  O   . HOH D 3 .   ? 4.941   -18.471 1.654   1.000 23.510 ? 367 HOH AAA O   1 ? 
HETATM 1212 O  O   . HOH D 3 .   ? 3.650   21.296  4.243   1.000 25.353 ? 368 HOH AAA O   1 ? 
HETATM 1213 O  O   . HOH D 3 .   ? -8.670  2.497   -0.761  1.000 35.567 ? 369 HOH AAA O   1 ? 
HETATM 1214 O  O   . HOH D 3 .   ? 7.614   7.282   7.765   1.000 28.415 ? 370 HOH AAA O   1 ? 
HETATM 1215 O  O   . HOH D 3 .   ? -3.119  2.734   8.449   1.000 30.615 ? 371 HOH AAA O   1 ? 
HETATM 1216 O  O   . HOH D 3 .   ? 0.321   -12.319 5.467   1.000 22.222 ? 372 HOH AAA O   1 ? 
HETATM 1217 O  O   . HOH D 3 .   ? -12.815 -10.632 1.187   1.000 15.284 ? 373 HOH AAA O   1 ? 
HETATM 1218 O  O   . HOH D 3 .   ? 0.307   6.491   -0.257  1.000 17.543 ? 374 HOH AAA O   1 ? 
HETATM 1219 O  O   . HOH D 3 .   ? -7.869  -4.752  -1.357  1.000 17.349 ? 375 HOH AAA O   1 ? 
HETATM 1220 O  O   . HOH D 3 .   ? 10.845  -4.828  -12.049 1.000 16.699 ? 376 HOH AAA O   1 ? 
HETATM 1221 O  O   . HOH D 3 .   ? -7.373  -20.636 -3.074  1.000 39.105 ? 377 HOH AAA O   1 ? 
HETATM 1222 O  O   . HOH D 3 .   ? -11.906 -2.019  2.994   1.000 41.592 ? 378 HOH AAA O   1 ? 
HETATM 1223 O  O   . HOH D 3 .   ? 1.562   -0.389  9.937   1.000 24.915 ? 379 HOH AAA O   1 ? 
HETATM 1224 O  O   . HOH D 3 .   ? 8.868   1.446   -11.811 1.000 16.871 ? 380 HOH AAA O   1 ? 
HETATM 1225 O  O   . HOH D 3 .   ? 10.061  16.917  -6.983  1.000 30.327 ? 381 HOH AAA O   1 ? 
HETATM 1226 O  O   . HOH D 3 .   ? 17.185  1.124   -0.550  1.000 22.534 ? 382 HOH AAA O   1 ? 
HETATM 1227 O  O   . HOH D 3 .   ? -19.320 -5.248  8.116   1.000 31.165 ? 383 HOH AAA O   1 ? 
HETATM 1228 O  O   . HOH D 3 .   ? 12.799  5.623   -9.879  1.000 21.514 ? 384 HOH AAA O   1 ? 
HETATM 1229 O  O   . HOH D 3 .   ? -8.158  -7.759  9.925   1.000 18.610 ? 385 HOH AAA O   1 ? 
HETATM 1230 O  O   . HOH D 3 .   ? -3.726  -16.122 -2.217  1.000 14.556 ? 386 HOH AAA O   1 ? 
HETATM 1231 O  O   . HOH D 3 .   ? -3.575  -5.252  -9.020  1.000 24.714 ? 387 HOH AAA O   1 ? 
HETATM 1232 O  O   . HOH D 3 .   ? -6.763  1.807   -7.652  1.000 32.346 ? 388 HOH AAA O   1 ? 
HETATM 1233 O  O   . HOH D 3 .   ? 9.022   9.754   -13.357 1.000 28.434 ? 389 HOH AAA O   1 ? 
HETATM 1234 O  O   . HOH D 3 .   ? -0.032  13.337  -13.066 1.000 31.731 ? 390 HOH AAA O   1 ? 
HETATM 1235 O  O   . HOH D 3 .   ? -4.511  20.591  3.499   1.000 22.509 ? 391 HOH AAA O   1 ? 
HETATM 1236 O  O   . HOH D 3 .   ? -8.781  20.355  2.241   1.000 26.450 ? 392 HOH AAA O   1 ? 
HETATM 1237 O  O   . HOH D 3 .   ? -7.964  16.678  0.916   1.000 20.661 ? 393 HOH AAA O   1 ? 
HETATM 1238 O  O   . HOH D 3 .   ? -6.946  12.219  10.953  1.000 25.127 ? 394 HOH AAA O   1 ? 
HETATM 1239 O  O   . HOH D 3 .   ? 14.851  9.100   1.267   1.000 29.325 ? 395 HOH AAA O   1 ? 
HETATM 1240 O  O   . HOH D 3 .   ? -10.401 -0.924  10.728  1.000 22.076 ? 396 HOH AAA O   1 ? 
HETATM 1241 O  O   . HOH D 3 .   ? 7.531   -8.017  7.002   1.000 30.404 ? 397 HOH AAA O   1 ? 
HETATM 1242 O  O   . HOH D 3 .   ? 0.591   7.005   -2.949  1.000 16.724 ? 398 HOH AAA O   1 ? 
HETATM 1243 O  O   . HOH D 3 .   ? 4.939   -20.780 -0.509  1.000 27.010 ? 399 HOH AAA O   1 ? 
HETATM 1244 O  O   . HOH D 3 .   ? 12.798  2.608   4.915   1.000 29.476 ? 400 HOH AAA O   1 ? 
HETATM 1245 O  O   . HOH D 3 .   ? 12.814  13.731  -12.947 1.000 38.797 ? 401 HOH AAA O   1 ? 
HETATM 1246 O  O   . HOH D 3 .   ? 7.678   15.125  -4.950  1.000 17.171 ? 402 HOH AAA O   1 ? 
HETATM 1247 O  O   . HOH D 3 .   ? -13.123 13.333  9.268   1.000 30.200 ? 403 HOH AAA O   1 ? 
HETATM 1248 O  O   . HOH D 3 .   ? 14.873  -3.291  -0.389  1.000 31.431 ? 404 HOH AAA O   1 ? 
HETATM 1249 O  O   . HOH D 3 .   ? 9.514   0.950   10.706  1.000 41.522 ? 405 HOH AAA O   1 ? 
HETATM 1250 O  O   . HOH D 3 .   ? -11.334 -18.333 -2.992  1.000 14.549 ? 406 HOH AAA O   1 ? 
HETATM 1251 O  O   . HOH D 3 .   ? -5.428  -14.106 -5.311  1.000 14.430 ? 407 HOH AAA O   1 ? 
HETATM 1252 O  O   . HOH D 3 .   ? -15.330 -5.302  4.838   1.000 41.051 ? 408 HOH AAA O   1 ? 
HETATM 1253 O  O   . HOH D 3 .   ? -2.137  -21.608 1.167   1.000 21.817 ? 409 HOH AAA O   1 ? 
HETATM 1254 O  O   . HOH D 3 .   ? 4.284   16.567  -1.362  1.000 39.406 ? 410 HOH AAA O   1 ? 
HETATM 1255 O  O   . HOH D 3 .   ? -10.042 -11.503 -5.748  1.000 25.122 ? 411 HOH AAA O   1 ? 
HETATM 1256 O  O   . HOH D 3 .   ? -11.871 4.424   5.070   1.000 14.704 ? 412 HOH AAA O   1 ? 
HETATM 1257 O  O   . HOH D 3 .   ? -2.531  7.499   1.674   1.000 17.222 ? 413 HOH AAA O   1 ? 
HETATM 1258 O  O   . HOH D 3 .   ? -1.203  -20.135 -7.909  1.000 28.911 ? 414 HOH AAA O   1 ? 
HETATM 1259 O  O   . HOH D 3 .   ? 11.902  2.447   7.596   1.000 27.888 ? 415 HOH AAA O   1 ? 
HETATM 1260 O  O   . HOH D 3 .   ? 17.043  0.582   -10.305 1.000 27.955 ? 416 HOH AAA O   1 ? 
HETATM 1261 O  O   . HOH D 3 .   ? -6.881  -19.409 7.485   1.000 25.264 ? 417 HOH AAA O   1 ? 
HETATM 1262 O  O   . HOH D 3 .   ? -4.285  0.450   -9.898  1.000 34.515 ? 418 HOH AAA O   1 ? 
HETATM 1263 O  O   . HOH D 3 .   ? 5.578   -0.619  11.290  1.000 39.641 ? 419 HOH AAA O   1 ? 
HETATM 1264 O  O   . HOH D 3 .   ? 1.856   11.655  5.225   1.000 22.219 ? 420 HOH AAA O   1 ? 
HETATM 1265 O  O   . HOH D 3 .   ? 15.107  -11.020 -1.133  1.000 28.067 ? 421 HOH AAA O   1 ? 
HETATM 1266 O  O   . HOH D 3 .   ? 11.039  -11.028 -12.924 1.000 36.312 ? 422 HOH AAA O   1 ? 
HETATM 1267 O  O   . HOH D 3 .   ? -13.505 -15.789 6.990   1.000 21.462 ? 423 HOH AAA O   1 ? 
HETATM 1268 O  O   . HOH D 3 .   ? 12.682  4.907   3.945   1.000 22.741 ? 424 HOH AAA O   1 ? 
HETATM 1269 O  O   . HOH D 3 .   ? -14.306 1.074   7.019   1.000 20.405 ? 425 HOH AAA O   1 ? 
HETATM 1270 O  O   . HOH D 3 .   ? 0.020   0.218   -10.147 1.000 30.804 ? 426 HOH AAA O   1 ? 
HETATM 1271 O  O   . HOH D 3 .   ? -17.932 -4.496  11.622  1.000 30.528 ? 427 HOH AAA O   1 ? 
HETATM 1272 O  O   . HOH D 3 .   ? -5.903  7.639   3.967   1.000 14.421 ? 428 HOH AAA O   1 ? 
HETATM 1273 O  O   . HOH D 3 .   ? 12.953  -11.253 -8.527  1.000 34.426 ? 429 HOH AAA O   1 ? 
HETATM 1274 O  O   . HOH D 3 .   ? -9.358  -1.307  0.171   1.000 30.017 ? 430 HOH AAA O   1 ? 
HETATM 1275 O  O   . HOH D 3 .   ? 3.370   24.084  0.894   1.000 41.291 ? 431 HOH AAA O   1 ? 
HETATM 1276 O  O   . HOH D 3 .   ? 14.957  -7.479  -3.220  1.000 38.065 ? 432 HOH AAA O   1 ? 
HETATM 1277 O  O   . HOH D 3 .   ? -4.404  12.460  10.317  1.000 31.062 ? 433 HOH AAA O   1 ? 
HETATM 1278 O  O   . HOH D 3 .   ? -7.973  -6.889  -7.806  1.000 35.613 ? 434 HOH AAA O   1 ? 
HETATM 1279 O  O   . HOH D 3 .   ? -11.359 0.433   3.298   1.000 22.861 ? 435 HOH AAA O   1 ? 
HETATM 1280 O  O   . HOH D 3 .   ? -13.780 5.272   -4.118  1.000 37.951 ? 436 HOH AAA O   1 ? 
HETATM 1281 O  O   . HOH D 3 .   ? 1.864   -2.274  11.890  1.000 34.100 ? 437 HOH AAA O   1 ? 
HETATM 1282 O  O   . HOH D 3 .   ? -2.000  -6.821  -10.693 1.000 36.810 ? 438 HOH AAA O   1 ? 
HETATM 1283 O  O   . HOH D 3 .   ? 10.082  -7.237  -13.077 1.000 27.053 ? 439 HOH AAA O   1 ? 
HETATM 1284 O  O   . HOH D 3 .   ? 14.887  -8.904  -12.297 1.000 42.931 ? 440 HOH AAA O   1 ? 
HETATM 1285 O  O   . HOH D 3 .   ? -12.013 9.525   10.777  1.000 23.133 ? 441 HOH AAA O   1 ? 
HETATM 1286 O  O   . HOH D 3 .   ? 16.292  -6.331  -5.622  1.000 30.441 ? 442 HOH AAA O   1 ? 
HETATM 1287 O  O   . HOH D 3 .   ? 1.472   -14.043 7.443   1.000 29.418 ? 443 HOH AAA O   1 ? 
HETATM 1288 O  O   . HOH D 3 .   ? 15.226  -2.890  -8.028  1.000 28.276 ? 444 HOH AAA O   1 ? 
HETATM 1289 O  O   . HOH D 3 .   ? -7.982  -16.405 -5.626  1.000 23.319 ? 445 HOH AAA O   1 ? 
HETATM 1290 O  O   . HOH D 3 .   ? 8.156   -1.171  -12.415 1.000 19.682 ? 446 HOH AAA O   1 ? 
HETATM 1291 O  O   . HOH D 3 .   ? -8.853  -7.141  -5.345  1.000 34.654 ? 447 HOH AAA O   1 ? 
HETATM 1292 O  O   . HOH D 3 .   ? 13.140  2.908   -10.740 1.000 23.181 ? 448 HOH AAA O   1 ? 
HETATM 1293 O  O   . HOH D 3 .   ? -9.348  -19.972 -4.017  1.000 26.831 ? 449 HOH AAA O   1 ? 
HETATM 1294 O  O   . HOH D 3 .   ? -9.485  -6.020  0.504   1.000 25.344 ? 450 HOH AAA O   1 ? 
HETATM 1295 O  O   . HOH D 3 .   ? 11.353  1.843   -12.736 1.000 21.400 ? 451 HOH AAA O   1 ? 
HETATM 1296 O  O   . HOH D 3 .   ? -10.998 16.612  1.404   1.000 22.768 ? 452 HOH AAA O   1 ? 
HETATM 1297 O  O   . HOH D 3 .   ? -5.286  23.168  -4.931  1.000 28.195 ? 453 HOH AAA O   1 ? 
HETATM 1298 O  O   . HOH D 3 .   ? -6.416  -23.163 -3.289  1.000 41.296 ? 454 HOH AAA O   1 ? 
HETATM 1299 O  O   . HOH D 3 .   ? -5.084  2.243   10.317  1.000 31.659 ? 455 HOH AAA O   1 ? 
HETATM 1300 O  O   . HOH D 3 .   ? -8.929  -3.805  16.828  1.000 35.618 ? 456 HOH AAA O   1 ? 
HETATM 1301 O  O   . HOH D 3 .   ? -5.178  8.218   9.032   1.000 23.606 ? 457 HOH AAA O   1 ? 
HETATM 1302 O  O   . HOH D 3 .   ? -8.859  0.387   -1.672  1.000 32.308 ? 458 HOH AAA O   1 ? 
HETATM 1303 O  O   . HOH D 3 .   ? 10.727  -16.969 -3.788  1.000 35.951 ? 459 HOH AAA O   1 ? 
HETATM 1304 O  O   . HOH D 3 .   ? -9.446  -5.179  -3.588  1.000 28.901 ? 460 HOH AAA O   1 ? 
HETATM 1305 O  O   . HOH D 3 .   ? -3.162  10.646  8.640   1.000 26.994 ? 461 HOH AAA O   1 ? 
HETATM 1306 O  O   . HOH D 3 .   ? -3.535  -1.841  -11.205 1.000 42.269 ? 462 HOH AAA O   1 ? 
HETATM 1307 O  O   . HOH D 3 .   ? -6.771  19.359  4.019   1.000 21.265 ? 463 HOH AAA O   1 ? 
HETATM 1308 O  O   . HOH D 3 .   ? 17.911  -0.621  6.365   1.000 21.159 ? 464 HOH AAA O   1 ? 
HETATM 1309 O  O   . HOH D 3 .   ? 5.618   12.131  4.094   1.000 22.410 ? 465 HOH AAA O   1 ? 
HETATM 1310 O  O   . HOH D 3 .   ? -8.877  -2.698  -4.560  1.000 38.806 ? 466 HOH AAA O   1 ? 
HETATM 1311 O  O   . HOH D 3 .   ? 8.045   -4.653  7.492   1.000 39.993 ? 467 HOH AAA O   1 ? 
HETATM 1312 O  O   . HOH D 3 .   ? 3.096   -10.484 12.028  1.000 45.008 ? 468 HOH AAA O   1 ? 
HETATM 1313 O  O   . HOH D 3 .   ? 14.890  1.762   -9.175  1.000 24.587 ? 469 HOH AAA O   1 ? 
HETATM 1314 O  O   . HOH D 3 .   ? -10.510 4.557   11.608  1.000 35.845 ? 470 HOH AAA O   1 ? 
HETATM 1315 O  O   . HOH D 3 .   ? -0.799  7.736   10.581  1.000 41.164 ? 471 HOH AAA O   1 ? 
HETATM 1316 O  O   . HOH D 3 .   ? -15.511 -4.766  15.399  1.000 22.477 ? 472 HOH AAA O   1 ? 
HETATM 1317 O  O   . HOH D 3 .   ? 15.673  4.305   -8.265  1.000 35.709 ? 473 HOH AAA O   1 ? 
HETATM 1318 O  O   . HOH D 3 .   ? -4.033  6.349   10.330  1.000 32.667 ? 474 HOH AAA O   1 ? 
# 
